data_3O8V
# 
_entry.id   3O8V 
# 
_audit_conform.dict_name       mmcif_pdbx.dic 
_audit_conform.dict_version    5.387 
_audit_conform.dict_location   http://mmcif.pdb.org/dictionaries/ascii/mmcif_pdbx.dic 
# 
loop_
_database_2.database_id 
_database_2.database_code 
_database_2.pdbx_database_accession 
_database_2.pdbx_DOI 
PDB   3O8V         pdb_00003o8v 10.2210/pdb3o8v/pdb 
RCSB  RCSB060811   ?            ?                   
WWPDB D_1000060811 ?            ?                   
# 
loop_
_pdbx_audit_revision_history.ordinal 
_pdbx_audit_revision_history.data_content_type 
_pdbx_audit_revision_history.major_revision 
_pdbx_audit_revision_history.minor_revision 
_pdbx_audit_revision_history.revision_date 
1 'Structure model' 1 0 2010-08-18 
2 'Structure model' 1 1 2011-07-13 
3 'Structure model' 1 2 2017-11-08 
4 'Structure model' 1 3 2024-02-21 
# 
_pdbx_audit_revision_details.ordinal             1 
_pdbx_audit_revision_details.revision_ordinal    1 
_pdbx_audit_revision_details.data_content_type   'Structure model' 
_pdbx_audit_revision_details.provider            repository 
_pdbx_audit_revision_details.type                'Initial release' 
_pdbx_audit_revision_details.description         ? 
_pdbx_audit_revision_details.details             ? 
# 
loop_
_pdbx_audit_revision_group.ordinal 
_pdbx_audit_revision_group.revision_ordinal 
_pdbx_audit_revision_group.data_content_type 
_pdbx_audit_revision_group.group 
1 2 'Structure model' 'Version format compliance' 
2 3 'Structure model' 'Refinement description'    
3 4 'Structure model' 'Data collection'           
4 4 'Structure model' 'Database references'       
# 
loop_
_pdbx_audit_revision_category.ordinal 
_pdbx_audit_revision_category.revision_ordinal 
_pdbx_audit_revision_category.data_content_type 
_pdbx_audit_revision_category.category 
1 3 'Structure model' software       
2 4 'Structure model' chem_comp_atom 
3 4 'Structure model' chem_comp_bond 
4 4 'Structure model' database_2     
# 
loop_
_pdbx_audit_revision_item.ordinal 
_pdbx_audit_revision_item.revision_ordinal 
_pdbx_audit_revision_item.data_content_type 
_pdbx_audit_revision_item.item 
1 4 'Structure model' '_database_2.pdbx_DOI'                
2 4 'Structure model' '_database_2.pdbx_database_accession' 
# 
_pdbx_database_status.entry_id                        3O8V 
_pdbx_database_status.deposit_site                    RCSB 
_pdbx_database_status.process_site                    RCSB 
_pdbx_database_status.recvd_initial_deposition_date   2010-08-03 
_pdbx_database_status.status_code                     REL 
_pdbx_database_status.status_code_sf                  REL 
_pdbx_database_status.status_code_mr                  ? 
_pdbx_database_status.SG_entry                        Y 
_pdbx_database_status.status_code_cs                  ? 
_pdbx_database_status.pdb_format_compatible           Y 
_pdbx_database_status.methods_development_category    ? 
_pdbx_database_status.status_code_nmr_data            ? 
# 
_pdbx_database_related.db_name        PDB 
_pdbx_database_related.db_id          3KUF 
_pdbx_database_related.details        
'The same protein labeled with SeMet and structure re-determined by Se-SAD. Structure refinement also included merohedral twinning.' 
_pdbx_database_related.content_type   unspecified 
# 
loop_
_audit_author.name 
_audit_author.pdbx_ordinal 
'Lam, R.'                              1  
'Guo, Y.H.'                            2  
'Adams-Cioaba, M.'                     3  
'Bian, C.B.'                           4  
'Mackenzie, F.'                        5  
'Bountra, C.'                          6  
'Weigelt, J.'                          7  
'Arrowsmith, C.H.'                     8  
'Edwards, A.M.'                        9  
'Bochkarev, A.'                        10 
'Min, J.'                              11 
'Structural Genomics Consortium (SGC)' 12 
# 
_citation.id                        primary 
_citation.title                     
'Structural Studies of the Tandem Tudor Domains of Fragile X Mental Retardation Related Proteins FXR1 and FXR2.' 
_citation.journal_abbrev            'Plos One' 
_citation.journal_volume            5 
_citation.page_first                e13559 
_citation.page_last                 e13559 
_citation.year                      2010 
_citation.journal_id_ASTM           ? 
_citation.country                   US 
_citation.journal_id_ISSN           1932-6203 
_citation.journal_id_CSD            ? 
_citation.book_publisher            ? 
_citation.pdbx_database_id_PubMed   21072162 
_citation.pdbx_database_id_DOI      10.1371/journal.pone.0013559 
# 
loop_
_citation_author.citation_id 
_citation_author.name 
_citation_author.ordinal 
_citation_author.identifier_ORCID 
primary 'Adams-Cioaba, M.A.' 1 ? 
primary 'Guo, Y.'            2 ? 
primary 'Bian, C.'           3 ? 
primary 'Amaya, M.F.'        4 ? 
primary 'Lam, R.'            5 ? 
primary 'Wasney, G.A.'       6 ? 
primary 'Vedadi, M.'         7 ? 
primary 'Xu, C.'             8 ? 
primary 'Min, J.'            9 ? 
# 
loop_
_entity.id 
_entity.type 
_entity.src_method 
_entity.pdbx_description 
_entity.formula_weight 
_entity.pdbx_number_of_molecules 
_entity.pdbx_ec 
_entity.pdbx_mutation 
_entity.pdbx_fragment 
_entity.details 
1 polymer man 'Fragile X mental retardation syndrome-related protein 1' 15245.146 1 ? ? 'residues 2-132' ? 
2 water   nat water                                                     18.015    1 ? ? ?                ? 
# 
_entity_name_com.entity_id   1 
_entity_name_com.name        hFXR1p 
# 
_entity_poly.entity_id                      1 
_entity_poly.type                           'polypeptide(L)' 
_entity_poly.nstd_linkage                   no 
_entity_poly.nstd_monomer                   no 
_entity_poly.pdbx_seq_one_letter_code       
;AELTVEVRGSNGAFYKGFIKDVHEDSLTVVFENNWQPERQVPFNEVRLPPPPDIKKEISEGDEVEVYSRANDQEPCGWWL
AKVRMMKGEFYVIEYAACDATYNEIVTFERLRPVNQNKTVKKNTFFKCTVD
;
_entity_poly.pdbx_seq_one_letter_code_can   
;AELTVEVRGSNGAFYKGFIKDVHEDSLTVVFENNWQPERQVPFNEVRLPPPPDIKKEISEGDEVEVYSRANDQEPCGWWL
AKVRMMKGEFYVIEYAACDATYNEIVTFERLRPVNQNKTVKKNTFFKCTVD
;
_entity_poly.pdbx_strand_id                 A 
_entity_poly.pdbx_target_identifier         ? 
# 
_pdbx_entity_nonpoly.entity_id   2 
_pdbx_entity_nonpoly.name        water 
_pdbx_entity_nonpoly.comp_id     HOH 
# 
loop_
_entity_poly_seq.entity_id 
_entity_poly_seq.num 
_entity_poly_seq.mon_id 
_entity_poly_seq.hetero 
1 1   ALA n 
1 2   GLU n 
1 3   LEU n 
1 4   THR n 
1 5   VAL n 
1 6   GLU n 
1 7   VAL n 
1 8   ARG n 
1 9   GLY n 
1 10  SER n 
1 11  ASN n 
1 12  GLY n 
1 13  ALA n 
1 14  PHE n 
1 15  TYR n 
1 16  LYS n 
1 17  GLY n 
1 18  PHE n 
1 19  ILE n 
1 20  LYS n 
1 21  ASP n 
1 22  VAL n 
1 23  HIS n 
1 24  GLU n 
1 25  ASP n 
1 26  SER n 
1 27  LEU n 
1 28  THR n 
1 29  VAL n 
1 30  VAL n 
1 31  PHE n 
1 32  GLU n 
1 33  ASN n 
1 34  ASN n 
1 35  TRP n 
1 36  GLN n 
1 37  PRO n 
1 38  GLU n 
1 39  ARG n 
1 40  GLN n 
1 41  VAL n 
1 42  PRO n 
1 43  PHE n 
1 44  ASN n 
1 45  GLU n 
1 46  VAL n 
1 47  ARG n 
1 48  LEU n 
1 49  PRO n 
1 50  PRO n 
1 51  PRO n 
1 52  PRO n 
1 53  ASP n 
1 54  ILE n 
1 55  LYS n 
1 56  LYS n 
1 57  GLU n 
1 58  ILE n 
1 59  SER n 
1 60  GLU n 
1 61  GLY n 
1 62  ASP n 
1 63  GLU n 
1 64  VAL n 
1 65  GLU n 
1 66  VAL n 
1 67  TYR n 
1 68  SER n 
1 69  ARG n 
1 70  ALA n 
1 71  ASN n 
1 72  ASP n 
1 73  GLN n 
1 74  GLU n 
1 75  PRO n 
1 76  CYS n 
1 77  GLY n 
1 78  TRP n 
1 79  TRP n 
1 80  LEU n 
1 81  ALA n 
1 82  LYS n 
1 83  VAL n 
1 84  ARG n 
1 85  MET n 
1 86  MET n 
1 87  LYS n 
1 88  GLY n 
1 89  GLU n 
1 90  PHE n 
1 91  TYR n 
1 92  VAL n 
1 93  ILE n 
1 94  GLU n 
1 95  TYR n 
1 96  ALA n 
1 97  ALA n 
1 98  CYS n 
1 99  ASP n 
1 100 ALA n 
1 101 THR n 
1 102 TYR n 
1 103 ASN n 
1 104 GLU n 
1 105 ILE n 
1 106 VAL n 
1 107 THR n 
1 108 PHE n 
1 109 GLU n 
1 110 ARG n 
1 111 LEU n 
1 112 ARG n 
1 113 PRO n 
1 114 VAL n 
1 115 ASN n 
1 116 GLN n 
1 117 ASN n 
1 118 LYS n 
1 119 THR n 
1 120 VAL n 
1 121 LYS n 
1 122 LYS n 
1 123 ASN n 
1 124 THR n 
1 125 PHE n 
1 126 PHE n 
1 127 LYS n 
1 128 CYS n 
1 129 THR n 
1 130 VAL n 
1 131 ASP n 
# 
_entity_src_gen.entity_id                          1 
_entity_src_gen.pdbx_src_id                        1 
_entity_src_gen.pdbx_alt_source_flag               sample 
_entity_src_gen.pdbx_seq_type                      ? 
_entity_src_gen.pdbx_beg_seq_num                   ? 
_entity_src_gen.pdbx_end_seq_num                   ? 
_entity_src_gen.gene_src_common_name               human 
_entity_src_gen.gene_src_genus                     ? 
_entity_src_gen.pdbx_gene_src_gene                 FXR1 
_entity_src_gen.gene_src_species                   ? 
_entity_src_gen.gene_src_strain                    ? 
_entity_src_gen.gene_src_tissue                    ? 
_entity_src_gen.gene_src_tissue_fraction           ? 
_entity_src_gen.gene_src_details                   ? 
_entity_src_gen.pdbx_gene_src_fragment             ? 
_entity_src_gen.pdbx_gene_src_scientific_name      'Homo sapiens' 
_entity_src_gen.pdbx_gene_src_ncbi_taxonomy_id     9606 
_entity_src_gen.pdbx_gene_src_variant              ? 
_entity_src_gen.pdbx_gene_src_cell_line            ? 
_entity_src_gen.pdbx_gene_src_atcc                 ? 
_entity_src_gen.pdbx_gene_src_organ                ? 
_entity_src_gen.pdbx_gene_src_organelle            ? 
_entity_src_gen.pdbx_gene_src_cell                 ? 
_entity_src_gen.pdbx_gene_src_cellular_location    ? 
_entity_src_gen.host_org_common_name               ? 
_entity_src_gen.pdbx_host_org_scientific_name      'Escherichia coli' 
_entity_src_gen.pdbx_host_org_ncbi_taxonomy_id     469008 
_entity_src_gen.host_org_genus                     ? 
_entity_src_gen.pdbx_host_org_gene                 ? 
_entity_src_gen.pdbx_host_org_organ                ? 
_entity_src_gen.host_org_species                   ? 
_entity_src_gen.pdbx_host_org_tissue               ? 
_entity_src_gen.pdbx_host_org_tissue_fraction      ? 
_entity_src_gen.pdbx_host_org_strain               'BL21-(DE3)-V2R-pRARE2' 
_entity_src_gen.pdbx_host_org_variant              ? 
_entity_src_gen.pdbx_host_org_cell_line            ? 
_entity_src_gen.pdbx_host_org_atcc                 ? 
_entity_src_gen.pdbx_host_org_culture_collection   ? 
_entity_src_gen.pdbx_host_org_cell                 ? 
_entity_src_gen.pdbx_host_org_organelle            ? 
_entity_src_gen.pdbx_host_org_cellular_location    ? 
_entity_src_gen.pdbx_host_org_vector_type          PLASMID 
_entity_src_gen.pdbx_host_org_vector               ? 
_entity_src_gen.host_org_details                   ? 
_entity_src_gen.expression_system_id               ? 
_entity_src_gen.plasmid_name                       pET28-MHL 
_entity_src_gen.plasmid_details                    ? 
_entity_src_gen.pdbx_description                   ? 
# 
loop_
_chem_comp.id 
_chem_comp.type 
_chem_comp.mon_nstd_flag 
_chem_comp.name 
_chem_comp.pdbx_synonyms 
_chem_comp.formula 
_chem_comp.formula_weight 
ALA 'L-peptide linking' y ALANINE         ? 'C3 H7 N O2'     89.093  
ARG 'L-peptide linking' y ARGININE        ? 'C6 H15 N4 O2 1' 175.209 
ASN 'L-peptide linking' y ASPARAGINE      ? 'C4 H8 N2 O3'    132.118 
ASP 'L-peptide linking' y 'ASPARTIC ACID' ? 'C4 H7 N O4'     133.103 
CYS 'L-peptide linking' y CYSTEINE        ? 'C3 H7 N O2 S'   121.158 
GLN 'L-peptide linking' y GLUTAMINE       ? 'C5 H10 N2 O3'   146.144 
GLU 'L-peptide linking' y 'GLUTAMIC ACID' ? 'C5 H9 N O4'     147.129 
GLY 'peptide linking'   y GLYCINE         ? 'C2 H5 N O2'     75.067  
HIS 'L-peptide linking' y HISTIDINE       ? 'C6 H10 N3 O2 1' 156.162 
HOH non-polymer         . WATER           ? 'H2 O'           18.015  
ILE 'L-peptide linking' y ISOLEUCINE      ? 'C6 H13 N O2'    131.173 
LEU 'L-peptide linking' y LEUCINE         ? 'C6 H13 N O2'    131.173 
LYS 'L-peptide linking' y LYSINE          ? 'C6 H15 N2 O2 1' 147.195 
MET 'L-peptide linking' y METHIONINE      ? 'C5 H11 N O2 S'  149.211 
PHE 'L-peptide linking' y PHENYLALANINE   ? 'C9 H11 N O2'    165.189 
PRO 'L-peptide linking' y PROLINE         ? 'C5 H9 N O2'     115.130 
SER 'L-peptide linking' y SERINE          ? 'C3 H7 N O3'     105.093 
THR 'L-peptide linking' y THREONINE       ? 'C4 H9 N O3'     119.119 
TRP 'L-peptide linking' y TRYPTOPHAN      ? 'C11 H12 N2 O2'  204.225 
TYR 'L-peptide linking' y TYROSINE        ? 'C9 H11 N O3'    181.189 
VAL 'L-peptide linking' y VALINE          ? 'C5 H11 N O2'    117.146 
# 
loop_
_pdbx_poly_seq_scheme.asym_id 
_pdbx_poly_seq_scheme.entity_id 
_pdbx_poly_seq_scheme.seq_id 
_pdbx_poly_seq_scheme.mon_id 
_pdbx_poly_seq_scheme.ndb_seq_num 
_pdbx_poly_seq_scheme.pdb_seq_num 
_pdbx_poly_seq_scheme.auth_seq_num 
_pdbx_poly_seq_scheme.pdb_mon_id 
_pdbx_poly_seq_scheme.auth_mon_id 
_pdbx_poly_seq_scheme.pdb_strand_id 
_pdbx_poly_seq_scheme.pdb_ins_code 
_pdbx_poly_seq_scheme.hetero 
A 1 1   ALA 1   1   ?   ?   ?   A . n 
A 1 2   GLU 2   2   ?   ?   ?   A . n 
A 1 3   LEU 3   3   3   LEU LEU A . n 
A 1 4   THR 4   4   4   THR THR A . n 
A 1 5   VAL 5   5   5   VAL VAL A . n 
A 1 6   GLU 6   6   6   GLU GLU A . n 
A 1 7   VAL 7   7   7   VAL VAL A . n 
A 1 8   ARG 8   8   8   ARG ARG A . n 
A 1 9   GLY 9   9   9   GLY GLY A . n 
A 1 10  SER 10  10  10  SER SER A . n 
A 1 11  ASN 11  11  11  ASN ASN A . n 
A 1 12  GLY 12  12  12  GLY GLY A . n 
A 1 13  ALA 13  13  13  ALA ALA A . n 
A 1 14  PHE 14  14  14  PHE PHE A . n 
A 1 15  TYR 15  15  15  TYR TYR A . n 
A 1 16  LYS 16  16  16  LYS LYS A . n 
A 1 17  GLY 17  17  17  GLY GLY A . n 
A 1 18  PHE 18  18  18  PHE PHE A . n 
A 1 19  ILE 19  19  19  ILE ILE A . n 
A 1 20  LYS 20  20  20  LYS LYS A . n 
A 1 21  ASP 21  21  21  ASP ASP A . n 
A 1 22  VAL 22  22  22  VAL VAL A . n 
A 1 23  HIS 23  23  23  HIS HIS A . n 
A 1 24  GLU 24  24  24  GLU GLU A . n 
A 1 25  ASP 25  25  25  ASP ASP A . n 
A 1 26  SER 26  26  26  SER SER A . n 
A 1 27  LEU 27  27  27  LEU LEU A . n 
A 1 28  THR 28  28  28  THR THR A . n 
A 1 29  VAL 29  29  29  VAL VAL A . n 
A 1 30  VAL 30  30  30  VAL VAL A . n 
A 1 31  PHE 31  31  31  PHE PHE A . n 
A 1 32  GLU 32  32  32  GLU GLU A . n 
A 1 33  ASN 33  33  33  ASN ASN A . n 
A 1 34  ASN 34  34  34  ASN ASN A . n 
A 1 35  TRP 35  35  35  TRP TRP A . n 
A 1 36  GLN 36  36  36  GLN GLN A . n 
A 1 37  PRO 37  37  37  PRO PRO A . n 
A 1 38  GLU 38  38  38  GLU GLU A . n 
A 1 39  ARG 39  39  39  ARG ARG A . n 
A 1 40  GLN 40  40  40  GLN GLN A . n 
A 1 41  VAL 41  41  41  VAL VAL A . n 
A 1 42  PRO 42  42  42  PRO PRO A . n 
A 1 43  PHE 43  43  43  PHE PHE A . n 
A 1 44  ASN 44  44  44  ASN ASN A . n 
A 1 45  GLU 45  45  45  GLU GLU A . n 
A 1 46  VAL 46  46  46  VAL VAL A . n 
A 1 47  ARG 47  47  47  ARG ARG A . n 
A 1 48  LEU 48  48  48  LEU LEU A . n 
A 1 49  PRO 49  49  49  PRO PRO A . n 
A 1 50  PRO 50  50  50  PRO PRO A . n 
A 1 51  PRO 51  51  51  PRO PRO A . n 
A 1 52  PRO 52  52  52  PRO PRO A . n 
A 1 53  ASP 53  53  ?   ?   ?   A . n 
A 1 54  ILE 54  54  ?   ?   ?   A . n 
A 1 55  LYS 55  55  ?   ?   ?   A . n 
A 1 56  LYS 56  56  ?   ?   ?   A . n 
A 1 57  GLU 57  57  ?   ?   ?   A . n 
A 1 58  ILE 58  58  ?   ?   ?   A . n 
A 1 59  SER 59  59  59  SER SER A . n 
A 1 60  GLU 60  60  60  GLU GLU A . n 
A 1 61  GLY 61  61  61  GLY GLY A . n 
A 1 62  ASP 62  62  62  ASP ASP A . n 
A 1 63  GLU 63  63  63  GLU GLU A . n 
A 1 64  VAL 64  64  64  VAL VAL A . n 
A 1 65  GLU 65  65  65  GLU GLU A . n 
A 1 66  VAL 66  66  66  VAL VAL A . n 
A 1 67  TYR 67  67  67  TYR TYR A . n 
A 1 68  SER 68  68  68  SER SER A . n 
A 1 69  ARG 69  69  69  ARG ARG A . n 
A 1 70  ALA 70  70  ?   ?   ?   A . n 
A 1 71  ASN 71  71  ?   ?   ?   A . n 
A 1 72  ASP 72  72  ?   ?   ?   A . n 
A 1 73  GLN 73  73  ?   ?   ?   A . n 
A 1 74  GLU 74  74  ?   ?   ?   A . n 
A 1 75  PRO 75  75  75  PRO PRO A . n 
A 1 76  CYS 76  76  76  CYS CYS A . n 
A 1 77  GLY 77  77  77  GLY GLY A . n 
A 1 78  TRP 78  78  78  TRP TRP A . n 
A 1 79  TRP 79  79  79  TRP TRP A . n 
A 1 80  LEU 80  80  80  LEU LEU A . n 
A 1 81  ALA 81  81  81  ALA ALA A . n 
A 1 82  LYS 82  82  82  LYS LYS A . n 
A 1 83  VAL 83  83  83  VAL VAL A . n 
A 1 84  ARG 84  84  84  ARG ARG A . n 
A 1 85  MET 85  85  85  MET MET A . n 
A 1 86  MET 86  86  86  MET MET A . n 
A 1 87  LYS 87  87  87  LYS LYS A . n 
A 1 88  GLY 88  88  88  GLY GLY A . n 
A 1 89  GLU 89  89  89  GLU GLU A . n 
A 1 90  PHE 90  90  90  PHE PHE A . n 
A 1 91  TYR 91  91  91  TYR TYR A . n 
A 1 92  VAL 92  92  92  VAL VAL A . n 
A 1 93  ILE 93  93  93  ILE ILE A . n 
A 1 94  GLU 94  94  94  GLU GLU A . n 
A 1 95  TYR 95  95  95  TYR TYR A . n 
A 1 96  ALA 96  96  ?   ?   ?   A . n 
A 1 97  ALA 97  97  ?   ?   ?   A . n 
A 1 98  CYS 98  98  ?   ?   ?   A . n 
A 1 99  ASP 99  99  ?   ?   ?   A . n 
A 1 100 ALA 100 100 ?   ?   ?   A . n 
A 1 101 THR 101 101 ?   ?   ?   A . n 
A 1 102 TYR 102 102 102 TYR TYR A . n 
A 1 103 ASN 103 103 103 ASN ASN A . n 
A 1 104 GLU 104 104 104 GLU GLU A . n 
A 1 105 ILE 105 105 105 ILE ILE A . n 
A 1 106 VAL 106 106 106 VAL VAL A . n 
A 1 107 THR 107 107 107 THR THR A . n 
A 1 108 PHE 108 108 108 PHE PHE A . n 
A 1 109 GLU 109 109 109 GLU GLU A . n 
A 1 110 ARG 110 110 110 ARG ARG A . n 
A 1 111 LEU 111 111 111 LEU LEU A . n 
A 1 112 ARG 112 112 112 ARG ARG A . n 
A 1 113 PRO 113 113 113 PRO PRO A . n 
A 1 114 VAL 114 114 114 VAL VAL A . n 
A 1 115 ASN 115 115 115 ASN ASN A . n 
A 1 116 GLN 116 116 116 GLN GLN A . n 
A 1 117 ASN 117 117 117 ASN ASN A . n 
A 1 118 LYS 118 118 118 LYS LYS A . n 
A 1 119 THR 119 119 119 THR THR A . n 
A 1 120 VAL 120 120 120 VAL VAL A . n 
A 1 121 LYS 121 121 121 LYS LYS A . n 
A 1 122 LYS 122 122 ?   ?   ?   A . n 
A 1 123 ASN 123 123 ?   ?   ?   A . n 
A 1 124 THR 124 124 ?   ?   ?   A . n 
A 1 125 PHE 125 125 ?   ?   ?   A . n 
A 1 126 PHE 126 126 ?   ?   ?   A . n 
A 1 127 LYS 127 127 ?   ?   ?   A . n 
A 1 128 CYS 128 128 ?   ?   ?   A . n 
A 1 129 THR 129 129 ?   ?   ?   A . n 
A 1 130 VAL 130 130 ?   ?   ?   A . n 
A 1 131 ASP 131 131 ?   ?   ?   A . n 
# 
_pdbx_nonpoly_scheme.asym_id         B 
_pdbx_nonpoly_scheme.entity_id       2 
_pdbx_nonpoly_scheme.mon_id          HOH 
_pdbx_nonpoly_scheme.ndb_seq_num     1 
_pdbx_nonpoly_scheme.pdb_seq_num     132 
_pdbx_nonpoly_scheme.auth_seq_num    1 
_pdbx_nonpoly_scheme.pdb_mon_id      HOH 
_pdbx_nonpoly_scheme.auth_mon_id     HOH 
_pdbx_nonpoly_scheme.pdb_strand_id   A 
_pdbx_nonpoly_scheme.pdb_ins_code    . 
# 
loop_
_pdbx_unobs_or_zero_occ_atoms.id 
_pdbx_unobs_or_zero_occ_atoms.PDB_model_num 
_pdbx_unobs_or_zero_occ_atoms.polymer_flag 
_pdbx_unobs_or_zero_occ_atoms.occupancy_flag 
_pdbx_unobs_or_zero_occ_atoms.auth_asym_id 
_pdbx_unobs_or_zero_occ_atoms.auth_comp_id 
_pdbx_unobs_or_zero_occ_atoms.auth_seq_id 
_pdbx_unobs_or_zero_occ_atoms.PDB_ins_code 
_pdbx_unobs_or_zero_occ_atoms.auth_atom_id 
_pdbx_unobs_or_zero_occ_atoms.label_alt_id 
_pdbx_unobs_or_zero_occ_atoms.label_asym_id 
_pdbx_unobs_or_zero_occ_atoms.label_comp_id 
_pdbx_unobs_or_zero_occ_atoms.label_seq_id 
_pdbx_unobs_or_zero_occ_atoms.label_atom_id 
1  1 Y 1 A GLU 24  ? CG  ? A GLU 24  CG  
2  1 Y 1 A GLU 24  ? CD  ? A GLU 24  CD  
3  1 Y 1 A GLU 24  ? OE1 ? A GLU 24  OE1 
4  1 Y 1 A GLU 24  ? OE2 ? A GLU 24  OE2 
5  1 Y 1 A GLN 40  ? CG  ? A GLN 40  CG  
6  1 Y 1 A GLN 40  ? CD  ? A GLN 40  CD  
7  1 Y 1 A GLN 40  ? OE1 ? A GLN 40  OE1 
8  1 Y 1 A GLN 40  ? NE2 ? A GLN 40  NE2 
9  1 Y 1 A SER 59  ? OG  ? A SER 59  OG  
10 1 Y 1 A ARG 69  ? CG  ? A ARG 69  CG  
11 1 Y 1 A ARG 69  ? CD  ? A ARG 69  CD  
12 1 Y 1 A ARG 69  ? NE  ? A ARG 69  NE  
13 1 Y 1 A ARG 69  ? CZ  ? A ARG 69  CZ  
14 1 Y 1 A ARG 69  ? NH1 ? A ARG 69  NH1 
15 1 Y 1 A ARG 69  ? NH2 ? A ARG 69  NH2 
16 1 Y 1 A LYS 82  ? CG  ? A LYS 82  CG  
17 1 Y 1 A LYS 82  ? CD  ? A LYS 82  CD  
18 1 Y 1 A LYS 82  ? CE  ? A LYS 82  CE  
19 1 Y 1 A LYS 82  ? NZ  ? A LYS 82  NZ  
20 1 Y 1 A LYS 87  ? CG  ? A LYS 87  CG  
21 1 Y 1 A LYS 87  ? CD  ? A LYS 87  CD  
22 1 Y 1 A LYS 87  ? CE  ? A LYS 87  CE  
23 1 Y 1 A LYS 87  ? NZ  ? A LYS 87  NZ  
24 1 Y 1 A GLU 89  ? CG  ? A GLU 89  CG  
25 1 Y 1 A GLU 89  ? CD  ? A GLU 89  CD  
26 1 Y 1 A GLU 89  ? OE1 ? A GLU 89  OE1 
27 1 Y 1 A GLU 89  ? OE2 ? A GLU 89  OE2 
28 1 Y 1 A TYR 102 ? CG  ? A TYR 102 CG  
29 1 Y 1 A TYR 102 ? CD1 ? A TYR 102 CD1 
30 1 Y 1 A TYR 102 ? CD2 ? A TYR 102 CD2 
31 1 Y 1 A TYR 102 ? CE1 ? A TYR 102 CE1 
32 1 Y 1 A TYR 102 ? CE2 ? A TYR 102 CE2 
33 1 Y 1 A TYR 102 ? CZ  ? A TYR 102 CZ  
34 1 Y 1 A TYR 102 ? OH  ? A TYR 102 OH  
35 1 Y 1 A ILE 105 ? CG1 ? A ILE 105 CG1 
36 1 Y 1 A ILE 105 ? CG2 ? A ILE 105 CG2 
37 1 Y 1 A ILE 105 ? CD1 ? A ILE 105 CD1 
38 1 Y 1 A LYS 118 ? CG  ? A LYS 118 CG  
39 1 Y 1 A LYS 118 ? CD  ? A LYS 118 CD  
40 1 Y 1 A LYS 118 ? CE  ? A LYS 118 CE  
41 1 Y 1 A LYS 118 ? NZ  ? A LYS 118 NZ  
42 1 Y 1 A LYS 121 ? CG  ? A LYS 121 CG  
43 1 Y 1 A LYS 121 ? CD  ? A LYS 121 CD  
44 1 Y 1 A LYS 121 ? CE  ? A LYS 121 CE  
45 1 Y 1 A LYS 121 ? NZ  ? A LYS 121 NZ  
# 
loop_
_software.pdbx_ordinal 
_software.name 
_software.version 
_software.date 
_software.type 
_software.contact_author 
_software.contact_author_email 
_software.classification 
_software.location 
_software.language 
_software.citation_id 
1 DENZO       .               ?               package 'Zbyszek Otwinowski'  hkl@hkl-xray.com                'data reduction'  
http://www.hkl-xray.com/                     ?          ? 
2 SCALEPACK   .               ?               package 'Zbyszek Otwinowski'  hkl@hkl-xray.com                'data scaling'    
http://www.hkl-xray.com/                     ?          ? 
3 SHARP       .               ?               package 'Eric de La Fortelle' sharp-develop@globalphasing.com phasing           
http://www.globalphasing.com/sharp/          ?          ? 
4 DM          6.1             ?               program 'Kevin Cowtan'        kowtan@ysbl.york.ac.uk          phasing           
http://www.ccp4.ac.uk/dist/html/dm.html      Fortran_77 ? 
5 REFMAC      refmac_5.6.0081 24/04/2001      program 'Garib N. Murshudov'  garib@ysbl.york.ac.uk           refinement        
http://www.ccp4.ac.uk/dist/html/refmac5.html Fortran_77 ? 
6 PDB_EXTRACT 3.10            'June 10, 2010' package PDB                   deposit@deposit.rcsb.org        'data extraction' 
http://sw-tools.pdb.org/apps/PDB_EXTRACT/    C++        ? 
7 MxDC        .               ?               ?       ?                     ?                               'data collection' ? ? 
? 
8 HKL-2000    .               ?               ?       ?                     ?                               'data reduction'  ? ? 
? 
9 HKL-2000    .               ?               ?       ?                     ?                               'data scaling'    ? ? 
? 
# 
_cell.length_a           71.857 
_cell.length_b           71.857 
_cell.length_c           94.055 
_cell.angle_alpha        90.000 
_cell.angle_beta         90.000 
_cell.angle_gamma        120.000 
_cell.entry_id           3O8V 
_cell.pdbx_unique_axis   ? 
_cell.Z_PDB              9 
_cell.length_a_esd       ? 
_cell.length_b_esd       ? 
_cell.length_c_esd       ? 
_cell.angle_alpha_esd    ? 
_cell.angle_beta_esd     ? 
_cell.angle_gamma_esd    ? 
# 
_symmetry.space_group_name_H-M             'H 3' 
_symmetry.entry_id                         3O8V 
_symmetry.Int_Tables_number                146 
_symmetry.pdbx_full_space_group_name_H-M   ? 
_symmetry.cell_setting                     ? 
_symmetry.space_group_name_Hall            ? 
# 
_exptl.crystals_number   1 
_exptl.entry_id          3O8V 
_exptl.method            'X-RAY DIFFRACTION' 
# 
_exptl_crystal.id                    1 
_exptl_crystal.density_Matthews      3.07 
_exptl_crystal.density_meas          ? 
_exptl_crystal.density_percent_sol   59.87 
_exptl_crystal.description           ? 
_exptl_crystal.F_000                 ? 
_exptl_crystal.preparation           ? 
# 
_exptl_crystal_grow.crystal_id      1 
_exptl_crystal_grow.method          'VAPOR DIFFUSION, SITTING DROP' 
_exptl_crystal_grow.pH              6.8 
_exptl_crystal_grow.temp            291 
_exptl_crystal_grow.temp_details    ? 
_exptl_crystal_grow.pdbx_details    
'1.4M Ammonium Sulfate, 0.1M HEPES pH 6.8, 0.25 M NaCl, 10 mM DTT, VAPOR DIFFUSION, SITTING DROP, temperature 291K' 
_exptl_crystal_grow.pdbx_pH_range   ? 
# 
_diffrn.id                     1 
_diffrn.ambient_temp           100 
_diffrn.ambient_temp_details   ? 
_diffrn.crystal_id             1 
# 
_diffrn_detector.diffrn_id              1 
_diffrn_detector.detector               CCD 
_diffrn_detector.type                   'MARMOSAIC 225 mm CCD' 
_diffrn_detector.pdbx_collection_date   2010-05-11 
_diffrn_detector.details                'Double crystal monochromator' 
# 
_diffrn_radiation.diffrn_id                        1 
_diffrn_radiation.wavelength_id                    1 
_diffrn_radiation.pdbx_diffrn_protocol             'SINGLE WAVELENGTH' 
_diffrn_radiation.monochromator                    'double crystal monochromator' 
_diffrn_radiation.pdbx_monochromatic_or_laue_m_l   M 
_diffrn_radiation.pdbx_scattering_type             x-ray 
# 
_diffrn_radiation_wavelength.id           1 
_diffrn_radiation_wavelength.wavelength   0.97904 
_diffrn_radiation_wavelength.wt           1.0 
# 
_diffrn_source.diffrn_id                   1 
_diffrn_source.source                      SYNCHROTRON 
_diffrn_source.type                        'CLSI BEAMLINE 08ID-1' 
_diffrn_source.pdbx_wavelength             ? 
_diffrn_source.pdbx_wavelength_list        0.97904 
_diffrn_source.pdbx_synchrotron_site       CLSI 
_diffrn_source.pdbx_synchrotron_beamline   08ID-1 
# 
_reflns.entry_id                     3O8V 
_reflns.d_resolution_high            2.500 
_reflns.d_resolution_low             50.000 
_reflns.number_obs                   6291 
_reflns.pdbx_Rmerge_I_obs            0.074 
_reflns.pdbx_netI_over_sigmaI        19.100 
_reflns.pdbx_chi_squared             3.016 
_reflns.pdbx_redundancy              3.900 
_reflns.percent_possible_obs         99.900 
_reflns.observed_criterion_sigma_F   ? 
_reflns.observed_criterion_sigma_I   ? 
_reflns.number_all                   ? 
_reflns.pdbx_Rsym_value              ? 
_reflns.B_iso_Wilson_estimate        ? 
_reflns.R_free_details               ? 
_reflns.limit_h_max                  ? 
_reflns.limit_h_min                  ? 
_reflns.limit_k_max                  ? 
_reflns.limit_k_min                  ? 
_reflns.limit_l_max                  ? 
_reflns.limit_l_min                  ? 
_reflns.observed_criterion_F_max     ? 
_reflns.observed_criterion_F_min     ? 
_reflns.pdbx_scaling_rejects         ? 
_reflns.pdbx_diffrn_id               1 
_reflns.pdbx_ordinal                 1 
# 
loop_
_reflns_shell.d_res_high 
_reflns_shell.d_res_low 
_reflns_shell.number_measured_obs 
_reflns_shell.number_measured_all 
_reflns_shell.number_unique_obs 
_reflns_shell.Rmerge_I_obs 
_reflns_shell.meanI_over_sigI_obs 
_reflns_shell.pdbx_Rsym_value 
_reflns_shell.pdbx_chi_squared 
_reflns_shell.pdbx_redundancy 
_reflns_shell.percent_possible_obs 
_reflns_shell.number_unique_all 
_reflns_shell.percent_possible_all 
_reflns_shell.pdbx_diffrn_id 
_reflns_shell.pdbx_ordinal 
2.500 2.590  ? ? ? 0.549 ? ? 1.031  3.900 ? 641 100.000 ? 1  
2.590 2.690  ? ? ? 0.426 ? ? 1.011  4.000 ? 626 100.000 ? 2  
2.690 2.820  ? ? ? 0.322 ? ? 1.117  3.900 ? 613 100.000 ? 3  
2.820 2.960  ? ? ? 0.236 ? ? 1.323  3.900 ? 634 100.000 ? 4  
2.960 3.150  ? ? ? 0.148 ? ? 1.508  4.000 ? 630 100.000 ? 5  
3.150 3.390  ? ? ? 0.087 ? ? 1.930  3.900 ? 627 100.000 ? 6  
3.390 3.730  ? ? ? 0.066 ? ? 1.902  4.000 ? 638 100.000 ? 7  
3.730 4.270  ? ? ? 0.064 ? ? 1.636  4.000 ? 629 100.000 ? 8  
4.270 5.380  ? ? ? 0.056 ? ? 4.988  4.000 ? 625 100.000 ? 9  
5.380 50.000 ? ? ? 0.067 ? ? 13.674 4.000 ? 628 99.200  ? 10 
# 
_refine.entry_id                                 3O8V 
_refine.ls_d_res_high                            2.5000 
_refine.ls_d_res_low                             35.9300 
_refine.pdbx_ls_sigma_F                          0.000 
_refine.pdbx_data_cutoff_high_absF               ? 
_refine.pdbx_data_cutoff_low_absF                ? 
_refine.ls_percent_reflns_obs                    99.8900 
_refine.ls_number_reflns_obs                     6288 
_refine.ls_number_reflns_all                     ? 
_refine.pdbx_ls_cross_valid_method               THROUGHOUT 
_refine.pdbx_R_Free_selection_details            RANDOM 
_refine.details                                  
;HYDROGENS HAVE BEEN USED IF PRESENT IN THE INPUT U VALUES      : REFINED INDIVIDUALLY, The data is hemohedral twinning with twinning operators: ((H, K, L),(K, H, -L) and corresponding twinned fractions: 0.941, 0.059.
;
_refine.ls_R_factor_all                          ? 
_refine.ls_R_factor_obs                          0.2201 
_refine.ls_R_factor_R_work                       0.2183 
_refine.ls_wR_factor_R_work                      0.2320 
_refine.ls_R_factor_R_free                       0.2612 
_refine.ls_wR_factor_R_free                      0.2650 
_refine.ls_percent_reflns_R_free                 4.6000 
_refine.ls_number_reflns_R_free                  288 
_refine.ls_R_factor_R_free_error                 ? 
_refine.B_iso_mean                               71.1447 
_refine.solvent_model_param_bsol                 ? 
_refine.solvent_model_param_ksol                 ? 
_refine.pdbx_isotropic_thermal_model             ? 
_refine.aniso_B[1][1]                            25.8100 
_refine.aniso_B[2][2]                            25.8100 
_refine.aniso_B[3][3]                            -51.6200 
_refine.aniso_B[1][2]                            0.0000 
_refine.aniso_B[1][3]                            0.0000 
_refine.aniso_B[2][3]                            0.0000 
_refine.correlation_coeff_Fo_to_Fc               0.9470 
_refine.correlation_coeff_Fo_to_Fc_free          0.9380 
_refine.overall_SU_R_Cruickshank_DPI             ? 
_refine.overall_SU_R_free                        ? 
_refine.pdbx_overall_ESU_R_Free                  0.0520 
_refine.overall_SU_ML                            0.2050 
_refine.overall_SU_B                             10.8600 
_refine.solvent_model_details                    'BABINET MODEL WITH MASK' 
_refine.pdbx_solvent_vdw_probe_radii             1.2000 
_refine.pdbx_solvent_ion_probe_radii             0.8000 
_refine.pdbx_solvent_shrinkage_radii             0.8000 
_refine.ls_number_parameters                     ? 
_refine.ls_number_restraints                     ? 
_refine.pdbx_starting_model                      ? 
_refine.pdbx_method_to_determine_struct          SAD 
_refine.pdbx_stereochemistry_target_values       'MAXIMUM LIKELIHOOD' 
_refine.pdbx_stereochem_target_val_spec_case     ? 
_refine.overall_FOM_work_R_set                   ? 
_refine.B_iso_max                                141.670 
_refine.B_iso_min                                38.500 
_refine.occupancy_max                            1.000 
_refine.occupancy_min                            1.000 
_refine.pdbx_ls_sigma_I                          ? 
_refine.ls_redundancy_reflns_obs                 ? 
_refine.ls_R_factor_R_free_error_details         ? 
_refine.pdbx_data_cutoff_high_rms_absF           ? 
_refine.overall_FOM_free_R_set                   ? 
_refine.pdbx_overall_phase_error                 ? 
_refine.pdbx_refine_id                           'X-RAY DIFFRACTION' 
_refine.pdbx_overall_ESU_R                       0.063 
_refine.pdbx_diffrn_id                           1 
_refine.pdbx_TLS_residual_ADP_flag               ? 
_refine.pdbx_overall_SU_R_free_Cruickshank_DPI   ? 
_refine.pdbx_overall_SU_R_Blow_DPI               ? 
_refine.pdbx_overall_SU_R_free_Blow_DPI          ? 
# 
_refine_hist.pdbx_refine_id                   'X-RAY DIFFRACTION' 
_refine_hist.cycle_id                         LAST 
_refine_hist.pdbx_number_atoms_protein        805 
_refine_hist.pdbx_number_atoms_nucleic_acid   0 
_refine_hist.pdbx_number_atoms_ligand         0 
_refine_hist.number_atoms_solvent             1 
_refine_hist.number_atoms_total               806 
_refine_hist.d_res_high                       2.5000 
_refine_hist.d_res_low                        35.9300 
# 
loop_
_refine_ls_restr.type 
_refine_ls_restr.number 
_refine_ls_restr.dev_ideal 
_refine_ls_restr.dev_ideal_target 
_refine_ls_restr.weight 
_refine_ls_restr.pdbx_refine_id 
_refine_ls_restr.pdbx_restraint_function 
r_bond_refined_d       826  0.017  0.022  ? 'X-RAY DIFFRACTION' ? 
r_angle_refined_deg    1125 1.760  1.933  ? 'X-RAY DIFFRACTION' ? 
r_dihedral_angle_1_deg 98   7.546  5.000  ? 'X-RAY DIFFRACTION' ? 
r_dihedral_angle_2_deg 42   37.830 23.810 ? 'X-RAY DIFFRACTION' ? 
r_dihedral_angle_3_deg 116  22.629 15.000 ? 'X-RAY DIFFRACTION' ? 
r_dihedral_angle_4_deg 6    16.117 15.000 ? 'X-RAY DIFFRACTION' ? 
r_chiral_restr         121  0.111  0.200  ? 'X-RAY DIFFRACTION' ? 
r_gen_planes_refined   648  0.008  0.021  ? 'X-RAY DIFFRACTION' ? 
# 
loop_
_refine_ls_shell.pdbx_total_number_of_bins_used 
_refine_ls_shell.d_res_low 
_refine_ls_shell.d_res_high 
_refine_ls_shell.number_reflns_all 
_refine_ls_shell.percent_reflns_obs 
_refine_ls_shell.number_reflns_R_work 
_refine_ls_shell.R_factor_R_work 
_refine_ls_shell.number_reflns_R_free 
_refine_ls_shell.R_factor_R_free 
_refine_ls_shell.number_reflns_obs 
_refine_ls_shell.R_factor_R_free_error 
_refine_ls_shell.percent_reflns_R_free 
_refine_ls_shell.redundancy_reflns_obs 
_refine_ls_shell.R_factor_all 
_refine_ls_shell.pdbx_refine_id 
20 2.561  2.496  460 99.565  437 0.217 21 0.468 . . . . . 'X-RAY DIFFRACTION' 
20 2.630  2.561  456 99.781  429 0.292 26 0.413 . . . . . 'X-RAY DIFFRACTION' 
20 2.706  2.630  441 100.000 411 0.305 30 0.396 . . . . . 'X-RAY DIFFRACTION' 
20 2.789  2.706  413 100.000 384 0.297 29 0.371 . . . . . 'X-RAY DIFFRACTION' 
20 2.880  2.789  439 100.000 431 0.313 8  0.308 . . . . . 'X-RAY DIFFRACTION' 
20 2.980  2.880  367 100.000 349 0.286 18 0.199 . . . . . 'X-RAY DIFFRACTION' 
20 3.092  2.980  392 100.000 371 0.280 21 0.339 . . . . . 'X-RAY DIFFRACTION' 
20 3.217  3.092  380 100.000 366 0.267 14 0.297 . . . . . 'X-RAY DIFFRACTION' 
20 3.359  3.217  360 100.000 338 0.233 22 0.332 . . . . . 'X-RAY DIFFRACTION' 
20 3.521  3.359  336 100.000 322 0.250 14 0.405 . . . . . 'X-RAY DIFFRACTION' 
20 3.710  3.521  340 100.000 335 0.230 5  0.240 . . . . . 'X-RAY DIFFRACTION' 
20 3.932  3.710  304 100.000 295 0.212 9  0.292 . . . . . 'X-RAY DIFFRACTION' 
20 4.200  3.932  274 100.000 260 0.175 14 0.202 . . . . . 'X-RAY DIFFRACTION' 
20 4.532  4.200  277 100.000 265 0.168 12 0.284 . . . . . 'X-RAY DIFFRACTION' 
20 4.956  4.532  247 100.000 242 0.165 5  0.210 . . . . . 'X-RAY DIFFRACTION' 
20 5.528  4.956  227 100.000 217 0.191 10 0.148 . . . . . 'X-RAY DIFFRACTION' 
20 6.358  5.528  204 100.000 198 0.179 6  0.118 . . . . . 'X-RAY DIFFRACTION' 
20 7.727  6.358  164 100.000 152 0.204 12 0.346 . . . . . 'X-RAY DIFFRACTION' 
20 10.683 7.727  137 99.270  128 0.205 8  0.170 . . . . . 'X-RAY DIFFRACTION' 
20 35.931 10.683 77  96.104  70  0.268 4  0.119 . . . . . 'X-RAY DIFFRACTION' 
# 
_struct.entry_id                  3O8V 
_struct.title                     'Crystal Structure of the Tudor Domains from FXR1' 
_struct.pdbx_model_details        ? 
_struct.pdbx_CASP_flag            N 
_struct.pdbx_model_type_details   ? 
# 
_struct_keywords.entry_id        3O8V 
_struct_keywords.pdbx_keywords   'PROTEIN BINDING' 
_struct_keywords.text            'Structural Genomics Consortium, SGC, Tandem Tudor, protein binding, RNA-binding' 
# 
loop_
_struct_asym.id 
_struct_asym.pdbx_blank_PDB_chainid_flag 
_struct_asym.pdbx_modified 
_struct_asym.entity_id 
_struct_asym.details 
A N N 1 ? 
B N N 2 ? 
# 
_struct_ref.id                         1 
_struct_ref.db_name                    UNP 
_struct_ref.db_code                    FXR1_HUMAN 
_struct_ref.pdbx_db_accession          P51114 
_struct_ref.entity_id                  1 
_struct_ref.pdbx_seq_one_letter_code   
;AELTVEVRGSNGAFYKGFIKDVHEDSLTVVFENNWQPERQVPFNEVRLPPPPDIKKEISEGDEVEVYSRANDQEPCGWWL
AKVRMMKGEFYVIEYAACDATYNEIVTFERLRPVNQNKTVKKNTFFKCTVD
;
_struct_ref.pdbx_align_begin           2 
_struct_ref.pdbx_db_isoform            ? 
# 
_struct_ref_seq.align_id                      1 
_struct_ref_seq.ref_id                        1 
_struct_ref_seq.pdbx_PDB_id_code              3O8V 
_struct_ref_seq.pdbx_strand_id                A 
_struct_ref_seq.seq_align_beg                 1 
_struct_ref_seq.pdbx_seq_align_beg_ins_code   ? 
_struct_ref_seq.seq_align_end                 131 
_struct_ref_seq.pdbx_seq_align_end_ins_code   ? 
_struct_ref_seq.pdbx_db_accession             P51114 
_struct_ref_seq.db_align_beg                  2 
_struct_ref_seq.pdbx_db_align_beg_ins_code    ? 
_struct_ref_seq.db_align_end                  132 
_struct_ref_seq.pdbx_db_align_end_ins_code    ? 
_struct_ref_seq.pdbx_auth_seq_align_beg       1 
_struct_ref_seq.pdbx_auth_seq_align_end       131 
# 
_pdbx_struct_assembly.id                   1 
_pdbx_struct_assembly.details              author_and_software_defined_assembly 
_pdbx_struct_assembly.method_details       PISA 
_pdbx_struct_assembly.oligomeric_details   monomeric 
_pdbx_struct_assembly.oligomeric_count     1 
# 
_pdbx_struct_assembly_gen.assembly_id       1 
_pdbx_struct_assembly_gen.oper_expression   1 
_pdbx_struct_assembly_gen.asym_id_list      A,B 
# 
_pdbx_struct_oper_list.id                   1 
_pdbx_struct_oper_list.type                 'identity operation' 
_pdbx_struct_oper_list.name                 1_555 
_pdbx_struct_oper_list.symmetry_operation   x,y,z 
_pdbx_struct_oper_list.matrix[1][1]         1.0000000000 
_pdbx_struct_oper_list.matrix[1][2]         0.0000000000 
_pdbx_struct_oper_list.matrix[1][3]         0.0000000000 
_pdbx_struct_oper_list.vector[1]            0.0000000000 
_pdbx_struct_oper_list.matrix[2][1]         0.0000000000 
_pdbx_struct_oper_list.matrix[2][2]         1.0000000000 
_pdbx_struct_oper_list.matrix[2][3]         0.0000000000 
_pdbx_struct_oper_list.vector[2]            0.0000000000 
_pdbx_struct_oper_list.matrix[3][1]         0.0000000000 
_pdbx_struct_oper_list.matrix[3][2]         0.0000000000 
_pdbx_struct_oper_list.matrix[3][3]         1.0000000000 
_pdbx_struct_oper_list.vector[3]            0.0000000000 
# 
_struct_biol.id        1 
_struct_biol.details   ? 
# 
_struct_conf.conf_type_id            HELX_P 
_struct_conf.id                      HELX_P1 
_struct_conf.pdbx_PDB_helix_id       1 
_struct_conf.beg_label_comp_id       PRO 
_struct_conf.beg_label_asym_id       A 
_struct_conf.beg_label_seq_id        42 
_struct_conf.pdbx_beg_PDB_ins_code   ? 
_struct_conf.end_label_comp_id       ASN 
_struct_conf.end_label_asym_id       A 
_struct_conf.end_label_seq_id        44 
_struct_conf.pdbx_end_PDB_ins_code   ? 
_struct_conf.beg_auth_comp_id        PRO 
_struct_conf.beg_auth_asym_id        A 
_struct_conf.beg_auth_seq_id         42 
_struct_conf.end_auth_comp_id        ASN 
_struct_conf.end_auth_asym_id        A 
_struct_conf.end_auth_seq_id         44 
_struct_conf.pdbx_PDB_helix_class    5 
_struct_conf.details                 ? 
_struct_conf.pdbx_PDB_helix_length   3 
# 
_struct_conf_type.id          HELX_P 
_struct_conf_type.criteria    ? 
_struct_conf_type.reference   ? 
# 
loop_
_struct_sheet.id 
_struct_sheet.type 
_struct_sheet.number_strands 
_struct_sheet.details 
A ? 5 ? 
B ? 5 ? 
# 
loop_
_struct_sheet_order.sheet_id 
_struct_sheet_order.range_id_1 
_struct_sheet_order.range_id_2 
_struct_sheet_order.offset 
_struct_sheet_order.sense 
A 1 2 ? anti-parallel 
A 2 3 ? anti-parallel 
A 3 4 ? anti-parallel 
A 4 5 ? anti-parallel 
B 1 2 ? anti-parallel 
B 2 3 ? anti-parallel 
B 3 4 ? anti-parallel 
B 4 5 ? anti-parallel 
# 
loop_
_struct_sheet_range.sheet_id 
_struct_sheet_range.id 
_struct_sheet_range.beg_label_comp_id 
_struct_sheet_range.beg_label_asym_id 
_struct_sheet_range.beg_label_seq_id 
_struct_sheet_range.pdbx_beg_PDB_ins_code 
_struct_sheet_range.end_label_comp_id 
_struct_sheet_range.end_label_asym_id 
_struct_sheet_range.end_label_seq_id 
_struct_sheet_range.pdbx_end_PDB_ins_code 
_struct_sheet_range.beg_auth_comp_id 
_struct_sheet_range.beg_auth_asym_id 
_struct_sheet_range.beg_auth_seq_id 
_struct_sheet_range.end_auth_comp_id 
_struct_sheet_range.end_auth_asym_id 
_struct_sheet_range.end_auth_seq_id 
A 1 ARG A 39  ? VAL A 41  ? ARG A 39  VAL A 41  
A 2 LEU A 27  ? PHE A 31  ? LEU A 27  PHE A 31  
A 3 PHE A 14  ? VAL A 22  ? PHE A 14  VAL A 22  
A 4 THR A 4   ? ARG A 8   ? THR A 4   ARG A 8   
A 5 VAL A 46  ? ARG A 47  ? VAL A 46  ARG A 47  
B 1 GLU A 104 ? THR A 107 ? GLU A 104 THR A 107 
B 2 PHE A 90  ? GLU A 94  ? PHE A 90  GLU A 94  
B 3 GLY A 77  ? LYS A 87  ? GLY A 77  LYS A 87  
B 4 GLU A 63  ? SER A 68  ? GLU A 63  SER A 68  
B 5 LEU A 111 ? PRO A 113 ? LEU A 111 PRO A 113 
# 
loop_
_pdbx_struct_sheet_hbond.sheet_id 
_pdbx_struct_sheet_hbond.range_id_1 
_pdbx_struct_sheet_hbond.range_id_2 
_pdbx_struct_sheet_hbond.range_1_label_atom_id 
_pdbx_struct_sheet_hbond.range_1_label_comp_id 
_pdbx_struct_sheet_hbond.range_1_label_asym_id 
_pdbx_struct_sheet_hbond.range_1_label_seq_id 
_pdbx_struct_sheet_hbond.range_1_PDB_ins_code 
_pdbx_struct_sheet_hbond.range_1_auth_atom_id 
_pdbx_struct_sheet_hbond.range_1_auth_comp_id 
_pdbx_struct_sheet_hbond.range_1_auth_asym_id 
_pdbx_struct_sheet_hbond.range_1_auth_seq_id 
_pdbx_struct_sheet_hbond.range_2_label_atom_id 
_pdbx_struct_sheet_hbond.range_2_label_comp_id 
_pdbx_struct_sheet_hbond.range_2_label_asym_id 
_pdbx_struct_sheet_hbond.range_2_label_seq_id 
_pdbx_struct_sheet_hbond.range_2_PDB_ins_code 
_pdbx_struct_sheet_hbond.range_2_auth_atom_id 
_pdbx_struct_sheet_hbond.range_2_auth_comp_id 
_pdbx_struct_sheet_hbond.range_2_auth_asym_id 
_pdbx_struct_sheet_hbond.range_2_auth_seq_id 
A 1 2 O ARG A 39  ? O ARG A 39  N VAL A 29  ? N VAL A 29  
A 2 3 O THR A 28  ? O THR A 28  N LYS A 20  ? N LYS A 20  
A 3 4 O TYR A 15  ? O TYR A 15  N VAL A 7   ? N VAL A 7   
A 4 5 N GLU A 6   ? N GLU A 6   O ARG A 47  ? O ARG A 47  
B 1 2 O GLU A 104 ? O GLU A 104 N ILE A 93  ? N ILE A 93  
B 2 3 O VAL A 92  ? O VAL A 92  N MET A 85  ? N MET A 85  
B 3 4 O TRP A 79  ? O TRP A 79  N VAL A 66  ? N VAL A 66  
B 4 5 N GLU A 65  ? N GLU A 65  O ARG A 112 ? O ARG A 112 
# 
_pdbx_validate_torsion.id              1 
_pdbx_validate_torsion.PDB_model_num   1 
_pdbx_validate_torsion.auth_comp_id    ASN 
_pdbx_validate_torsion.auth_asym_id    A 
_pdbx_validate_torsion.auth_seq_id     33 
_pdbx_validate_torsion.PDB_ins_code    ? 
_pdbx_validate_torsion.label_alt_id    ? 
_pdbx_validate_torsion.phi             -172.50 
_pdbx_validate_torsion.psi             136.48 
# 
_pdbx_SG_project.id                    1 
_pdbx_SG_project.project_name          ? 
_pdbx_SG_project.full_name_of_center   'Structural Genomics Consortium' 
_pdbx_SG_project.initial_of_center     SGC 
# 
loop_
_pdbx_phasing_MAD_set.id 
_pdbx_phasing_MAD_set.d_res_low 
_pdbx_phasing_MAD_set.d_res_high 
_pdbx_phasing_MAD_set.reflns_acentric 
_pdbx_phasing_MAD_set.reflns_centric 
_pdbx_phasing_MAD_set.R_cullis_acentric 
_pdbx_phasing_MAD_set.R_cullis_centric 
ISO_1 35.93 2.50 6265 0 0.000 0.000 
ANO_1 35.93 2.50 6261 0 0.595 0.000 
# 
loop_
_pdbx_phasing_MAD_set_shell.id 
_pdbx_phasing_MAD_set_shell.d_res_low 
_pdbx_phasing_MAD_set_shell.d_res_high 
_pdbx_phasing_MAD_set_shell.reflns_acentric 
_pdbx_phasing_MAD_set_shell.reflns_centric 
_pdbx_phasing_MAD_set_shell.R_cullis_acentric 
_pdbx_phasing_MAD_set_shell.R_cullis_centric 
ISO_1 35.93 9.66 105 0 0.000 0.000 
ISO_1 9.66  6.95 186 0 0.000 0.000 
ISO_1 6.95  5.71 223 0 0.000 0.000 
ISO_1 5.71  4.96 287 0 0.000 0.000 
ISO_1 4.96  4.45 309 0 0.000 0.000 
ISO_1 4.45  4.07 344 0 0.000 0.000 
ISO_1 4.07  3.77 371 0 0.000 0.000 
ISO_1 3.77  3.53 410 0 0.000 0.000 
ISO_1 3.53  3.33 426 0 0.000 0.000 
ISO_1 3.33  3.16 453 0 0.000 0.000 
ISO_1 3.16  3.01 457 0 0.000 0.000 
ISO_1 3.01  2.88 493 0 0.000 0.000 
ISO_1 2.88  2.77 526 0 0.000 0.000 
ISO_1 2.77  2.67 551 0 0.000 0.000 
ISO_1 2.67  2.58 541 0 0.000 0.000 
ISO_1 2.58  2.50 583 0 0.000 0.000 
ANO_1 35.93 9.66 103 0 0.287 0.000 
ANO_1 9.66  6.95 186 0 0.229 0.000 
ANO_1 6.95  5.71 223 0 0.274 0.000 
ANO_1 5.71  4.96 287 0 0.366 0.000 
ANO_1 4.96  4.45 309 0 0.402 0.000 
ANO_1 4.45  4.07 344 0 0.581 0.000 
ANO_1 4.07  3.77 370 0 0.671 0.000 
ANO_1 3.77  3.53 410 0 0.649 0.000 
ANO_1 3.53  3.33 426 0 0.734 0.000 
ANO_1 3.33  3.16 453 0 0.787 0.000 
ANO_1 3.16  3.01 457 0 0.875 0.000 
ANO_1 3.01  2.88 493 0 0.929 0.000 
ANO_1 2.88  2.77 526 0 0.949 0.000 
ANO_1 2.77  2.67 551 0 0.978 0.000 
ANO_1 2.67  2.58 541 0 0.994 0.000 
ANO_1 2.58  2.50 582 0 1.002 0.000 
# 
loop_
_pdbx_phasing_MAD_set_site.id 
_pdbx_phasing_MAD_set_site.atom_type_symbol 
_pdbx_phasing_MAD_set_site.Cartn_x 
_pdbx_phasing_MAD_set_site.Cartn_y 
_pdbx_phasing_MAD_set_site.Cartn_z 
_pdbx_phasing_MAD_set_site.occupancy 
_pdbx_phasing_MAD_set_site.b_iso 
1 SE -18.036 -42.981 -38.330 0.91 81.05 
2 SE -19.355 -33.937 -42.016 0.88 72.42 
# 
loop_
_pdbx_phasing_MAD_shell.d_res_low 
_pdbx_phasing_MAD_shell.d_res_high 
_pdbx_phasing_MAD_shell.reflns_acentric 
_pdbx_phasing_MAD_shell.fom_acentric 
_pdbx_phasing_MAD_shell.reflns_centric 
_pdbx_phasing_MAD_shell.fom_centric 
35.93 9.66 105 0.611 0 0.000 
9.66  6.95 186 0.649 0 0.000 
6.95  5.71 223 0.617 0 0.000 
5.71  4.96 287 0.556 0 0.000 
4.96  4.45 309 0.553 0 0.000 
4.45  4.07 344 0.473 0 0.000 
4.07  3.77 371 0.400 0 0.000 
3.77  3.53 410 0.450 0 0.000 
3.53  3.33 426 0.411 0 0.000 
3.33  3.16 453 0.378 0 0.000 
3.16  3.01 457 0.307 0 0.000 
3.01  2.88 493 0.274 0 0.000 
2.88  2.77 526 0.238 0 0.000 
2.77  2.67 551 0.189 0 0.000 
2.67  2.58 541 0.157 0 0.000 
2.58  2.50 583 0.137 0 0.000 
# 
_pdbx_phasing_dm.entry_id   3O8V 
_pdbx_phasing_dm.method     'Solvent flattening  and Histogram matching' 
_pdbx_phasing_dm.reflns     6263 
# 
loop_
_pdbx_phasing_dm_shell.d_res_high 
_pdbx_phasing_dm_shell.d_res_low 
_pdbx_phasing_dm_shell.delta_phi_final 
_pdbx_phasing_dm_shell.delta_phi_initial 
_pdbx_phasing_dm_shell.fom_acentric 
_pdbx_phasing_dm_shell.fom_centric 
_pdbx_phasing_dm_shell.fom 
_pdbx_phasing_dm_shell.reflns_acentric 
_pdbx_phasing_dm_shell.reflns_centric 
_pdbx_phasing_dm_shell.reflns 
5.760 100.000 55.600 ? ? ? 0.847 ? ? 503 
4.600 5.760   51.000 ? ? ? 0.934 ? ? 511 
4.010 4.600   57.800 ? ? ? 0.937 ? ? 502 
3.650 4.010   57.500 ? ? ? 0.909 ? ? 502 
3.390 3.650   58.600 ? ? ? 0.898 ? ? 502 
3.190 3.390   67.400 ? ? ? 0.889 ? ? 511 
3.030 3.190   72.800 ? ? ? 0.886 ? ? 511 
2.890 3.030   75.900 ? ? ? 0.871 ? ? 507 
2.780 2.890   81.000 ? ? ? 0.794 ? ? 505 
2.680 2.780   76.700 ? ? ? 0.826 ? ? 503 
2.600 2.680   82.200 ? ? ? 0.809 ? ? 509 
2.500 2.600   85.800 ? ? ? 0.738 ? ? 697 
# 
_phasing.method   SAD 
# 
_phasing_MAD.entry_id               3O8V 
_phasing_MAD.pdbx_d_res_low         35.930 
_phasing_MAD.pdbx_d_res_high        2.500 
_phasing_MAD.pdbx_reflns_acentric   6265 
_phasing_MAD.pdbx_fom_acentric      0.346 
_phasing_MAD.pdbx_reflns_centric    0 
_phasing_MAD.pdbx_fom_centric       0.000 
# 
loop_
_pdbx_unobs_or_zero_occ_residues.id 
_pdbx_unobs_or_zero_occ_residues.PDB_model_num 
_pdbx_unobs_or_zero_occ_residues.polymer_flag 
_pdbx_unobs_or_zero_occ_residues.occupancy_flag 
_pdbx_unobs_or_zero_occ_residues.auth_asym_id 
_pdbx_unobs_or_zero_occ_residues.auth_comp_id 
_pdbx_unobs_or_zero_occ_residues.auth_seq_id 
_pdbx_unobs_or_zero_occ_residues.PDB_ins_code 
_pdbx_unobs_or_zero_occ_residues.label_asym_id 
_pdbx_unobs_or_zero_occ_residues.label_comp_id 
_pdbx_unobs_or_zero_occ_residues.label_seq_id 
1  1 Y 1 A ALA 1   ? A ALA 1   
2  1 Y 1 A GLU 2   ? A GLU 2   
3  1 Y 1 A ASP 53  ? A ASP 53  
4  1 Y 1 A ILE 54  ? A ILE 54  
5  1 Y 1 A LYS 55  ? A LYS 55  
6  1 Y 1 A LYS 56  ? A LYS 56  
7  1 Y 1 A GLU 57  ? A GLU 57  
8  1 Y 1 A ILE 58  ? A ILE 58  
9  1 Y 1 A ALA 70  ? A ALA 70  
10 1 Y 1 A ASN 71  ? A ASN 71  
11 1 Y 1 A ASP 72  ? A ASP 72  
12 1 Y 1 A GLN 73  ? A GLN 73  
13 1 Y 1 A GLU 74  ? A GLU 74  
14 1 Y 1 A ALA 96  ? A ALA 96  
15 1 Y 1 A ALA 97  ? A ALA 97  
16 1 Y 1 A CYS 98  ? A CYS 98  
17 1 Y 1 A ASP 99  ? A ASP 99  
18 1 Y 1 A ALA 100 ? A ALA 100 
19 1 Y 1 A THR 101 ? A THR 101 
20 1 Y 1 A LYS 122 ? A LYS 122 
21 1 Y 1 A ASN 123 ? A ASN 123 
22 1 Y 1 A THR 124 ? A THR 124 
23 1 Y 1 A PHE 125 ? A PHE 125 
24 1 Y 1 A PHE 126 ? A PHE 126 
25 1 Y 1 A LYS 127 ? A LYS 127 
26 1 Y 1 A CYS 128 ? A CYS 128 
27 1 Y 1 A THR 129 ? A THR 129 
28 1 Y 1 A VAL 130 ? A VAL 130 
29 1 Y 1 A ASP 131 ? A ASP 131 
# 
loop_
_chem_comp_atom.comp_id 
_chem_comp_atom.atom_id 
_chem_comp_atom.type_symbol 
_chem_comp_atom.pdbx_aromatic_flag 
_chem_comp_atom.pdbx_stereo_config 
_chem_comp_atom.pdbx_ordinal 
ALA N    N N N 1   
ALA CA   C N S 2   
ALA C    C N N 3   
ALA O    O N N 4   
ALA CB   C N N 5   
ALA OXT  O N N 6   
ALA H    H N N 7   
ALA H2   H N N 8   
ALA HA   H N N 9   
ALA HB1  H N N 10  
ALA HB2  H N N 11  
ALA HB3  H N N 12  
ALA HXT  H N N 13  
ARG N    N N N 14  
ARG CA   C N S 15  
ARG C    C N N 16  
ARG O    O N N 17  
ARG CB   C N N 18  
ARG CG   C N N 19  
ARG CD   C N N 20  
ARG NE   N N N 21  
ARG CZ   C N N 22  
ARG NH1  N N N 23  
ARG NH2  N N N 24  
ARG OXT  O N N 25  
ARG H    H N N 26  
ARG H2   H N N 27  
ARG HA   H N N 28  
ARG HB2  H N N 29  
ARG HB3  H N N 30  
ARG HG2  H N N 31  
ARG HG3  H N N 32  
ARG HD2  H N N 33  
ARG HD3  H N N 34  
ARG HE   H N N 35  
ARG HH11 H N N 36  
ARG HH12 H N N 37  
ARG HH21 H N N 38  
ARG HH22 H N N 39  
ARG HXT  H N N 40  
ASN N    N N N 41  
ASN CA   C N S 42  
ASN C    C N N 43  
ASN O    O N N 44  
ASN CB   C N N 45  
ASN CG   C N N 46  
ASN OD1  O N N 47  
ASN ND2  N N N 48  
ASN OXT  O N N 49  
ASN H    H N N 50  
ASN H2   H N N 51  
ASN HA   H N N 52  
ASN HB2  H N N 53  
ASN HB3  H N N 54  
ASN HD21 H N N 55  
ASN HD22 H N N 56  
ASN HXT  H N N 57  
ASP N    N N N 58  
ASP CA   C N S 59  
ASP C    C N N 60  
ASP O    O N N 61  
ASP CB   C N N 62  
ASP CG   C N N 63  
ASP OD1  O N N 64  
ASP OD2  O N N 65  
ASP OXT  O N N 66  
ASP H    H N N 67  
ASP H2   H N N 68  
ASP HA   H N N 69  
ASP HB2  H N N 70  
ASP HB3  H N N 71  
ASP HD2  H N N 72  
ASP HXT  H N N 73  
CYS N    N N N 74  
CYS CA   C N R 75  
CYS C    C N N 76  
CYS O    O N N 77  
CYS CB   C N N 78  
CYS SG   S N N 79  
CYS OXT  O N N 80  
CYS H    H N N 81  
CYS H2   H N N 82  
CYS HA   H N N 83  
CYS HB2  H N N 84  
CYS HB3  H N N 85  
CYS HG   H N N 86  
CYS HXT  H N N 87  
GLN N    N N N 88  
GLN CA   C N S 89  
GLN C    C N N 90  
GLN O    O N N 91  
GLN CB   C N N 92  
GLN CG   C N N 93  
GLN CD   C N N 94  
GLN OE1  O N N 95  
GLN NE2  N N N 96  
GLN OXT  O N N 97  
GLN H    H N N 98  
GLN H2   H N N 99  
GLN HA   H N N 100 
GLN HB2  H N N 101 
GLN HB3  H N N 102 
GLN HG2  H N N 103 
GLN HG3  H N N 104 
GLN HE21 H N N 105 
GLN HE22 H N N 106 
GLN HXT  H N N 107 
GLU N    N N N 108 
GLU CA   C N S 109 
GLU C    C N N 110 
GLU O    O N N 111 
GLU CB   C N N 112 
GLU CG   C N N 113 
GLU CD   C N N 114 
GLU OE1  O N N 115 
GLU OE2  O N N 116 
GLU OXT  O N N 117 
GLU H    H N N 118 
GLU H2   H N N 119 
GLU HA   H N N 120 
GLU HB2  H N N 121 
GLU HB3  H N N 122 
GLU HG2  H N N 123 
GLU HG3  H N N 124 
GLU HE2  H N N 125 
GLU HXT  H N N 126 
GLY N    N N N 127 
GLY CA   C N N 128 
GLY C    C N N 129 
GLY O    O N N 130 
GLY OXT  O N N 131 
GLY H    H N N 132 
GLY H2   H N N 133 
GLY HA2  H N N 134 
GLY HA3  H N N 135 
GLY HXT  H N N 136 
HIS N    N N N 137 
HIS CA   C N S 138 
HIS C    C N N 139 
HIS O    O N N 140 
HIS CB   C N N 141 
HIS CG   C Y N 142 
HIS ND1  N Y N 143 
HIS CD2  C Y N 144 
HIS CE1  C Y N 145 
HIS NE2  N Y N 146 
HIS OXT  O N N 147 
HIS H    H N N 148 
HIS H2   H N N 149 
HIS HA   H N N 150 
HIS HB2  H N N 151 
HIS HB3  H N N 152 
HIS HD1  H N N 153 
HIS HD2  H N N 154 
HIS HE1  H N N 155 
HIS HE2  H N N 156 
HIS HXT  H N N 157 
HOH O    O N N 158 
HOH H1   H N N 159 
HOH H2   H N N 160 
ILE N    N N N 161 
ILE CA   C N S 162 
ILE C    C N N 163 
ILE O    O N N 164 
ILE CB   C N S 165 
ILE CG1  C N N 166 
ILE CG2  C N N 167 
ILE CD1  C N N 168 
ILE OXT  O N N 169 
ILE H    H N N 170 
ILE H2   H N N 171 
ILE HA   H N N 172 
ILE HB   H N N 173 
ILE HG12 H N N 174 
ILE HG13 H N N 175 
ILE HG21 H N N 176 
ILE HG22 H N N 177 
ILE HG23 H N N 178 
ILE HD11 H N N 179 
ILE HD12 H N N 180 
ILE HD13 H N N 181 
ILE HXT  H N N 182 
LEU N    N N N 183 
LEU CA   C N S 184 
LEU C    C N N 185 
LEU O    O N N 186 
LEU CB   C N N 187 
LEU CG   C N N 188 
LEU CD1  C N N 189 
LEU CD2  C N N 190 
LEU OXT  O N N 191 
LEU H    H N N 192 
LEU H2   H N N 193 
LEU HA   H N N 194 
LEU HB2  H N N 195 
LEU HB3  H N N 196 
LEU HG   H N N 197 
LEU HD11 H N N 198 
LEU HD12 H N N 199 
LEU HD13 H N N 200 
LEU HD21 H N N 201 
LEU HD22 H N N 202 
LEU HD23 H N N 203 
LEU HXT  H N N 204 
LYS N    N N N 205 
LYS CA   C N S 206 
LYS C    C N N 207 
LYS O    O N N 208 
LYS CB   C N N 209 
LYS CG   C N N 210 
LYS CD   C N N 211 
LYS CE   C N N 212 
LYS NZ   N N N 213 
LYS OXT  O N N 214 
LYS H    H N N 215 
LYS H2   H N N 216 
LYS HA   H N N 217 
LYS HB2  H N N 218 
LYS HB3  H N N 219 
LYS HG2  H N N 220 
LYS HG3  H N N 221 
LYS HD2  H N N 222 
LYS HD3  H N N 223 
LYS HE2  H N N 224 
LYS HE3  H N N 225 
LYS HZ1  H N N 226 
LYS HZ2  H N N 227 
LYS HZ3  H N N 228 
LYS HXT  H N N 229 
MET N    N N N 230 
MET CA   C N S 231 
MET C    C N N 232 
MET O    O N N 233 
MET CB   C N N 234 
MET CG   C N N 235 
MET SD   S N N 236 
MET CE   C N N 237 
MET OXT  O N N 238 
MET H    H N N 239 
MET H2   H N N 240 
MET HA   H N N 241 
MET HB2  H N N 242 
MET HB3  H N N 243 
MET HG2  H N N 244 
MET HG3  H N N 245 
MET HE1  H N N 246 
MET HE2  H N N 247 
MET HE3  H N N 248 
MET HXT  H N N 249 
PHE N    N N N 250 
PHE CA   C N S 251 
PHE C    C N N 252 
PHE O    O N N 253 
PHE CB   C N N 254 
PHE CG   C Y N 255 
PHE CD1  C Y N 256 
PHE CD2  C Y N 257 
PHE CE1  C Y N 258 
PHE CE2  C Y N 259 
PHE CZ   C Y N 260 
PHE OXT  O N N 261 
PHE H    H N N 262 
PHE H2   H N N 263 
PHE HA   H N N 264 
PHE HB2  H N N 265 
PHE HB3  H N N 266 
PHE HD1  H N N 267 
PHE HD2  H N N 268 
PHE HE1  H N N 269 
PHE HE2  H N N 270 
PHE HZ   H N N 271 
PHE HXT  H N N 272 
PRO N    N N N 273 
PRO CA   C N S 274 
PRO C    C N N 275 
PRO O    O N N 276 
PRO CB   C N N 277 
PRO CG   C N N 278 
PRO CD   C N N 279 
PRO OXT  O N N 280 
PRO H    H N N 281 
PRO HA   H N N 282 
PRO HB2  H N N 283 
PRO HB3  H N N 284 
PRO HG2  H N N 285 
PRO HG3  H N N 286 
PRO HD2  H N N 287 
PRO HD3  H N N 288 
PRO HXT  H N N 289 
SER N    N N N 290 
SER CA   C N S 291 
SER C    C N N 292 
SER O    O N N 293 
SER CB   C N N 294 
SER OG   O N N 295 
SER OXT  O N N 296 
SER H    H N N 297 
SER H2   H N N 298 
SER HA   H N N 299 
SER HB2  H N N 300 
SER HB3  H N N 301 
SER HG   H N N 302 
SER HXT  H N N 303 
THR N    N N N 304 
THR CA   C N S 305 
THR C    C N N 306 
THR O    O N N 307 
THR CB   C N R 308 
THR OG1  O N N 309 
THR CG2  C N N 310 
THR OXT  O N N 311 
THR H    H N N 312 
THR H2   H N N 313 
THR HA   H N N 314 
THR HB   H N N 315 
THR HG1  H N N 316 
THR HG21 H N N 317 
THR HG22 H N N 318 
THR HG23 H N N 319 
THR HXT  H N N 320 
TRP N    N N N 321 
TRP CA   C N S 322 
TRP C    C N N 323 
TRP O    O N N 324 
TRP CB   C N N 325 
TRP CG   C Y N 326 
TRP CD1  C Y N 327 
TRP CD2  C Y N 328 
TRP NE1  N Y N 329 
TRP CE2  C Y N 330 
TRP CE3  C Y N 331 
TRP CZ2  C Y N 332 
TRP CZ3  C Y N 333 
TRP CH2  C Y N 334 
TRP OXT  O N N 335 
TRP H    H N N 336 
TRP H2   H N N 337 
TRP HA   H N N 338 
TRP HB2  H N N 339 
TRP HB3  H N N 340 
TRP HD1  H N N 341 
TRP HE1  H N N 342 
TRP HE3  H N N 343 
TRP HZ2  H N N 344 
TRP HZ3  H N N 345 
TRP HH2  H N N 346 
TRP HXT  H N N 347 
TYR N    N N N 348 
TYR CA   C N S 349 
TYR C    C N N 350 
TYR O    O N N 351 
TYR CB   C N N 352 
TYR CG   C Y N 353 
TYR CD1  C Y N 354 
TYR CD2  C Y N 355 
TYR CE1  C Y N 356 
TYR CE2  C Y N 357 
TYR CZ   C Y N 358 
TYR OH   O N N 359 
TYR OXT  O N N 360 
TYR H    H N N 361 
TYR H2   H N N 362 
TYR HA   H N N 363 
TYR HB2  H N N 364 
TYR HB3  H N N 365 
TYR HD1  H N N 366 
TYR HD2  H N N 367 
TYR HE1  H N N 368 
TYR HE2  H N N 369 
TYR HH   H N N 370 
TYR HXT  H N N 371 
VAL N    N N N 372 
VAL CA   C N S 373 
VAL C    C N N 374 
VAL O    O N N 375 
VAL CB   C N N 376 
VAL CG1  C N N 377 
VAL CG2  C N N 378 
VAL OXT  O N N 379 
VAL H    H N N 380 
VAL H2   H N N 381 
VAL HA   H N N 382 
VAL HB   H N N 383 
VAL HG11 H N N 384 
VAL HG12 H N N 385 
VAL HG13 H N N 386 
VAL HG21 H N N 387 
VAL HG22 H N N 388 
VAL HG23 H N N 389 
VAL HXT  H N N 390 
# 
loop_
_chem_comp_bond.comp_id 
_chem_comp_bond.atom_id_1 
_chem_comp_bond.atom_id_2 
_chem_comp_bond.value_order 
_chem_comp_bond.pdbx_aromatic_flag 
_chem_comp_bond.pdbx_stereo_config 
_chem_comp_bond.pdbx_ordinal 
ALA N   CA   sing N N 1   
ALA N   H    sing N N 2   
ALA N   H2   sing N N 3   
ALA CA  C    sing N N 4   
ALA CA  CB   sing N N 5   
ALA CA  HA   sing N N 6   
ALA C   O    doub N N 7   
ALA C   OXT  sing N N 8   
ALA CB  HB1  sing N N 9   
ALA CB  HB2  sing N N 10  
ALA CB  HB3  sing N N 11  
ALA OXT HXT  sing N N 12  
ARG N   CA   sing N N 13  
ARG N   H    sing N N 14  
ARG N   H2   sing N N 15  
ARG CA  C    sing N N 16  
ARG CA  CB   sing N N 17  
ARG CA  HA   sing N N 18  
ARG C   O    doub N N 19  
ARG C   OXT  sing N N 20  
ARG CB  CG   sing N N 21  
ARG CB  HB2  sing N N 22  
ARG CB  HB3  sing N N 23  
ARG CG  CD   sing N N 24  
ARG CG  HG2  sing N N 25  
ARG CG  HG3  sing N N 26  
ARG CD  NE   sing N N 27  
ARG CD  HD2  sing N N 28  
ARG CD  HD3  sing N N 29  
ARG NE  CZ   sing N N 30  
ARG NE  HE   sing N N 31  
ARG CZ  NH1  sing N N 32  
ARG CZ  NH2  doub N N 33  
ARG NH1 HH11 sing N N 34  
ARG NH1 HH12 sing N N 35  
ARG NH2 HH21 sing N N 36  
ARG NH2 HH22 sing N N 37  
ARG OXT HXT  sing N N 38  
ASN N   CA   sing N N 39  
ASN N   H    sing N N 40  
ASN N   H2   sing N N 41  
ASN CA  C    sing N N 42  
ASN CA  CB   sing N N 43  
ASN CA  HA   sing N N 44  
ASN C   O    doub N N 45  
ASN C   OXT  sing N N 46  
ASN CB  CG   sing N N 47  
ASN CB  HB2  sing N N 48  
ASN CB  HB3  sing N N 49  
ASN CG  OD1  doub N N 50  
ASN CG  ND2  sing N N 51  
ASN ND2 HD21 sing N N 52  
ASN ND2 HD22 sing N N 53  
ASN OXT HXT  sing N N 54  
ASP N   CA   sing N N 55  
ASP N   H    sing N N 56  
ASP N   H2   sing N N 57  
ASP CA  C    sing N N 58  
ASP CA  CB   sing N N 59  
ASP CA  HA   sing N N 60  
ASP C   O    doub N N 61  
ASP C   OXT  sing N N 62  
ASP CB  CG   sing N N 63  
ASP CB  HB2  sing N N 64  
ASP CB  HB3  sing N N 65  
ASP CG  OD1  doub N N 66  
ASP CG  OD2  sing N N 67  
ASP OD2 HD2  sing N N 68  
ASP OXT HXT  sing N N 69  
CYS N   CA   sing N N 70  
CYS N   H    sing N N 71  
CYS N   H2   sing N N 72  
CYS CA  C    sing N N 73  
CYS CA  CB   sing N N 74  
CYS CA  HA   sing N N 75  
CYS C   O    doub N N 76  
CYS C   OXT  sing N N 77  
CYS CB  SG   sing N N 78  
CYS CB  HB2  sing N N 79  
CYS CB  HB3  sing N N 80  
CYS SG  HG   sing N N 81  
CYS OXT HXT  sing N N 82  
GLN N   CA   sing N N 83  
GLN N   H    sing N N 84  
GLN N   H2   sing N N 85  
GLN CA  C    sing N N 86  
GLN CA  CB   sing N N 87  
GLN CA  HA   sing N N 88  
GLN C   O    doub N N 89  
GLN C   OXT  sing N N 90  
GLN CB  CG   sing N N 91  
GLN CB  HB2  sing N N 92  
GLN CB  HB3  sing N N 93  
GLN CG  CD   sing N N 94  
GLN CG  HG2  sing N N 95  
GLN CG  HG3  sing N N 96  
GLN CD  OE1  doub N N 97  
GLN CD  NE2  sing N N 98  
GLN NE2 HE21 sing N N 99  
GLN NE2 HE22 sing N N 100 
GLN OXT HXT  sing N N 101 
GLU N   CA   sing N N 102 
GLU N   H    sing N N 103 
GLU N   H2   sing N N 104 
GLU CA  C    sing N N 105 
GLU CA  CB   sing N N 106 
GLU CA  HA   sing N N 107 
GLU C   O    doub N N 108 
GLU C   OXT  sing N N 109 
GLU CB  CG   sing N N 110 
GLU CB  HB2  sing N N 111 
GLU CB  HB3  sing N N 112 
GLU CG  CD   sing N N 113 
GLU CG  HG2  sing N N 114 
GLU CG  HG3  sing N N 115 
GLU CD  OE1  doub N N 116 
GLU CD  OE2  sing N N 117 
GLU OE2 HE2  sing N N 118 
GLU OXT HXT  sing N N 119 
GLY N   CA   sing N N 120 
GLY N   H    sing N N 121 
GLY N   H2   sing N N 122 
GLY CA  C    sing N N 123 
GLY CA  HA2  sing N N 124 
GLY CA  HA3  sing N N 125 
GLY C   O    doub N N 126 
GLY C   OXT  sing N N 127 
GLY OXT HXT  sing N N 128 
HIS N   CA   sing N N 129 
HIS N   H    sing N N 130 
HIS N   H2   sing N N 131 
HIS CA  C    sing N N 132 
HIS CA  CB   sing N N 133 
HIS CA  HA   sing N N 134 
HIS C   O    doub N N 135 
HIS C   OXT  sing N N 136 
HIS CB  CG   sing N N 137 
HIS CB  HB2  sing N N 138 
HIS CB  HB3  sing N N 139 
HIS CG  ND1  sing Y N 140 
HIS CG  CD2  doub Y N 141 
HIS ND1 CE1  doub Y N 142 
HIS ND1 HD1  sing N N 143 
HIS CD2 NE2  sing Y N 144 
HIS CD2 HD2  sing N N 145 
HIS CE1 NE2  sing Y N 146 
HIS CE1 HE1  sing N N 147 
HIS NE2 HE2  sing N N 148 
HIS OXT HXT  sing N N 149 
HOH O   H1   sing N N 150 
HOH O   H2   sing N N 151 
ILE N   CA   sing N N 152 
ILE N   H    sing N N 153 
ILE N   H2   sing N N 154 
ILE CA  C    sing N N 155 
ILE CA  CB   sing N N 156 
ILE CA  HA   sing N N 157 
ILE C   O    doub N N 158 
ILE C   OXT  sing N N 159 
ILE CB  CG1  sing N N 160 
ILE CB  CG2  sing N N 161 
ILE CB  HB   sing N N 162 
ILE CG1 CD1  sing N N 163 
ILE CG1 HG12 sing N N 164 
ILE CG1 HG13 sing N N 165 
ILE CG2 HG21 sing N N 166 
ILE CG2 HG22 sing N N 167 
ILE CG2 HG23 sing N N 168 
ILE CD1 HD11 sing N N 169 
ILE CD1 HD12 sing N N 170 
ILE CD1 HD13 sing N N 171 
ILE OXT HXT  sing N N 172 
LEU N   CA   sing N N 173 
LEU N   H    sing N N 174 
LEU N   H2   sing N N 175 
LEU CA  C    sing N N 176 
LEU CA  CB   sing N N 177 
LEU CA  HA   sing N N 178 
LEU C   O    doub N N 179 
LEU C   OXT  sing N N 180 
LEU CB  CG   sing N N 181 
LEU CB  HB2  sing N N 182 
LEU CB  HB3  sing N N 183 
LEU CG  CD1  sing N N 184 
LEU CG  CD2  sing N N 185 
LEU CG  HG   sing N N 186 
LEU CD1 HD11 sing N N 187 
LEU CD1 HD12 sing N N 188 
LEU CD1 HD13 sing N N 189 
LEU CD2 HD21 sing N N 190 
LEU CD2 HD22 sing N N 191 
LEU CD2 HD23 sing N N 192 
LEU OXT HXT  sing N N 193 
LYS N   CA   sing N N 194 
LYS N   H    sing N N 195 
LYS N   H2   sing N N 196 
LYS CA  C    sing N N 197 
LYS CA  CB   sing N N 198 
LYS CA  HA   sing N N 199 
LYS C   O    doub N N 200 
LYS C   OXT  sing N N 201 
LYS CB  CG   sing N N 202 
LYS CB  HB2  sing N N 203 
LYS CB  HB3  sing N N 204 
LYS CG  CD   sing N N 205 
LYS CG  HG2  sing N N 206 
LYS CG  HG3  sing N N 207 
LYS CD  CE   sing N N 208 
LYS CD  HD2  sing N N 209 
LYS CD  HD3  sing N N 210 
LYS CE  NZ   sing N N 211 
LYS CE  HE2  sing N N 212 
LYS CE  HE3  sing N N 213 
LYS NZ  HZ1  sing N N 214 
LYS NZ  HZ2  sing N N 215 
LYS NZ  HZ3  sing N N 216 
LYS OXT HXT  sing N N 217 
MET N   CA   sing N N 218 
MET N   H    sing N N 219 
MET N   H2   sing N N 220 
MET CA  C    sing N N 221 
MET CA  CB   sing N N 222 
MET CA  HA   sing N N 223 
MET C   O    doub N N 224 
MET C   OXT  sing N N 225 
MET CB  CG   sing N N 226 
MET CB  HB2  sing N N 227 
MET CB  HB3  sing N N 228 
MET CG  SD   sing N N 229 
MET CG  HG2  sing N N 230 
MET CG  HG3  sing N N 231 
MET SD  CE   sing N N 232 
MET CE  HE1  sing N N 233 
MET CE  HE2  sing N N 234 
MET CE  HE3  sing N N 235 
MET OXT HXT  sing N N 236 
PHE N   CA   sing N N 237 
PHE N   H    sing N N 238 
PHE N   H2   sing N N 239 
PHE CA  C    sing N N 240 
PHE CA  CB   sing N N 241 
PHE CA  HA   sing N N 242 
PHE C   O    doub N N 243 
PHE C   OXT  sing N N 244 
PHE CB  CG   sing N N 245 
PHE CB  HB2  sing N N 246 
PHE CB  HB3  sing N N 247 
PHE CG  CD1  doub Y N 248 
PHE CG  CD2  sing Y N 249 
PHE CD1 CE1  sing Y N 250 
PHE CD1 HD1  sing N N 251 
PHE CD2 CE2  doub Y N 252 
PHE CD2 HD2  sing N N 253 
PHE CE1 CZ   doub Y N 254 
PHE CE1 HE1  sing N N 255 
PHE CE2 CZ   sing Y N 256 
PHE CE2 HE2  sing N N 257 
PHE CZ  HZ   sing N N 258 
PHE OXT HXT  sing N N 259 
PRO N   CA   sing N N 260 
PRO N   CD   sing N N 261 
PRO N   H    sing N N 262 
PRO CA  C    sing N N 263 
PRO CA  CB   sing N N 264 
PRO CA  HA   sing N N 265 
PRO C   O    doub N N 266 
PRO C   OXT  sing N N 267 
PRO CB  CG   sing N N 268 
PRO CB  HB2  sing N N 269 
PRO CB  HB3  sing N N 270 
PRO CG  CD   sing N N 271 
PRO CG  HG2  sing N N 272 
PRO CG  HG3  sing N N 273 
PRO CD  HD2  sing N N 274 
PRO CD  HD3  sing N N 275 
PRO OXT HXT  sing N N 276 
SER N   CA   sing N N 277 
SER N   H    sing N N 278 
SER N   H2   sing N N 279 
SER CA  C    sing N N 280 
SER CA  CB   sing N N 281 
SER CA  HA   sing N N 282 
SER C   O    doub N N 283 
SER C   OXT  sing N N 284 
SER CB  OG   sing N N 285 
SER CB  HB2  sing N N 286 
SER CB  HB3  sing N N 287 
SER OG  HG   sing N N 288 
SER OXT HXT  sing N N 289 
THR N   CA   sing N N 290 
THR N   H    sing N N 291 
THR N   H2   sing N N 292 
THR CA  C    sing N N 293 
THR CA  CB   sing N N 294 
THR CA  HA   sing N N 295 
THR C   O    doub N N 296 
THR C   OXT  sing N N 297 
THR CB  OG1  sing N N 298 
THR CB  CG2  sing N N 299 
THR CB  HB   sing N N 300 
THR OG1 HG1  sing N N 301 
THR CG2 HG21 sing N N 302 
THR CG2 HG22 sing N N 303 
THR CG2 HG23 sing N N 304 
THR OXT HXT  sing N N 305 
TRP N   CA   sing N N 306 
TRP N   H    sing N N 307 
TRP N   H2   sing N N 308 
TRP CA  C    sing N N 309 
TRP CA  CB   sing N N 310 
TRP CA  HA   sing N N 311 
TRP C   O    doub N N 312 
TRP C   OXT  sing N N 313 
TRP CB  CG   sing N N 314 
TRP CB  HB2  sing N N 315 
TRP CB  HB3  sing N N 316 
TRP CG  CD1  doub Y N 317 
TRP CG  CD2  sing Y N 318 
TRP CD1 NE1  sing Y N 319 
TRP CD1 HD1  sing N N 320 
TRP CD2 CE2  doub Y N 321 
TRP CD2 CE3  sing Y N 322 
TRP NE1 CE2  sing Y N 323 
TRP NE1 HE1  sing N N 324 
TRP CE2 CZ2  sing Y N 325 
TRP CE3 CZ3  doub Y N 326 
TRP CE3 HE3  sing N N 327 
TRP CZ2 CH2  doub Y N 328 
TRP CZ2 HZ2  sing N N 329 
TRP CZ3 CH2  sing Y N 330 
TRP CZ3 HZ3  sing N N 331 
TRP CH2 HH2  sing N N 332 
TRP OXT HXT  sing N N 333 
TYR N   CA   sing N N 334 
TYR N   H    sing N N 335 
TYR N   H2   sing N N 336 
TYR CA  C    sing N N 337 
TYR CA  CB   sing N N 338 
TYR CA  HA   sing N N 339 
TYR C   O    doub N N 340 
TYR C   OXT  sing N N 341 
TYR CB  CG   sing N N 342 
TYR CB  HB2  sing N N 343 
TYR CB  HB3  sing N N 344 
TYR CG  CD1  doub Y N 345 
TYR CG  CD2  sing Y N 346 
TYR CD1 CE1  sing Y N 347 
TYR CD1 HD1  sing N N 348 
TYR CD2 CE2  doub Y N 349 
TYR CD2 HD2  sing N N 350 
TYR CE1 CZ   doub Y N 351 
TYR CE1 HE1  sing N N 352 
TYR CE2 CZ   sing Y N 353 
TYR CE2 HE2  sing N N 354 
TYR CZ  OH   sing N N 355 
TYR OH  HH   sing N N 356 
TYR OXT HXT  sing N N 357 
VAL N   CA   sing N N 358 
VAL N   H    sing N N 359 
VAL N   H2   sing N N 360 
VAL CA  C    sing N N 361 
VAL CA  CB   sing N N 362 
VAL CA  HA   sing N N 363 
VAL C   O    doub N N 364 
VAL C   OXT  sing N N 365 
VAL CB  CG1  sing N N 366 
VAL CB  CG2  sing N N 367 
VAL CB  HB   sing N N 368 
VAL CG1 HG11 sing N N 369 
VAL CG1 HG12 sing N N 370 
VAL CG1 HG13 sing N N 371 
VAL CG2 HG21 sing N N 372 
VAL CG2 HG22 sing N N 373 
VAL CG2 HG23 sing N N 374 
VAL OXT HXT  sing N N 375 
# 
loop_
_pdbx_reflns_twin.domain_id 
_pdbx_reflns_twin.crystal_id 
_pdbx_reflns_twin.diffrn_id 
_pdbx_reflns_twin.fraction 
_pdbx_reflns_twin.operator 
_pdbx_reflns_twin.type 
_pdbx_reflns_twin.mean_F_square_over_mean_F2 
_pdbx_reflns_twin.mean_I2_over_mean_I_square 
1 1 1 0.941 'H,  K,  L' ? ? ? 
2 1 1 0.059 'K,  H, -L' ? ? ? 
# 
_atom_sites.entry_id                    3O8V 
_atom_sites.fract_transf_matrix[1][1]   0.01538338 
_atom_sites.fract_transf_matrix[1][2]   -0.00039203 
_atom_sites.fract_transf_matrix[1][3]   -0.00463055 
_atom_sites.fract_transf_matrix[2][1]   0.00381942 
_atom_sites.fract_transf_matrix[2][2]   -0.00505776 
_atom_sites.fract_transf_matrix[2][3]   -0.01476631 
_atom_sites.fract_transf_matrix[3][1]   -0.00083824 
_atom_sites.fract_transf_matrix[3][2]   0.00995868 
_atom_sites.fract_transf_matrix[3][3]   -0.00362787 
_atom_sites.fract_transf_vector[1]      0.214239 
_atom_sites.fract_transf_vector[2]      0.221238 
_atom_sites.fract_transf_vector[3]      0.588853 
# 
loop_
_atom_type.symbol 
C 
N 
O 
S 
# 
loop_
_atom_site.group_PDB 
_atom_site.id 
_atom_site.type_symbol 
_atom_site.label_atom_id 
_atom_site.label_alt_id 
_atom_site.label_comp_id 
_atom_site.label_asym_id 
_atom_site.label_entity_id 
_atom_site.label_seq_id 
_atom_site.pdbx_PDB_ins_code 
_atom_site.Cartn_x 
_atom_site.Cartn_y 
_atom_site.Cartn_z 
_atom_site.occupancy 
_atom_site.B_iso_or_equiv 
_atom_site.pdbx_formal_charge 
_atom_site.auth_seq_id 
_atom_site.auth_comp_id 
_atom_site.auth_asym_id 
_atom_site.auth_atom_id 
_atom_site.pdbx_PDB_model_num 
ATOM   1   N N   . LEU A 1 3   ? -7.536  -12.238 8.558   1.00 65.50  ? 3   LEU A N   1 
ATOM   2   C CA  . LEU A 1 3   ? -6.194  -12.171 7.862   1.00 66.98  ? 3   LEU A CA  1 
ATOM   3   C C   . LEU A 1 3   ? -5.894  -10.913 7.033   1.00 65.79  ? 3   LEU A C   1 
ATOM   4   O O   . LEU A 1 3   ? -6.592  -10.623 6.063   1.00 67.77  ? 3   LEU A O   1 
ATOM   5   C CB  . LEU A 1 3   ? -5.966  -13.390 6.947   1.00 79.07  ? 3   LEU A CB  1 
ATOM   6   C CG  . LEU A 1 3   ? -4.637  -13.282 6.144   1.00 70.78  ? 3   LEU A CG  1 
ATOM   7   C CD1 . LEU A 1 3   ? -3.390  -13.588 7.008   1.00 68.42  ? 3   LEU A CD1 1 
ATOM   8   C CD2 . LEU A 1 3   ? -4.640  -14.157 4.920   1.00 53.05  ? 3   LEU A CD2 1 
ATOM   9   N N   . THR A 1 4   ? -4.808  -10.226 7.377   1.00 53.23  ? 4   THR A N   1 
ATOM   10  C CA  . THR A 1 4   ? -4.505  -8.936  6.795   1.00 51.96  ? 4   THR A CA  1 
ATOM   11  C C   . THR A 1 4   ? -3.924  -9.002  5.384   1.00 64.25  ? 4   THR A C   1 
ATOM   12  O O   . THR A 1 4   ? -3.137  -9.889  5.065   1.00 85.92  ? 4   THR A O   1 
ATOM   13  C CB  . THR A 1 4   ? -3.578  -8.072  7.731   1.00 57.02  ? 4   THR A CB  1 
ATOM   14  O OG1 . THR A 1 4   ? -4.127  -8.054  9.054   1.00 60.94  ? 4   THR A OG1 1 
ATOM   15  C CG2 . THR A 1 4   ? -3.511  -6.591  7.238   1.00 45.28  ? 4   THR A CG2 1 
ATOM   16  N N   . VAL A 1 5   ? -4.258  -7.993  4.579   1.00 63.31  ? 5   VAL A N   1 
ATOM   17  C CA  . VAL A 1 5   ? -4.074  -8.011  3.134   1.00 48.54  ? 5   VAL A CA  1 
ATOM   18  C C   . VAL A 1 5   ? -3.965  -6.552  2.627   1.00 58.59  ? 5   VAL A C   1 
ATOM   19  O O   . VAL A 1 5   ? -4.325  -5.638  3.372   1.00 59.58  ? 5   VAL A O   1 
ATOM   20  C CB  . VAL A 1 5   ? -5.308  -8.735  2.606   1.00 56.21  ? 5   VAL A CB  1 
ATOM   21  C CG1 . VAL A 1 5   ? -6.137  -7.885  1.699   1.00 45.62  ? 5   VAL A CG1 1 
ATOM   22  C CG2 . VAL A 1 5   ? -4.933  -10.088 2.061   1.00 52.42  ? 5   VAL A CG2 1 
ATOM   23  N N   . GLU A 1 6   ? -3.451  -6.333  1.403   1.00 51.79  ? 6   GLU A N   1 
ATOM   24  C CA  . GLU A 1 6   ? -3.415  -5.011  0.744   1.00 48.32  ? 6   GLU A CA  1 
ATOM   25  C C   . GLU A 1 6   ? -4.066  -5.142  -0.620  1.00 53.24  ? 6   GLU A C   1 
ATOM   26  O O   . GLU A 1 6   ? -3.784  -6.099  -1.348  1.00 51.88  ? 6   GLU A O   1 
ATOM   27  C CB  . GLU A 1 6   ? -1.987  -4.506  0.517   1.00 46.67  ? 6   GLU A CB  1 
ATOM   28  C CG  . GLU A 1 6   ? -1.275  -4.075  1.821   1.00 50.36  ? 6   GLU A CG  1 
ATOM   29  C CD  . GLU A 1 6   ? 0.222   -3.758  1.606   1.00 63.14  ? 6   GLU A CD  1 
ATOM   30  O OE1 . GLU A 1 6   ? 0.962   -3.449  2.596   1.00 56.52  ? 6   GLU A OE1 1 
ATOM   31  O OE2 . GLU A 1 6   ? 0.659   -3.814  0.430   1.00 53.08  ? 6   GLU A OE2 1 
ATOM   32  N N   . VAL A 1 7   ? -4.904  -4.161  -0.972  1.00 52.46  ? 7   VAL A N   1 
ATOM   33  C CA  . VAL A 1 7   ? -5.745  -4.236  -2.160  1.00 53.58  ? 7   VAL A CA  1 
ATOM   34  C C   . VAL A 1 7   ? -5.476  -3.102  -3.088  1.00 57.73  ? 7   VAL A C   1 
ATOM   35  O O   . VAL A 1 7   ? -5.427  -1.954  -2.644  1.00 61.30  ? 7   VAL A O   1 
ATOM   36  C CB  . VAL A 1 7   ? -7.248  -4.203  -1.813  1.00 52.14  ? 7   VAL A CB  1 
ATOM   37  C CG1 . VAL A 1 7   ? -8.099  -4.355  -3.109  1.00 50.07  ? 7   VAL A CG1 1 
ATOM   38  C CG2 . VAL A 1 7   ? -7.582  -5.332  -0.901  1.00 45.94  ? 7   VAL A CG2 1 
ATOM   39  N N   . ARG A 1 8   ? -5.314  -3.396  -4.375  1.00 52.77  ? 8   ARG A N   1 
ATOM   40  C CA  . ARG A 1 8   ? -4.965  -2.292  -5.264  1.00 57.86  ? 8   ARG A CA  1 
ATOM   41  C C   . ARG A 1 8   ? -6.209  -1.505  -5.581  1.00 55.50  ? 8   ARG A C   1 
ATOM   42  O O   . ARG A 1 8   ? -7.211  -2.056  -6.069  1.00 73.77  ? 8   ARG A O   1 
ATOM   43  C CB  . ARG A 1 8   ? -4.311  -2.768  -6.553  1.00 57.72  ? 8   ARG A CB  1 
ATOM   44  C CG  . ARG A 1 8   ? -3.740  -1.603  -7.372  1.00 73.63  ? 8   ARG A CG  1 
ATOM   45  C CD  . ARG A 1 8   ? -3.316  -2.034  -8.780  1.00 84.09  ? 8   ARG A CD  1 
ATOM   46  N NE  . ARG A 1 8   ? -2.591  -3.294  -8.698  1.00 75.23  ? 8   ARG A NE  1 
ATOM   47  C CZ  . ARG A 1 8   ? -3.120  -4.483  -8.979  1.00 90.97  ? 8   ARG A CZ  1 
ATOM   48  N NH1 . ARG A 1 8   ? -4.391  -4.571  -9.406  1.00 91.04  ? 8   ARG A NH1 1 
ATOM   49  N NH2 . ARG A 1 8   ? -2.367  -5.577  -8.834  1.00 69.92  ? 8   ARG A NH2 1 
ATOM   50  N N   . GLY A 1 9   ? -6.157  -0.223  -5.282  1.00 55.85  ? 9   GLY A N   1 
ATOM   51  C CA  . GLY A 1 9   ? -7.248  0.684   -5.630  1.00 62.77  ? 9   GLY A CA  1 
ATOM   52  C C   . GLY A 1 9   ? -7.215  0.939   -7.122  1.00 81.36  ? 9   GLY A C   1 
ATOM   53  O O   . GLY A 1 9   ? -6.222  0.628   -7.805  1.00 78.65  ? 9   GLY A O   1 
ATOM   54  N N   . SER A 1 10  ? -8.303  1.497   -7.641  1.00 78.43  ? 10  SER A N   1 
ATOM   55  C CA  . SER A 1 10  ? -8.369  1.829   -9.059  1.00 76.61  ? 10  SER A CA  1 
ATOM   56  C C   . SER A 1 10  ? -7.321  2.870   -9.405  1.00 74.54  ? 10  SER A C   1 
ATOM   57  O O   . SER A 1 10  ? -6.973  3.030   -10.570 1.00 93.52  ? 10  SER A O   1 
ATOM   58  C CB  . SER A 1 10  ? -9.752  2.349   -9.427  1.00 77.35  ? 10  SER A CB  1 
ATOM   59  O OG  . SER A 1 10  ? -10.176 3.324   -8.492  1.00 98.02  ? 10  SER A OG  1 
ATOM   60  N N   . ASN A 1 11  ? -6.811  3.558   -8.385  1.00 65.53  ? 11  ASN A N   1 
ATOM   61  C CA  . ASN A 1 11  ? -5.719  4.511   -8.556  1.00 64.05  ? 11  ASN A CA  1 
ATOM   62  C C   . ASN A 1 11  ? -4.296  3.918   -8.579  1.00 67.93  ? 11  ASN A C   1 
ATOM   63  O O   . ASN A 1 11  ? -3.321  4.667   -8.545  1.00 82.70  ? 11  ASN A O   1 
ATOM   64  C CB  . ASN A 1 11  ? -5.804  5.559   -7.448  1.00 70.07  ? 11  ASN A CB  1 
ATOM   65  C CG  . ASN A 1 11  ? -5.552  4.967   -6.081  1.00 73.76  ? 11  ASN A CG  1 
ATOM   66  O OD1 . ASN A 1 11  ? -4.988  3.876   -5.963  1.00 57.25  ? 11  ASN A OD1 1 
ATOM   67  N ND2 . ASN A 1 11  ? -5.968  5.683   -5.035  1.00 63.07  ? 11  ASN A ND2 1 
ATOM   68  N N   . GLY A 1 12  ? -4.168  2.590   -8.613  1.00 66.52  ? 12  GLY A N   1 
ATOM   69  C CA  . GLY A 1 12  ? -2.850  1.945   -8.528  1.00 62.48  ? 12  GLY A CA  1 
ATOM   70  C C   . GLY A 1 12  ? -2.171  1.946   -7.146  1.00 69.67  ? 12  GLY A C   1 
ATOM   71  O O   . GLY A 1 12  ? -1.086  1.366   -6.971  1.00 68.97  ? 12  GLY A O   1 
ATOM   72  N N   . ALA A 1 13  ? -2.776  2.609   -6.164  1.00 55.88  ? 13  ALA A N   1 
ATOM   73  C CA  . ALA A 1 13  ? -2.338  2.464   -4.752  1.00 71.20  ? 13  ALA A CA  1 
ATOM   74  C C   . ALA A 1 13  ? -3.006  1.306   -3.944  1.00 77.46  ? 13  ALA A C   1 
ATOM   75  O O   . ALA A 1 13  ? -4.091  0.796   -4.297  1.00 66.16  ? 13  ALA A O   1 
ATOM   76  C CB  . ALA A 1 13  ? -2.470  3.785   -4.001  1.00 64.88  ? 13  ALA A CB  1 
ATOM   77  N N   . PHE A 1 14  ? -2.339  0.938   -2.844  1.00 65.13  ? 14  PHE A N   1 
ATOM   78  C CA  . PHE A 1 14  ? -2.680  -0.226  -2.032  1.00 49.40  ? 14  PHE A CA  1 
ATOM   79  C C   . PHE A 1 14  ? -3.210  0.100   -0.676  1.00 54.53  ? 14  PHE A C   1 
ATOM   80  O O   . PHE A 1 14  ? -2.550  0.749   0.114   1.00 51.15  ? 14  PHE A O   1 
ATOM   81  C CB  . PHE A 1 14  ? -1.490  -1.153  -1.904  1.00 49.33  ? 14  PHE A CB  1 
ATOM   82  C CG  . PHE A 1 14  ? -1.393  -2.113  -3.048  1.00 75.39  ? 14  PHE A CG  1 
ATOM   83  C CD1 . PHE A 1 14  ? -2.035  -3.346  -2.983  1.00 83.83  ? 14  PHE A CD1 1 
ATOM   84  C CD2 . PHE A 1 14  ? -0.746  -1.749  -4.223  1.00 66.46  ? 14  PHE A CD2 1 
ATOM   85  C CE1 . PHE A 1 14  ? -1.996  -4.213  -4.050  1.00 76.19  ? 14  PHE A CE1 1 
ATOM   86  C CE2 . PHE A 1 14  ? -0.696  -2.612  -5.278  1.00 75.44  ? 14  PHE A CE2 1 
ATOM   87  C CZ  . PHE A 1 14  ? -1.322  -3.858  -5.191  1.00 82.02  ? 14  PHE A CZ  1 
ATOM   88  N N   . TYR A 1 15  ? -4.395  -0.429  -0.403  1.00 53.56  ? 15  TYR A N   1 
ATOM   89  C CA  . TYR A 1 15  ? -5.106  -0.138  0.801   1.00 48.63  ? 15  TYR A CA  1 
ATOM   90  C C   . TYR A 1 15  ? -5.180  -1.375  1.689   1.00 56.87  ? 15  TYR A C   1 
ATOM   91  O O   . TYR A 1 15  ? -5.415  -2.496  1.219   1.00 62.95  ? 15  TYR A O   1 
ATOM   92  C CB  . TYR A 1 15  ? -6.468  0.465   0.418   1.00 49.56  ? 15  TYR A CB  1 
ATOM   93  C CG  . TYR A 1 15  ? -6.282  1.787   -0.334  1.00 56.56  ? 15  TYR A CG  1 
ATOM   94  C CD1 . TYR A 1 15  ? -6.497  3.020   0.306   1.00 61.30  ? 15  TYR A CD1 1 
ATOM   95  C CD2 . TYR A 1 15  ? -5.828  1.809   -1.656  1.00 47.08  ? 15  TYR A CD2 1 
ATOM   96  C CE1 . TYR A 1 15  ? -6.295  4.229   -0.369  1.00 55.34  ? 15  TYR A CE1 1 
ATOM   97  C CE2 . TYR A 1 15  ? -5.640  3.019   -2.345  1.00 52.50  ? 15  TYR A CE2 1 
ATOM   98  C CZ  . TYR A 1 15  ? -5.863  4.215   -1.699  1.00 56.96  ? 15  TYR A CZ  1 
ATOM   99  O OH  . TYR A 1 15  ? -5.663  5.412   -2.375  1.00 74.65  ? 15  TYR A OH  1 
ATOM   100 N N   . LYS A 1 16  ? -4.914  -1.153  2.971   1.00 49.89  ? 16  LYS A N   1 
ATOM   101 C CA  . LYS A 1 16  ? -4.831  -2.192  3.974   1.00 46.74  ? 16  LYS A CA  1 
ATOM   102 C C   . LYS A 1 16  ? -6.227  -2.734  4.252   1.00 47.23  ? 16  LYS A C   1 
ATOM   103 O O   . LYS A 1 16  ? -7.220  -2.029  4.143   1.00 47.61  ? 16  LYS A O   1 
ATOM   104 C CB  . LYS A 1 16  ? -4.181  -1.623  5.270   1.00 44.11  ? 16  LYS A CB  1 
ATOM   105 C CG  . LYS A 1 16  ? -3.762  -2.715  6.321   1.00 46.33  ? 16  LYS A CG  1 
ATOM   106 C CD  . LYS A 1 16  ? -3.579  -2.044  7.722   1.00 60.45  ? 16  LYS A CD  1 
ATOM   107 C CE  . LYS A 1 16  ? -2.671  -2.840  8.702   1.00 58.68  ? 16  LYS A CE  1 
ATOM   108 N NZ  . LYS A 1 16  ? -3.097  -2.624  10.116  1.00 66.97  ? 16  LYS A NZ  1 
ATOM   109 N N   . GLY A 1 17  ? -6.310  -4.007  4.607   1.00 47.15  ? 17  GLY A N   1 
ATOM   110 C CA  . GLY A 1 17  ? -7.622  -4.644  4.777   1.00 38.50  ? 17  GLY A CA  1 
ATOM   111 C C   . GLY A 1 17  ? -7.448  -6.024  5.366   1.00 40.94  ? 17  GLY A C   1 
ATOM   112 O O   . GLY A 1 17  ? -6.345  -6.413  5.739   1.00 50.16  ? 17  GLY A O   1 
ATOM   113 N N   . PHE A 1 18  ? -8.535  -6.771  5.430   1.00 40.69  ? 18  PHE A N   1 
ATOM   114 C CA  . PHE A 1 18  ? -8.461  -8.172  5.774   1.00 40.85  ? 18  PHE A CA  1 
ATOM   115 C C   . PHE A 1 18  ? -9.494  -9.007  4.997   1.00 56.48  ? 18  PHE A C   1 
ATOM   116 O O   . PHE A 1 18  ? -10.500 -8.478  4.472   1.00 50.72  ? 18  PHE A O   1 
ATOM   117 C CB  . PHE A 1 18  ? -8.528  -8.402  7.291   1.00 64.33  ? 18  PHE A CB  1 
ATOM   118 C CG  . PHE A 1 18  ? -9.813  -7.963  7.928   1.00 67.17  ? 18  PHE A CG  1 
ATOM   119 C CD1 . PHE A 1 18  ? -10.918 -8.847  8.000   1.00 64.67  ? 18  PHE A CD1 1 
ATOM   120 C CD2 . PHE A 1 18  ? -9.925  -6.669  8.486   1.00 87.07  ? 18  PHE A CD2 1 
ATOM   121 C CE1 . PHE A 1 18  ? -12.133 -8.448  8.594   1.00 64.37  ? 18  PHE A CE1 1 
ATOM   122 C CE2 . PHE A 1 18  ? -11.138 -6.253  9.103   1.00 88.47  ? 18  PHE A CE2 1 
ATOM   123 C CZ  . PHE A 1 18  ? -12.248 -7.145  9.156   1.00 73.60  ? 18  PHE A CZ  1 
ATOM   124 N N   . ILE A 1 19  ? -9.192  -10.296 4.863   1.00 54.46  ? 19  ILE A N   1 
ATOM   125 C CA  . ILE A 1 19  ? -10.071 -11.191 4.161   1.00 59.10  ? 19  ILE A CA  1 
ATOM   126 C C   . ILE A 1 19  ? -11.098 -11.686 5.139   1.00 60.20  ? 19  ILE A C   1 
ATOM   127 O O   . ILE A 1 19  ? -10.752 -12.374 6.124   1.00 51.54  ? 19  ILE A O   1 
ATOM   128 C CB  . ILE A 1 19  ? -9.345  -12.401 3.611   1.00 55.36  ? 19  ILE A CB  1 
ATOM   129 C CG1 . ILE A 1 19  ? -8.245  -11.931 2.664   1.00 54.52  ? 19  ILE A CG1 1 
ATOM   130 C CG2 . ILE A 1 19  ? -10.370 -13.341 2.937   1.00 47.49  ? 19  ILE A CG2 1 
ATOM   131 C CD1 . ILE A 1 19  ? -7.213  -13.049 2.375   1.00 50.17  ? 19  ILE A CD1 1 
ATOM   132 N N   . LYS A 1 20  ? -12.348 -11.335 4.849   1.00 59.42  ? 20  LYS A N   1 
ATOM   133 C CA  . LYS A 1 20  ? -13.470 -11.781 5.644   1.00 57.80  ? 20  LYS A CA  1 
ATOM   134 C C   . LYS A 1 20  ? -14.032 -13.069 5.054   1.00 67.33  ? 20  LYS A C   1 
ATOM   135 O O   . LYS A 1 20  ? -14.468 -13.953 5.800   1.00 72.93  ? 20  LYS A O   1 
ATOM   136 C CB  . LYS A 1 20  ? -14.543 -10.719 5.699   1.00 61.82  ? 20  LYS A CB  1 
ATOM   137 C CG  . LYS A 1 20  ? -15.538 -10.984 6.786   1.00 61.88  ? 20  LYS A CG  1 
ATOM   138 C CD  . LYS A 1 20  ? -16.900 -10.400 6.415   1.00 61.50  ? 20  LYS A CD  1 
ATOM   139 C CE  . LYS A 1 20  ? -17.805 -10.479 7.643   1.00 78.07  ? 20  LYS A CE  1 
ATOM   140 N NZ  . LYS A 1 20  ? -18.695 -9.277  7.736   1.00 79.70  ? 20  LYS A NZ  1 
ATOM   141 N N   . ASP A 1 21  ? -14.014 -13.192 3.727   1.00 68.60  ? 21  ASP A N   1 
ATOM   142 C CA  . ASP A 1 21  ? -14.424 -14.450 3.089   1.00 65.12  ? 21  ASP A CA  1 
ATOM   143 C C   . ASP A 1 21  ? -13.676 -14.741 1.793   1.00 72.88  ? 21  ASP A C   1 
ATOM   144 O O   . ASP A 1 21  ? -13.216 -13.810 1.120   1.00 67.14  ? 21  ASP A O   1 
ATOM   145 C CB  . ASP A 1 21  ? -15.939 -14.473 2.829   1.00 66.16  ? 21  ASP A CB  1 
ATOM   146 C CG  . ASP A 1 21  ? -16.556 -15.871 2.986   1.00 75.89  ? 21  ASP A CG  1 
ATOM   147 O OD1 . ASP A 1 21  ? -15.860 -16.823 3.447   1.00 65.59  ? 21  ASP A OD1 1 
ATOM   148 O OD2 . ASP A 1 21  ? -17.757 -16.007 2.643   1.00 76.86  ? 21  ASP A OD2 1 
ATOM   149 N N   . VAL A 1 22  ? -13.589 -16.041 1.458   1.00 73.18  ? 22  VAL A N   1 
ATOM   150 C CA  . VAL A 1 22  ? -13.020 -16.554 0.201   1.00 67.52  ? 22  VAL A CA  1 
ATOM   151 C C   . VAL A 1 22  ? -14.104 -17.120 -0.719  1.00 81.52  ? 22  VAL A C   1 
ATOM   152 O O   . VAL A 1 22  ? -15.044 -17.779 -0.262  1.00 97.81  ? 22  VAL A O   1 
ATOM   153 C CB  . VAL A 1 22  ? -11.971 -17.679 0.458   1.00 65.11  ? 22  VAL A CB  1 
ATOM   154 C CG1 . VAL A 1 22  ? -11.185 -18.011 -0.834  1.00 60.42  ? 22  VAL A CG1 1 
ATOM   155 C CG2 . VAL A 1 22  ? -11.002 -17.290 1.578   1.00 53.58  ? 22  VAL A CG2 1 
ATOM   156 N N   . HIS A 1 23  ? -13.971 -16.862 -2.016  1.00 87.70  ? 23  HIS A N   1 
ATOM   157 C CA  . HIS A 1 23  ? -14.844 -17.476 -3.011  1.00 91.28  ? 23  HIS A CA  1 
ATOM   158 C C   . HIS A 1 23  ? -14.061 -18.221 -4.082  1.00 94.51  ? 23  HIS A C   1 
ATOM   159 O O   . HIS A 1 23  ? -12.812 -18.133 -4.160  1.00 73.76  ? 23  HIS A O   1 
ATOM   160 C CB  . HIS A 1 23  ? -15.749 -16.419 -3.653  1.00 97.57  ? 23  HIS A CB  1 
ATOM   161 C CG  . HIS A 1 23  ? -16.475 -15.570 -2.656  1.00 107.17 ? 23  HIS A CG  1 
ATOM   162 N ND1 . HIS A 1 23  ? -17.175 -16.106 -1.593  1.00 96.94  ? 23  HIS A ND1 1 
ATOM   163 C CD2 . HIS A 1 23  ? -16.595 -14.225 -2.549  1.00 108.19 ? 23  HIS A CD2 1 
ATOM   164 C CE1 . HIS A 1 23  ? -17.692 -15.124 -0.875  1.00 102.71 ? 23  HIS A CE1 1 
ATOM   165 N NE2 . HIS A 1 23  ? -17.354 -13.972 -1.431  1.00 74.23  ? 23  HIS A NE2 1 
ATOM   166 N N   . GLU A 1 24  ? -14.808 -18.960 -4.901  1.00 86.98  ? 24  GLU A N   1 
ATOM   167 C CA  . GLU A 1 24  ? -14.251 -19.537 -6.109  1.00 94.88  ? 24  GLU A CA  1 
ATOM   168 C C   . GLU A 1 24  ? -13.375 -18.485 -6.829  1.00 89.40  ? 24  GLU A C   1 
ATOM   169 O O   . GLU A 1 24  ? -12.176 -18.726 -7.033  1.00 87.08  ? 24  GLU A O   1 
ATOM   170 C CB  . GLU A 1 24  ? -15.364 -20.099 -7.021  1.00 96.67  ? 24  GLU A CB  1 
ATOM   171 N N   . ASP A 1 25  ? -13.952 -17.314 -7.141  1.00 77.27  ? 25  ASP A N   1 
ATOM   172 C CA  . ASP A 1 25  ? -13.313 -16.291 -8.006  1.00 82.06  ? 25  ASP A CA  1 
ATOM   173 C C   . ASP A 1 25  ? -13.134 -14.847 -7.451  1.00 84.90  ? 25  ASP A C   1 
ATOM   174 O O   . ASP A 1 25  ? -12.513 -13.975 -8.126  1.00 69.28  ? 25  ASP A O   1 
ATOM   175 C CB  . ASP A 1 25  ? -14.006 -16.247 -9.370  1.00 91.52  ? 25  ASP A CB  1 
ATOM   176 C CG  . ASP A 1 25  ? -15.519 -16.263 -9.258  1.00 105.16 ? 25  ASP A CG  1 
ATOM   177 O OD1 . ASP A 1 25  ? -16.048 -16.189 -8.129  1.00 106.06 ? 25  ASP A OD1 1 
ATOM   178 O OD2 . ASP A 1 25  ? -16.188 -16.353 -10.310 1.00 110.97 ? 25  ASP A OD2 1 
ATOM   179 N N   . SER A 1 26  ? -13.638 -14.635 -6.223  1.00 74.83  ? 26  SER A N   1 
ATOM   180 C CA  . SER A 1 26  ? -13.542 -13.375 -5.460  1.00 65.88  ? 26  SER A CA  1 
ATOM   181 C C   . SER A 1 26  ? -12.942 -13.587 -4.056  1.00 75.82  ? 26  SER A C   1 
ATOM   182 O O   . SER A 1 26  ? -12.899 -14.710 -3.547  1.00 65.71  ? 26  SER A O   1 
ATOM   183 C CB  . SER A 1 26  ? -14.946 -12.796 -5.190  1.00 78.52  ? 26  SER A CB  1 
ATOM   184 O OG  . SER A 1 26  ? -15.780 -12.776 -6.325  1.00 113.55 ? 26  SER A OG  1 
ATOM   185 N N   . LEU A 1 27  ? -12.519 -12.498 -3.408  1.00 71.52  ? 27  LEU A N   1 
ATOM   186 C CA  . LEU A 1 27  ? -12.523 -12.486 -1.940  1.00 69.44  ? 27  LEU A CA  1 
ATOM   187 C C   . LEU A 1 27  ? -13.241 -11.288 -1.344  1.00 65.20  ? 27  LEU A C   1 
ATOM   188 O O   . LEU A 1 27  ? -13.336 -10.224 -1.926  1.00 75.09  ? 27  LEU A O   1 
ATOM   189 C CB  . LEU A 1 27  ? -11.145 -12.560 -1.320  1.00 58.85  ? 27  LEU A CB  1 
ATOM   190 C CG  . LEU A 1 27  ? -10.005 -13.248 -2.010  1.00 74.83  ? 27  LEU A CG  1 
ATOM   191 C CD1 . LEU A 1 27  ? -9.007  -12.161 -2.300  1.00 67.40  ? 27  LEU A CD1 1 
ATOM   192 C CD2 . LEU A 1 27  ? -9.414  -14.232 -1.062  1.00 66.90  ? 27  LEU A CD2 1 
ATOM   193 N N   . THR A 1 28  ? -13.724 -11.483 -0.142  1.00 63.54  ? 28  THR A N   1 
ATOM   194 C CA  . THR A 1 28  ? -14.454 -10.457 0.507   1.00 64.59  ? 28  THR A CA  1 
ATOM   195 C C   . THR A 1 28  ? -13.513 -9.817  1.491   1.00 61.48  ? 28  THR A C   1 
ATOM   196 O O   . THR A 1 28  ? -13.085 -10.427 2.482   1.00 63.63  ? 28  THR A O   1 
ATOM   197 C CB  . THR A 1 28  ? -15.726 -11.021 1.149   1.00 64.24  ? 28  THR A CB  1 
ATOM   198 O OG1 . THR A 1 28  ? -16.484 -11.669 0.126   1.00 66.99  ? 28  THR A OG1 1 
ATOM   199 C CG2 . THR A 1 28  ? -16.569 -9.903  1.752   1.00 71.04  ? 28  THR A CG2 1 
ATOM   200 N N   . VAL A 1 29  ? -13.182 -8.575  1.179   1.00 61.87  ? 29  VAL A N   1 
ATOM   201 C CA  . VAL A 1 29  ? -12.301 -7.778  2.009   1.00 65.90  ? 29  VAL A CA  1 
ATOM   202 C C   . VAL A 1 29  ? -13.071 -6.664  2.695   1.00 75.43  ? 29  VAL A C   1 
ATOM   203 O O   . VAL A 1 29  ? -13.937 -6.013  2.083   1.00 71.22  ? 29  VAL A O   1 
ATOM   204 C CB  . VAL A 1 29  ? -11.204 -7.123  1.174   1.00 68.57  ? 29  VAL A CB  1 
ATOM   205 C CG1 . VAL A 1 29  ? -10.581 -8.146  0.278   1.00 52.53  ? 29  VAL A CG1 1 
ATOM   206 C CG2 . VAL A 1 29  ? -11.780 -5.996  0.336   1.00 71.42  ? 29  VAL A CG2 1 
ATOM   207 N N   . VAL A 1 30  ? -12.773 -6.468  3.976   1.00 64.90  ? 30  VAL A N   1 
ATOM   208 C CA  . VAL A 1 30  ? -13.094 -5.209  4.609   1.00 59.77  ? 30  VAL A CA  1 
ATOM   209 C C   . VAL A 1 30  ? -11.803 -4.424  4.829   1.00 58.64  ? 30  VAL A C   1 
ATOM   210 O O   . VAL A 1 30  ? -10.709 -4.984  5.062   1.00 58.61  ? 30  VAL A O   1 
ATOM   211 C CB  . VAL A 1 30  ? -14.011 -5.340  5.856   1.00 56.00  ? 30  VAL A CB  1 
ATOM   212 C CG1 . VAL A 1 30  ? -14.278 -6.753  6.187   1.00 48.33  ? 30  VAL A CG1 1 
ATOM   213 C CG2 . VAL A 1 30  ? -13.466 -4.567  7.060   1.00 71.99  ? 30  VAL A CG2 1 
ATOM   214 N N   . PHE A 1 31  ? -11.950 -3.122  4.708   1.00 61.73  ? 31  PHE A N   1 
ATOM   215 C CA  . PHE A 1 31  ? -10.829 -2.210  4.732   1.00 62.38  ? 31  PHE A CA  1 
ATOM   216 C C   . PHE A 1 31  ? -10.596 -1.613  6.097   1.00 65.30  ? 31  PHE A C   1 
ATOM   217 O O   . PHE A 1 31  ? -11.574 -1.301  6.826   1.00 59.88  ? 31  PHE A O   1 
ATOM   218 C CB  . PHE A 1 31  ? -11.117 -1.139  3.726   1.00 55.37  ? 31  PHE A CB  1 
ATOM   219 C CG  . PHE A 1 31  ? -11.231 -1.671  2.355   1.00 55.57  ? 31  PHE A CG  1 
ATOM   220 C CD1 . PHE A 1 31  ? -10.097 -1.788  1.552   1.00 48.42  ? 31  PHE A CD1 1 
ATOM   221 C CD2 . PHE A 1 31  ? -12.466 -2.072  1.856   1.00 63.77  ? 31  PHE A CD2 1 
ATOM   222 C CE1 . PHE A 1 31  ? -10.192 -2.269  0.255   1.00 61.48  ? 31  PHE A CE1 1 
ATOM   223 C CE2 . PHE A 1 31  ? -12.576 -2.574  0.555   1.00 65.03  ? 31  PHE A CE2 1 
ATOM   224 C CZ  . PHE A 1 31  ? -11.436 -2.678  -0.245  1.00 64.68  ? 31  PHE A CZ  1 
ATOM   225 N N   . GLU A 1 32  ? -9.310  -1.458  6.443   1.00 59.09  ? 32  GLU A N   1 
ATOM   226 C CA  . GLU A 1 32  ? -8.932  -0.905  7.747   1.00 56.99  ? 32  GLU A CA  1 
ATOM   227 C C   . GLU A 1 32  ? -8.995  0.595   7.655   1.00 66.03  ? 32  GLU A C   1 
ATOM   228 O O   . GLU A 1 32  ? -7.992  1.287   7.848   1.00 85.50  ? 32  GLU A O   1 
ATOM   229 C CB  . GLU A 1 32  ? -7.568  -1.392  8.243   1.00 68.73  ? 32  GLU A CB  1 
ATOM   230 C CG  . GLU A 1 32  ? -7.664  -2.125  9.618   1.00 86.32  ? 32  GLU A CG  1 
ATOM   231 C CD  . GLU A 1 32  ? -6.488  -1.844  10.574  1.00 94.88  ? 32  GLU A CD  1 
ATOM   232 O OE1 . GLU A 1 32  ? -6.476  -2.416  11.703  1.00 86.74  ? 32  GLU A OE1 1 
ATOM   233 O OE2 . GLU A 1 32  ? -5.588  -1.055  10.199  1.00 81.43  ? 32  GLU A OE2 1 
ATOM   234 N N   . ASN A 1 33  ? -10.201 1.059   7.318   1.00 70.36  ? 33  ASN A N   1 
ATOM   235 C CA  . ASN A 1 33  ? -10.580 2.459   7.224   1.00 61.08  ? 33  ASN A CA  1 
ATOM   236 C C   . ASN A 1 33  ? -12.103 2.618   6.990   1.00 67.20  ? 33  ASN A C   1 
ATOM   237 O O   . ASN A 1 33  ? -12.727 1.891   6.211   1.00 76.43  ? 33  ASN A O   1 
ATOM   238 C CB  . ASN A 1 33  ? -9.734  3.193   6.172   1.00 48.57  ? 33  ASN A CB  1 
ATOM   239 C CG  . ASN A 1 33  ? -10.267 3.025   4.727   1.00 55.01  ? 33  ASN A CG  1 
ATOM   240 O OD1 . ASN A 1 33  ? -11.373 3.455   4.376   1.00 66.16  ? 33  ASN A OD1 1 
ATOM   241 N ND2 . ASN A 1 33  ? -9.458  2.433   3.893   1.00 45.80  ? 33  ASN A ND2 1 
ATOM   242 N N   . ASN A 1 34  ? -12.688 3.562   7.712   1.00 75.70  ? 34  ASN A N   1 
ATOM   243 C CA  . ASN A 1 34  ? -14.080 4.010   7.540   1.00 73.81  ? 34  ASN A CA  1 
ATOM   244 C C   . ASN A 1 34  ? -14.432 4.604   6.139   1.00 72.12  ? 34  ASN A C   1 
ATOM   245 O O   . ASN A 1 34  ? -15.585 4.945   5.880   1.00 69.30  ? 34  ASN A O   1 
ATOM   246 C CB  . ASN A 1 34  ? -14.376 5.050   8.645   1.00 69.75  ? 34  ASN A CB  1 
ATOM   247 C CG  . ASN A 1 34  ? -15.831 5.496   8.690   1.00 74.11  ? 34  ASN A CG  1 
ATOM   248 O OD1 . ASN A 1 34  ? -16.131 6.680   8.572   1.00 84.95  ? 34  ASN A OD1 1 
ATOM   249 N ND2 . ASN A 1 34  ? -16.735 4.551   8.880   1.00 75.57  ? 34  ASN A ND2 1 
ATOM   250 N N   . TRP A 1 35  ? -13.471 4.750   5.231   1.00 67.77  ? 35  TRP A N   1 
ATOM   251 C CA  . TRP A 1 35  ? -13.835 5.362   3.952   1.00 65.80  ? 35  TRP A CA  1 
ATOM   252 C C   . TRP A 1 35  ? -14.504 4.352   3.050   1.00 62.62  ? 35  TRP A C   1 
ATOM   253 O O   . TRP A 1 35  ? -15.527 4.668   2.455   1.00 59.44  ? 35  TRP A O   1 
ATOM   254 C CB  . TRP A 1 35  ? -12.669 6.040   3.254   1.00 69.76  ? 35  TRP A CB  1 
ATOM   255 C CG  . TRP A 1 35  ? -12.620 7.581   3.426   1.00 117.85 ? 35  TRP A CG  1 
ATOM   256 C CD1 . TRP A 1 35  ? -11.548 8.324   3.863   1.00 104.96 ? 35  TRP A CD1 1 
ATOM   257 C CD2 . TRP A 1 35  ? -13.674 8.539   3.140   1.00 134.57 ? 35  TRP A CD2 1 
ATOM   258 N NE1 . TRP A 1 35  ? -11.865 9.664   3.859   1.00 116.72 ? 35  TRP A NE1 1 
ATOM   259 C CE2 . TRP A 1 35  ? -13.158 9.828   3.430   1.00 128.81 ? 35  TRP A CE2 1 
ATOM   260 C CE3 . TRP A 1 35  ? -15.001 8.431   2.672   1.00 141.67 ? 35  TRP A CE3 1 
ATOM   261 C CZ2 . TRP A 1 35  ? -13.923 11.005  3.274   1.00 135.49 ? 35  TRP A CZ2 1 
ATOM   262 C CZ3 . TRP A 1 35  ? -15.764 9.604   2.520   1.00 133.74 ? 35  TRP A CZ3 1 
ATOM   263 C CH2 . TRP A 1 35  ? -15.217 10.872  2.825   1.00 135.04 ? 35  TRP A CH2 1 
ATOM   264 N N   . GLN A 1 36  ? -13.970 3.126   3.007   1.00 62.56  ? 36  GLN A N   1 
ATOM   265 C CA  . GLN A 1 36  ? -14.435 2.098   2.041   1.00 61.19  ? 36  GLN A CA  1 
ATOM   266 C C   . GLN A 1 36  ? -15.115 0.880   2.700   1.00 58.33  ? 36  GLN A C   1 
ATOM   267 O O   . GLN A 1 36  ? -14.646 0.391   3.741   1.00 58.74  ? 36  GLN A O   1 
ATOM   268 C CB  . GLN A 1 36  ? -13.294 1.632   1.121   1.00 62.05  ? 36  GLN A CB  1 
ATOM   269 C CG  . GLN A 1 36  ? -12.302 2.726   0.643   1.00 76.35  ? 36  GLN A CG  1 
ATOM   270 C CD  . GLN A 1 36  ? -10.869 2.174   0.450   1.00 94.84  ? 36  GLN A CD  1 
ATOM   271 O OE1 . GLN A 1 36  ? -10.416 1.956   -0.683  1.00 89.05  ? 36  GLN A OE1 1 
ATOM   272 N NE2 . GLN A 1 36  ? -10.172 1.920   1.561   1.00 59.75  ? 36  GLN A NE2 1 
ATOM   273 N N   . PRO A 1 37  ? -16.256 0.425   2.113   1.00 56.81  ? 37  PRO A N   1 
ATOM   274 C CA  . PRO A 1 37  ? -17.046 -0.754  2.544   1.00 45.89  ? 37  PRO A CA  1 
ATOM   275 C C   . PRO A 1 37  ? -16.524 -2.065  2.029   1.00 50.63  ? 37  PRO A C   1 
ATOM   276 O O   . PRO A 1 37  ? -15.721 -2.092  1.084   1.00 64.39  ? 37  PRO A O   1 
ATOM   277 C CB  . PRO A 1 37  ? -18.449 -0.535  1.919   1.00 44.34  ? 37  PRO A CB  1 
ATOM   278 C CG  . PRO A 1 37  ? -18.445 0.806   1.323   1.00 53.76  ? 37  PRO A CG  1 
ATOM   279 C CD  . PRO A 1 37  ? -17.008 1.284   1.172   1.00 56.92  ? 37  PRO A CD  1 
ATOM   280 N N   . GLU A 1 38  ? -17.026 -3.144  2.633   1.00 53.83  ? 38  GLU A N   1 
ATOM   281 C CA  . GLU A 1 38  ? -16.772 -4.509  2.222   1.00 60.57  ? 38  GLU A CA  1 
ATOM   282 C C   . GLU A 1 38  ? -16.944 -4.594  0.719   1.00 68.56  ? 38  GLU A C   1 
ATOM   283 O O   . GLU A 1 38  ? -17.777 -3.890  0.157   1.00 56.55  ? 38  GLU A O   1 
ATOM   284 C CB  . GLU A 1 38  ? -17.833 -5.397  2.829   1.00 68.36  ? 38  GLU A CB  1 
ATOM   285 C CG  . GLU A 1 38  ? -17.289 -6.581  3.577   1.00 82.43  ? 38  GLU A CG  1 
ATOM   286 C CD  . GLU A 1 38  ? -18.398 -7.471  4.070   1.00 77.75  ? 38  GLU A CD  1 
ATOM   287 O OE1 . GLU A 1 38  ? -18.565 -7.606  5.301   1.00 77.44  ? 38  GLU A OE1 1 
ATOM   288 O OE2 . GLU A 1 38  ? -19.119 -8.031  3.226   1.00 83.69  ? 38  GLU A OE2 1 
ATOM   289 N N   . ARG A 1 39  ? -16.171 -5.466  0.084   1.00 72.16  ? 39  ARG A N   1 
ATOM   290 C CA  . ARG A 1 39  ? -16.257 -5.687  -1.357  1.00 71.02  ? 39  ARG A CA  1 
ATOM   291 C C   . ARG A 1 39  ? -15.809 -7.088  -1.700  1.00 60.52  ? 39  ARG A C   1 
ATOM   292 O O   . ARG A 1 39  ? -14.896 -7.605  -1.066  1.00 73.98  ? 39  ARG A O   1 
ATOM   293 C CB  . ARG A 1 39  ? -15.308 -4.740  -2.080  1.00 73.74  ? 39  ARG A CB  1 
ATOM   294 C CG  . ARG A 1 39  ? -15.640 -3.289  -1.946  1.00 84.15  ? 39  ARG A CG  1 
ATOM   295 C CD  . ARG A 1 39  ? -14.590 -2.510  -2.639  1.00 88.18  ? 39  ARG A CD  1 
ATOM   296 N NE  . ARG A 1 39  ? -14.644 -2.793  -4.065  1.00 93.09  ? 39  ARG A NE  1 
ATOM   297 C CZ  . ARG A 1 39  ? -13.590 -2.786  -4.872  1.00 102.54 ? 39  ARG A CZ  1 
ATOM   298 N NH1 . ARG A 1 39  ? -12.376 -2.536  -4.388  1.00 85.34  ? 39  ARG A NH1 1 
ATOM   299 N NH2 . ARG A 1 39  ? -13.756 -3.047  -6.165  1.00 113.28 ? 39  ARG A NH2 1 
ATOM   300 N N   . GLN A 1 40  ? -16.423 -7.695  -2.718  1.00 74.31  ? 40  GLN A N   1 
ATOM   301 C CA  . GLN A 1 40  ? -15.831 -8.859  -3.378  1.00 61.83  ? 40  GLN A CA  1 
ATOM   302 C C   . GLN A 1 40  ? -14.768 -8.345  -4.372  1.00 71.54  ? 40  GLN A C   1 
ATOM   303 O O   . GLN A 1 40  ? -15.012 -7.408  -5.134  1.00 65.64  ? 40  GLN A O   1 
ATOM   304 C CB  . GLN A 1 40  ? -16.901 -9.727  -4.041  1.00 72.46  ? 40  GLN A CB  1 
ATOM   305 N N   . VAL A 1 41  ? -13.567 -8.925  -4.328  1.00 79.37  ? 41  VAL A N   1 
ATOM   306 C CA  . VAL A 1 41  ? -12.422 -8.445  -5.123  1.00 70.59  ? 41  VAL A CA  1 
ATOM   307 C C   . VAL A 1 41  ? -11.799 -9.578  -5.955  1.00 71.65  ? 41  VAL A C   1 
ATOM   308 O O   . VAL A 1 41  ? -11.731 -10.717 -5.485  1.00 71.46  ? 41  VAL A O   1 
ATOM   309 C CB  . VAL A 1 41  ? -11.314 -7.930  -4.194  1.00 73.12  ? 41  VAL A CB  1 
ATOM   310 C CG1 . VAL A 1 41  ? -10.466 -6.894  -4.903  1.00 77.75  ? 41  VAL A CG1 1 
ATOM   311 C CG2 . VAL A 1 41  ? -11.920 -7.319  -2.952  1.00 75.08  ? 41  VAL A CG2 1 
ATOM   312 N N   . PRO A 1 42  ? -11.343 -9.278  -7.187  1.00 56.04  ? 42  PRO A N   1 
ATOM   313 C CA  . PRO A 1 42  ? -10.547 -10.301 -7.865  1.00 48.83  ? 42  PRO A CA  1 
ATOM   314 C C   . PRO A 1 42  ? -9.186  -10.449 -7.170  1.00 62.15  ? 42  PRO A C   1 
ATOM   315 O O   . PRO A 1 42  ? -8.566  -9.440  -6.807  1.00 65.95  ? 42  PRO A O   1 
ATOM   316 C CB  . PRO A 1 42  ? -10.316 -9.715  -9.280  1.00 42.74  ? 42  PRO A CB  1 
ATOM   317 C CG  . PRO A 1 42  ? -10.455 -8.232  -9.116  1.00 56.29  ? 42  PRO A CG  1 
ATOM   318 C CD  . PRO A 1 42  ? -11.489 -8.049  -8.000  1.00 62.71  ? 42  PRO A CD  1 
ATOM   319 N N   . PHE A 1 43  ? -8.746  -11.703 -7.023  1.00 57.75  ? 43  PHE A N   1 
ATOM   320 C CA  . PHE A 1 43  ? -7.493  -12.120 -6.408  1.00 61.15  ? 43  PHE A CA  1 
ATOM   321 C C   . PHE A 1 43  ? -6.238  -11.407 -6.941  1.00 60.47  ? 43  PHE A C   1 
ATOM   322 O O   . PHE A 1 43  ? -5.214  -11.330 -6.244  1.00 68.34  ? 43  PHE A O   1 
ATOM   323 C CB  . PHE A 1 43  ? -7.286  -13.622 -6.651  1.00 66.69  ? 43  PHE A CB  1 
ATOM   324 C CG  . PHE A 1 43  ? -8.411  -14.522 -6.173  1.00 71.35  ? 43  PHE A CG  1 
ATOM   325 C CD1 . PHE A 1 43  ? -8.352  -15.130 -4.919  1.00 79.50  ? 43  PHE A CD1 1 
ATOM   326 C CD2 . PHE A 1 43  ? -9.475  -14.845 -7.009  1.00 90.75  ? 43  PHE A CD2 1 
ATOM   327 C CE1 . PHE A 1 43  ? -9.349  -16.008 -4.485  1.00 78.98  ? 43  PHE A CE1 1 
ATOM   328 C CE2 . PHE A 1 43  ? -10.479 -15.720 -6.572  1.00 86.43  ? 43  PHE A CE2 1 
ATOM   329 C CZ  . PHE A 1 43  ? -10.415 -16.300 -5.311  1.00 84.37  ? 43  PHE A CZ  1 
ATOM   330 N N   . ASN A 1 44  ? -6.294  -10.955 -8.190  1.00 56.64  ? 44  ASN A N   1 
ATOM   331 C CA  . ASN A 1 44  ? -5.127  -10.329 -8.836  1.00 69.72  ? 44  ASN A CA  1 
ATOM   332 C C   . ASN A 1 44  ? -5.012  -8.869  -8.417  1.00 78.83  ? 44  ASN A C   1 
ATOM   333 O O   . ASN A 1 44  ? -4.213  -8.100  -8.976  1.00 75.62  ? 44  ASN A O   1 
ATOM   334 C CB  . ASN A 1 44  ? -5.205  -10.430 -10.368 1.00 74.54  ? 44  ASN A CB  1 
ATOM   335 C CG  . ASN A 1 44  ? -6.586  -10.082 -10.911 1.00 83.47  ? 44  ASN A CG  1 
ATOM   336 O OD1 . ASN A 1 44  ? -7.487  -10.933 -10.923 1.00 99.87  ? 44  ASN A OD1 1 
ATOM   337 N ND2 . ASN A 1 44  ? -6.766  -8.832  -11.353 1.00 71.94  ? 44  ASN A ND2 1 
ATOM   338 N N   . GLU A 1 45  ? -5.831  -8.483  -7.442  1.00 58.81  ? 45  GLU A N   1 
ATOM   339 C CA  . GLU A 1 45  ? -5.850  -7.099  -6.967  1.00 67.13  ? 45  GLU A CA  1 
ATOM   340 C C   . GLU A 1 45  ? -5.437  -7.037  -5.492  1.00 68.03  ? 45  GLU A C   1 
ATOM   341 O O   . GLU A 1 45  ? -5.464  -5.952  -4.871  1.00 77.90  ? 45  GLU A O   1 
ATOM   342 C CB  . GLU A 1 45  ? -7.223  -6.454  -7.212  1.00 66.14  ? 45  GLU A CB  1 
ATOM   343 C CG  . GLU A 1 45  ? -7.398  -5.995  -8.645  1.00 77.38  ? 45  GLU A CG  1 
ATOM   344 C CD  . GLU A 1 45  ? -8.818  -5.545  -8.987  1.00 101.74 ? 45  GLU A CD  1 
ATOM   345 O OE1 . GLU A 1 45  ? -9.563  -5.100  -8.084  1.00 98.81  ? 45  GLU A OE1 1 
ATOM   346 O OE2 . GLU A 1 45  ? -9.188  -5.639  -10.179 1.00 107.72 ? 45  GLU A OE2 1 
ATOM   347 N N   . VAL A 1 46  ? -4.991  -8.192  -4.975  1.00 59.73  ? 46  VAL A N   1 
ATOM   348 C CA  . VAL A 1 46  ? -4.820  -8.437  -3.536  1.00 57.82  ? 46  VAL A CA  1 
ATOM   349 C C   . VAL A 1 46  ? -3.463  -9.045  -3.295  1.00 68.18  ? 46  VAL A C   1 
ATOM   350 O O   . VAL A 1 46  ? -3.064  -9.908  -4.060  1.00 73.99  ? 46  VAL A O   1 
ATOM   351 C CB  . VAL A 1 46  ? -5.868  -9.456  -2.989  1.00 50.96  ? 46  VAL A CB  1 
ATOM   352 C CG1 . VAL A 1 46  ? -5.653  -9.730  -1.483  1.00 53.25  ? 46  VAL A CG1 1 
ATOM   353 C CG2 . VAL A 1 46  ? -7.288  -8.979  -3.183  1.00 51.90  ? 46  VAL A CG2 1 
ATOM   354 N N   . ARG A 1 47  ? -2.783  -8.619  -2.220  1.00 63.15  ? 47  ARG A N   1 
ATOM   355 C CA  . ARG A 1 47  ? -1.485  -9.177  -1.819  1.00 58.98  ? 47  ARG A CA  1 
ATOM   356 C C   . ARG A 1 47  ? -1.403  -9.200  -0.335  1.00 64.25  ? 47  ARG A C   1 
ATOM   357 O O   . ARG A 1 47  ? -2.204  -8.556  0.363   1.00 69.06  ? 47  ARG A O   1 
ATOM   358 C CB  . ARG A 1 47  ? -0.294  -8.336  -2.328  1.00 48.13  ? 47  ARG A CB  1 
ATOM   359 C CG  . ARG A 1 47  ? -0.290  -6.897  -1.865  1.00 57.32  ? 47  ARG A CG  1 
ATOM   360 C CD  . ARG A 1 47  ? 0.618   -6.027  -2.740  1.00 55.51  ? 47  ARG A CD  1 
ATOM   361 N NE  . ARG A 1 47  ? 1.070   -4.818  -2.045  1.00 54.75  ? 47  ARG A NE  1 
ATOM   362 C CZ  . ARG A 1 47  ? 1.880   -3.882  -2.563  1.00 55.72  ? 47  ARG A CZ  1 
ATOM   363 N NH1 . ARG A 1 47  ? 2.337   -3.995  -3.796  1.00 48.89  ? 47  ARG A NH1 1 
ATOM   364 N NH2 . ARG A 1 47  ? 2.233   -2.800  -1.850  1.00 51.07  ? 47  ARG A NH2 1 
ATOM   365 N N   . LEU A 1 48  ? -0.406  -9.920  0.159   1.00 59.37  ? 48  LEU A N   1 
ATOM   366 C CA  . LEU A 1 48  ? -0.122  -9.821  1.572   1.00 51.00  ? 48  LEU A CA  1 
ATOM   367 C C   . LEU A 1 48  ? 0.683   -8.593  1.845   1.00 47.34  ? 48  LEU A C   1 
ATOM   368 O O   . LEU A 1 48  ? 1.435   -8.142  0.996   1.00 52.50  ? 48  LEU A O   1 
ATOM   369 C CB  . LEU A 1 48  ? 0.539   -11.077 2.122   1.00 47.75  ? 48  LEU A CB  1 
ATOM   370 C CG  . LEU A 1 48  ? -0.645  -11.949 2.617   1.00 56.73  ? 48  LEU A CG  1 
ATOM   371 C CD1 . LEU A 1 48  ? -1.353  -12.661 1.434   1.00 48.95  ? 48  LEU A CD1 1 
ATOM   372 C CD2 . LEU A 1 48  ? -0.214  -12.966 3.655   1.00 44.81  ? 48  LEU A CD2 1 
ATOM   373 N N   . PRO A 1 49  ? 0.489   -8.007  3.025   1.00 53.92  ? 49  PRO A N   1 
ATOM   374 C CA  . PRO A 1 49  ? 1.343   -6.939  3.526   1.00 55.38  ? 49  PRO A CA  1 
ATOM   375 C C   . PRO A 1 49  ? 2.734   -7.517  3.661   1.00 54.85  ? 49  PRO A C   1 
ATOM   376 O O   . PRO A 1 49  ? 2.865   -8.745  3.656   1.00 54.28  ? 49  PRO A O   1 
ATOM   377 C CB  . PRO A 1 49  ? 0.794   -6.725  4.937   1.00 51.61  ? 49  PRO A CB  1 
ATOM   378 C CG  . PRO A 1 49  ? 0.260   -8.043  5.312   1.00 60.52  ? 49  PRO A CG  1 
ATOM   379 C CD  . PRO A 1 49  ? -0.435  -8.481  4.062   1.00 53.38  ? 49  PRO A CD  1 
ATOM   380 N N   . PRO A 1 50  ? 3.762   -6.669  3.850   1.00 66.30  ? 50  PRO A N   1 
ATOM   381 C CA  . PRO A 1 50  ? 5.150   -7.196  3.962   1.00 65.66  ? 50  PRO A CA  1 
ATOM   382 C C   . PRO A 1 50  ? 5.497   -7.753  5.353   1.00 73.84  ? 50  PRO A C   1 
ATOM   383 O O   . PRO A 1 50  ? 4.867   -7.363  6.336   1.00 65.69  ? 50  PRO A O   1 
ATOM   384 C CB  . PRO A 1 50  ? 6.019   -5.957  3.674   1.00 66.60  ? 50  PRO A CB  1 
ATOM   385 C CG  . PRO A 1 50  ? 5.054   -4.843  3.261   1.00 57.24  ? 50  PRO A CG  1 
ATOM   386 C CD  . PRO A 1 50  ? 3.735   -5.190  3.863   1.00 53.02  ? 50  PRO A CD  1 
ATOM   387 N N   . PRO A 1 51  ? 6.504   -8.645  5.445   1.00 78.72  ? 51  PRO A N   1 
ATOM   388 C CA  . PRO A 1 51  ? 6.903   -9.170  6.760   1.00 79.50  ? 51  PRO A CA  1 
ATOM   389 C C   . PRO A 1 51  ? 7.796   -8.162  7.515   1.00 88.97  ? 51  PRO A C   1 
ATOM   390 O O   . PRO A 1 51  ? 8.132   -7.101  6.951   1.00 84.56  ? 51  PRO A O   1 
ATOM   391 C CB  . PRO A 1 51  ? 7.704   -10.422 6.387   1.00 90.70  ? 51  PRO A CB  1 
ATOM   392 C CG  . PRO A 1 51  ? 8.388   -10.031 5.099   1.00 69.22  ? 51  PRO A CG  1 
ATOM   393 C CD  . PRO A 1 51  ? 7.336   -9.205  4.357   1.00 79.09  ? 51  PRO A CD  1 
ATOM   394 N N   . PRO A 1 52  ? 8.166   -8.476  8.782   1.00 87.10  ? 52  PRO A N   1 
ATOM   395 C CA  . PRO A 1 52  ? 9.079   -7.624  9.618   1.00 98.37  ? 52  PRO A CA  1 
ATOM   396 C C   . PRO A 1 52  ? 10.544  -7.507  9.143   1.00 96.53  ? 52  PRO A C   1 
ATOM   397 O O   . PRO A 1 52  ? 11.133  -8.483  8.661   1.00 74.53  ? 52  PRO A O   1 
ATOM   398 C CB  . PRO A 1 52  ? 9.032   -8.288  10.990  1.00 99.10  ? 52  PRO A CB  1 
ATOM   399 C CG  . PRO A 1 52  ? 8.384   -9.658  10.746  1.00 99.05  ? 52  PRO A CG  1 
ATOM   400 C CD  . PRO A 1 52  ? 7.488   -9.517  9.576   1.00 70.15  ? 52  PRO A CD  1 
ATOM   401 N N   . SER A 1 59  ? 17.265  4.658   2.525   1.00 62.49  ? 59  SER A N   1 
ATOM   402 C CA  . SER A 1 59  ? 18.433  5.236   1.823   1.00 76.76  ? 59  SER A CA  1 
ATOM   403 C C   . SER A 1 59  ? 18.117  6.039   0.515   1.00 97.06  ? 59  SER A C   1 
ATOM   404 O O   . SER A 1 59  ? 17.363  5.587   -0.371  1.00 78.76  ? 59  SER A O   1 
ATOM   405 C CB  . SER A 1 59  ? 19.477  4.146   1.541   1.00 69.39  ? 59  SER A CB  1 
ATOM   406 N N   . GLU A 1 60  ? 18.705  7.230   0.389   1.00 83.37  ? 60  GLU A N   1 
ATOM   407 C CA  . GLU A 1 60  ? 18.572  8.045   -0.848  1.00 94.11  ? 60  GLU A CA  1 
ATOM   408 C C   . GLU A 1 60  ? 18.683  7.309   -2.189  1.00 88.72  ? 60  GLU A C   1 
ATOM   409 O O   . GLU A 1 60  ? 19.520  6.422   -2.346  1.00 97.99  ? 60  GLU A O   1 
ATOM   410 C CB  . GLU A 1 60  ? 19.629  9.142   -0.867  1.00 99.49  ? 60  GLU A CB  1 
ATOM   411 C CG  . GLU A 1 60  ? 19.113  10.516  -0.598  1.00 93.58  ? 60  GLU A CG  1 
ATOM   412 C CD  . GLU A 1 60  ? 20.196  11.554  -0.691  1.00 96.26  ? 60  GLU A CD  1 
ATOM   413 O OE1 . GLU A 1 60  ? 20.051  12.616  -0.050  1.00 102.22 ? 60  GLU A OE1 1 
ATOM   414 O OE2 . GLU A 1 60  ? 21.194  11.311  -1.403  1.00 104.41 ? 60  GLU A OE2 1 
ATOM   415 N N   . GLY A 1 61  ? 17.879  7.719   -3.169  1.00 83.20  ? 61  GLY A N   1 
ATOM   416 C CA  . GLY A 1 61  ? 17.902  7.096   -4.497  1.00 66.84  ? 61  GLY A CA  1 
ATOM   417 C C   . GLY A 1 61  ? 16.979  5.882   -4.563  1.00 87.71  ? 61  GLY A C   1 
ATOM   418 O O   . GLY A 1 61  ? 16.676  5.384   -5.654  1.00 70.00  ? 61  GLY A O   1 
ATOM   419 N N   . ASP A 1 62  ? 16.518  5.421   -3.393  1.00 79.74  ? 62  ASP A N   1 
ATOM   420 C CA  . ASP A 1 62  ? 15.698  4.219   -3.289  1.00 78.55  ? 62  ASP A CA  1 
ATOM   421 C C   . ASP A 1 62  ? 14.314  4.333   -3.883  1.00 74.27  ? 62  ASP A C   1 
ATOM   422 O O   . ASP A 1 62  ? 13.709  5.403   -3.926  1.00 70.78  ? 62  ASP A O   1 
ATOM   423 C CB  . ASP A 1 62  ? 15.585  3.765   -1.840  1.00 83.51  ? 62  ASP A CB  1 
ATOM   424 C CG  . ASP A 1 62  ? 16.801  2.977   -1.391  1.00 93.24  ? 62  ASP A CG  1 
ATOM   425 O OD1 . ASP A 1 62  ? 17.526  2.460   -2.282  1.00 78.77  ? 62  ASP A OD1 1 
ATOM   426 O OD2 . ASP A 1 62  ? 17.036  2.883   -0.159  1.00 84.36  ? 62  ASP A OD2 1 
ATOM   427 N N   . GLU A 1 63  ? 13.838  3.204   -4.375  1.00 80.33  ? 63  GLU A N   1 
ATOM   428 C CA  . GLU A 1 63  ? 12.465  3.073   -4.763  1.00 79.55  ? 63  GLU A CA  1 
ATOM   429 C C   . GLU A 1 63  ? 11.772  2.523   -3.518  1.00 77.57  ? 63  GLU A C   1 
ATOM   430 O O   . GLU A 1 63  ? 12.168  1.506   -2.955  1.00 84.60  ? 63  GLU A O   1 
ATOM   431 C CB  . GLU A 1 63  ? 12.344  2.154   -5.964  1.00 74.46  ? 63  GLU A CB  1 
ATOM   432 C CG  . GLU A 1 63  ? 11.376  2.648   -6.996  1.00 92.76  ? 63  GLU A CG  1 
ATOM   433 C CD  . GLU A 1 63  ? 9.992   2.042   -6.821  1.00 121.76 ? 63  GLU A CD  1 
ATOM   434 O OE1 . GLU A 1 63  ? 9.877   0.793   -6.854  1.00 125.22 ? 63  GLU A OE1 1 
ATOM   435 O OE2 . GLU A 1 63  ? 9.016   2.810   -6.659  1.00 123.58 ? 63  GLU A OE2 1 
ATOM   436 N N   . VAL A 1 64  ? 10.772  3.254   -3.060  1.00 70.11  ? 64  VAL A N   1 
ATOM   437 C CA  . VAL A 1 64  ? 10.029  2.902   -1.862  1.00 72.11  ? 64  VAL A CA  1 
ATOM   438 C C   . VAL A 1 64  ? 8.518   3.000   -2.094  1.00 69.15  ? 64  VAL A C   1 
ATOM   439 O O   . VAL A 1 64  ? 8.054   3.299   -3.210  1.00 71.83  ? 64  VAL A O   1 
ATOM   440 C CB  . VAL A 1 64  ? 10.443  3.818   -0.689  1.00 64.70  ? 64  VAL A CB  1 
ATOM   441 C CG1 . VAL A 1 64  ? 11.920  3.575   -0.369  1.00 64.85  ? 64  VAL A CG1 1 
ATOM   442 C CG2 . VAL A 1 64  ? 10.139  5.317   -0.999  1.00 59.00  ? 64  VAL A CG2 1 
ATOM   443 N N   . GLU A 1 65  ? 7.750   2.740   -1.046  1.00 68.43  ? 65  GLU A N   1 
ATOM   444 C CA  . GLU A 1 65  ? 6.323   3.062   -1.063  1.00 72.64  ? 65  GLU A CA  1 
ATOM   445 C C   . GLU A 1 65  ? 6.096   4.145   -0.050  1.00 65.19  ? 65  GLU A C   1 
ATOM   446 O O   . GLU A 1 65  ? 6.930   4.321   0.825   1.00 67.79  ? 65  GLU A O   1 
ATOM   447 C CB  . GLU A 1 65  ? 5.457   1.826   -0.768  1.00 66.52  ? 65  GLU A CB  1 
ATOM   448 C CG  . GLU A 1 65  ? 5.221   0.986   -2.009  1.00 58.85  ? 65  GLU A CG  1 
ATOM   449 C CD  . GLU A 1 65  ? 4.732   -0.370  -1.713  1.00 65.83  ? 65  GLU A CD  1 
ATOM   450 O OE1 . GLU A 1 65  ? 4.861   -0.823  -0.544  1.00 68.00  ? 65  GLU A OE1 1 
ATOM   451 O OE2 . GLU A 1 65  ? 4.237   -0.990  -2.671  1.00 74.73  ? 65  GLU A OE2 1 
ATOM   452 N N   . VAL A 1 66  ? 4.982   4.867   -0.150  1.00 71.41  ? 66  VAL A N   1 
ATOM   453 C CA  . VAL A 1 66  ? 4.707   5.928   0.812   1.00 68.48  ? 66  VAL A CA  1 
ATOM   454 C C   . VAL A 1 66  ? 3.228   6.044   1.159   1.00 76.14  ? 66  VAL A C   1 
ATOM   455 O O   . VAL A 1 66  ? 2.357   5.852   0.299   1.00 65.96  ? 66  VAL A O   1 
ATOM   456 C CB  . VAL A 1 66  ? 5.274   7.309   0.345   1.00 85.74  ? 66  VAL A CB  1 
ATOM   457 C CG1 . VAL A 1 66  ? 4.693   7.717   -1.015  1.00 79.18  ? 66  VAL A CG1 1 
ATOM   458 C CG2 . VAL A 1 66  ? 5.038   8.413   1.405   1.00 69.64  ? 66  VAL A CG2 1 
ATOM   459 N N   . TYR A 1 67  ? 2.972   6.419   2.414   1.00 60.15  ? 67  TYR A N   1 
ATOM   460 C CA  . TYR A 1 67  ? 1.650   6.461   2.973   1.00 59.35  ? 67  TYR A CA  1 
ATOM   461 C C   . TYR A 1 67  ? 0.909   7.780   2.718   1.00 62.94  ? 67  TYR A C   1 
ATOM   462 O O   . TYR A 1 67  ? 1.229   8.764   3.371   1.00 83.05  ? 67  TYR A O   1 
ATOM   463 C CB  . TYR A 1 67  ? 1.794   6.195   4.482   1.00 64.74  ? 67  TYR A CB  1 
ATOM   464 C CG  . TYR A 1 67  ? 0.517   5.689   5.089   1.00 58.89  ? 67  TYR A CG  1 
ATOM   465 C CD1 . TYR A 1 67  ? 0.017   4.439   4.727   1.00 58.98  ? 67  TYR A CD1 1 
ATOM   466 C CD2 . TYR A 1 67  ? -0.215  6.463   5.986   1.00 53.88  ? 67  TYR A CD2 1 
ATOM   467 C CE1 . TYR A 1 67  ? -1.171  3.965   5.255   1.00 50.64  ? 67  TYR A CE1 1 
ATOM   468 C CE2 . TYR A 1 67  ? -1.407  5.980   6.539   1.00 51.64  ? 67  TYR A CE2 1 
ATOM   469 C CZ  . TYR A 1 67  ? -1.871  4.735   6.144   1.00 49.19  ? 67  TYR A CZ  1 
ATOM   470 O OH  . TYR A 1 67  ? -3.034  4.216   6.625   1.00 63.00  ? 67  TYR A OH  1 
ATOM   471 N N   . SER A 1 68  ? -0.089  7.817   1.816   1.00 63.72  ? 68  SER A N   1 
ATOM   472 C CA  . SER A 1 68  ? -0.785  9.095   1.481   1.00 68.25  ? 68  SER A CA  1 
ATOM   473 C C   . SER A 1 68  ? -2.268  9.090   1.060   1.00 86.31  ? 68  SER A C   1 
ATOM   474 O O   . SER A 1 68  ? -2.901  8.046   0.970   1.00 95.54  ? 68  SER A O   1 
ATOM   475 C CB  . SER A 1 68  ? -0.019  9.860   0.402   1.00 81.37  ? 68  SER A CB  1 
ATOM   476 O OG  . SER A 1 68  ? 1.125   10.508  0.922   1.00 92.19  ? 68  SER A OG  1 
ATOM   477 N N   . ARG A 1 69  ? -2.783  10.290  0.777   1.00 85.93  ? 69  ARG A N   1 
ATOM   478 C CA  . ARG A 1 69  ? -4.176  10.513  0.416   1.00 74.52  ? 69  ARG A CA  1 
ATOM   479 C C   . ARG A 1 69  ? -4.227  11.621  -0.620  1.00 81.49  ? 69  ARG A C   1 
ATOM   480 O O   . ARG A 1 69  ? -4.320  11.361  -1.819  1.00 83.88  ? 69  ARG A O   1 
ATOM   481 C CB  . ARG A 1 69  ? -4.989  10.914  1.651   1.00 75.59  ? 69  ARG A CB  1 
ATOM   482 N N   . PRO A 1 75  ? -8.708  8.965   1.904   1.00 61.22  ? 75  PRO A N   1 
ATOM   483 C CA  . PRO A 1 75  ? -8.289  7.644   2.444   1.00 67.65  ? 75  PRO A CA  1 
ATOM   484 C C   . PRO A 1 75  ? -6.817  7.341   2.149   1.00 73.59  ? 75  PRO A C   1 
ATOM   485 O O   . PRO A 1 75  ? -6.353  7.437   0.992   1.00 71.76  ? 75  PRO A O   1 
ATOM   486 C CB  . PRO A 1 75  ? -9.223  6.638   1.748   1.00 66.07  ? 75  PRO A CB  1 
ATOM   487 C CG  . PRO A 1 75  ? -9.967  7.499   0.626   1.00 83.63  ? 75  PRO A CG  1 
ATOM   488 C CD  . PRO A 1 75  ? -9.300  8.863   0.560   1.00 66.38  ? 75  PRO A CD  1 
ATOM   489 N N   . CYS A 1 76  ? -6.083  7.001   3.207   1.00 70.97  ? 76  CYS A N   1 
ATOM   490 C CA  . CYS A 1 76  ? -4.639  6.802   3.114   1.00 68.34  ? 76  CYS A CA  1 
ATOM   491 C C   . CYS A 1 76  ? -4.305  5.381   2.665   1.00 63.70  ? 76  CYS A C   1 
ATOM   492 O O   . CYS A 1 76  ? -5.005  4.433   3.015   1.00 57.25  ? 76  CYS A O   1 
ATOM   493 C CB  . CYS A 1 76  ? -3.957  7.141   4.435   1.00 74.65  ? 76  CYS A CB  1 
ATOM   494 S SG  . CYS A 1 76  ? -3.667  8.896   4.689   1.00 86.19  ? 76  CYS A SG  1 
ATOM   495 N N   . GLY A 1 77  ? -3.271  5.257   1.841   1.00 53.42  ? 77  GLY A N   1 
ATOM   496 C CA  . GLY A 1 77  ? -2.761  3.959   1.392   1.00 56.21  ? 77  GLY A CA  1 
ATOM   497 C C   . GLY A 1 77  ? -1.344  4.107   0.841   1.00 59.95  ? 77  GLY A C   1 
ATOM   498 O O   . GLY A 1 77  ? -0.791  5.210   0.890   1.00 50.24  ? 77  GLY A O   1 
ATOM   499 N N   . TRP A 1 78  ? -0.774  3.015   0.311   1.00 58.65  ? 78  TRP A N   1 
ATOM   500 C CA  . TRP A 1 78  ? 0.640   2.957   -0.157  1.00 63.49  ? 78  TRP A CA  1 
ATOM   501 C C   . TRP A 1 78  ? 0.877   3.292   -1.641  1.00 64.57  ? 78  TRP A C   1 
ATOM   502 O O   . TRP A 1 78  ? 0.416   2.575   -2.546  1.00 63.48  ? 78  TRP A O   1 
ATOM   503 C CB  . TRP A 1 78  ? 1.271   1.589   0.206   1.00 58.73  ? 78  TRP A CB  1 
ATOM   504 C CG  . TRP A 1 78  ? 1.302   1.417   1.691   1.00 63.08  ? 78  TRP A CG  1 
ATOM   505 C CD1 . TRP A 1 78  ? 0.377   0.750   2.476   1.00 67.73  ? 78  TRP A CD1 1 
ATOM   506 C CD2 . TRP A 1 78  ? 2.261   1.988   2.596   1.00 69.39  ? 78  TRP A CD2 1 
ATOM   507 N NE1 . TRP A 1 78  ? 0.715   0.872   3.816   1.00 62.83  ? 78  TRP A NE1 1 
ATOM   508 C CE2 . TRP A 1 78  ? 1.866   1.617   3.916   1.00 74.58  ? 78  TRP A CE2 1 
ATOM   509 C CE3 . TRP A 1 78  ? 3.411   2.787   2.426   1.00 62.82  ? 78  TRP A CE3 1 
ATOM   510 C CZ2 . TRP A 1 78  ? 2.601   2.004   5.055   1.00 67.38  ? 78  TRP A CZ2 1 
ATOM   511 C CZ3 . TRP A 1 78  ? 4.138   3.169   3.564   1.00 70.31  ? 78  TRP A CZ3 1 
ATOM   512 C CH2 . TRP A 1 78  ? 3.732   2.771   4.857   1.00 64.19  ? 78  TRP A CH2 1 
ATOM   513 N N   . TRP A 1 79  ? 1.626   4.364   -1.887  1.00 69.11  ? 79  TRP A N   1 
ATOM   514 C CA  . TRP A 1 79  ? 1.941   4.753   -3.261  1.00 68.70  ? 79  TRP A CA  1 
ATOM   515 C C   . TRP A 1 79  ? 3.415   4.485   -3.529  1.00 70.88  ? 79  TRP A C   1 
ATOM   516 O O   . TRP A 1 79  ? 4.196   4.469   -2.574  1.00 77.97  ? 79  TRP A O   1 
ATOM   517 C CB  . TRP A 1 79  ? 1.590   6.211   -3.496  1.00 62.79  ? 79  TRP A CB  1 
ATOM   518 C CG  . TRP A 1 79  ? 0.117   6.598   -3.263  1.00 66.58  ? 79  TRP A CG  1 
ATOM   519 C CD1 . TRP A 1 79  ? -0.479  6.839   -2.059  1.00 73.61  ? 79  TRP A CD1 1 
ATOM   520 C CD2 . TRP A 1 79  ? -0.897  6.864   -4.266  1.00 73.99  ? 79  TRP A CD2 1 
ATOM   521 N NE1 . TRP A 1 79  ? -1.802  7.219   -2.236  1.00 72.79  ? 79  TRP A NE1 1 
ATOM   522 C CE2 . TRP A 1 79  ? -2.083  7.243   -3.575  1.00 73.45  ? 79  TRP A CE2 1 
ATOM   523 C CE3 . TRP A 1 79  ? -0.924  6.805   -5.670  1.00 69.10  ? 79  TRP A CE3 1 
ATOM   524 C CZ2 . TRP A 1 79  ? -3.278  7.552   -4.237  1.00 69.84  ? 79  TRP A CZ2 1 
ATOM   525 C CZ3 . TRP A 1 79  ? -2.122  7.125   -6.333  1.00 85.26  ? 79  TRP A CZ3 1 
ATOM   526 C CH2 . TRP A 1 79  ? -3.280  7.493   -5.610  1.00 81.13  ? 79  TRP A CH2 1 
ATOM   527 N N   . LEU A 1 80  ? 3.777   4.220   -4.798  1.00 65.70  ? 80  LEU A N   1 
ATOM   528 C CA  . LEU A 1 80  ? 5.189   3.993   -5.217  1.00 69.08  ? 80  LEU A CA  1 
ATOM   529 C C   . LEU A 1 80  ? 5.921   5.351   -5.378  1.00 61.15  ? 80  LEU A C   1 
ATOM   530 O O   . LEU A 1 80  ? 5.417   6.266   -6.043  1.00 71.32  ? 80  LEU A O   1 
ATOM   531 C CB  . LEU A 1 80  ? 5.279   3.198   -6.541  1.00 70.78  ? 80  LEU A CB  1 
ATOM   532 C CG  . LEU A 1 80  ? 4.949   1.702   -6.768  1.00 85.82  ? 80  LEU A CG  1 
ATOM   533 C CD1 . LEU A 1 80  ? 4.411   1.390   -8.216  1.00 76.49  ? 80  LEU A CD1 1 
ATOM   534 C CD2 . LEU A 1 80  ? 6.148   0.816   -6.463  1.00 70.66  ? 80  LEU A CD2 1 
ATOM   535 N N   . ALA A 1 81  ? 7.101   5.477   -4.770  1.00 64.86  ? 81  ALA A N   1 
ATOM   536 C CA  . ALA A 1 81  ? 7.832   6.754   -4.722  1.00 58.63  ? 81  ALA A CA  1 
ATOM   537 C C   . ALA A 1 81  ? 9.355   6.576   -4.787  1.00 68.81  ? 81  ALA A C   1 
ATOM   538 O O   . ALA A 1 81  ? 9.872   5.496   -4.506  1.00 70.99  ? 81  ALA A O   1 
ATOM   539 C CB  . ALA A 1 81  ? 7.455   7.513   -3.471  1.00 57.26  ? 81  ALA A CB  1 
ATOM   540 N N   . LYS A 1 82  ? 10.073  7.636   -5.145  1.00 60.63  ? 82  LYS A N   1 
ATOM   541 C CA  . LYS A 1 82  ? 11.522  7.575   -5.139  1.00 65.61  ? 82  LYS A CA  1 
ATOM   542 C C   . LYS A 1 82  ? 11.971  8.587   -4.137  1.00 65.54  ? 82  LYS A C   1 
ATOM   543 O O   . LYS A 1 82  ? 11.411  9.684   -4.048  1.00 69.10  ? 82  LYS A O   1 
ATOM   544 C CB  . LYS A 1 82  ? 12.116  7.879   -6.533  1.00 69.94  ? 82  LYS A CB  1 
ATOM   545 N N   . VAL A 1 83  ? 12.966  8.214   -3.352  1.00 68.36  ? 83  VAL A N   1 
ATOM   546 C CA  . VAL A 1 83  ? 13.561  9.164   -2.433  1.00 67.98  ? 83  VAL A CA  1 
ATOM   547 C C   . VAL A 1 83  ? 14.506  10.010  -3.240  1.00 73.20  ? 83  VAL A C   1 
ATOM   548 O O   . VAL A 1 83  ? 15.539  9.516   -3.707  1.00 73.87  ? 83  VAL A O   1 
ATOM   549 C CB  . VAL A 1 83  ? 14.350  8.490   -1.303  1.00 61.97  ? 83  VAL A CB  1 
ATOM   550 C CG1 . VAL A 1 83  ? 15.047  9.539   -0.442  1.00 66.12  ? 83  VAL A CG1 1 
ATOM   551 C CG2 . VAL A 1 83  ? 13.418  7.679   -0.446  1.00 66.92  ? 83  VAL A CG2 1 
ATOM   552 N N   . ARG A 1 84  ? 14.144  11.279  -3.402  1.00 67.91  ? 84  ARG A N   1 
ATOM   553 C CA  . ARG A 1 84  ? 14.992  12.232  -4.108  1.00 74.92  ? 84  ARG A CA  1 
ATOM   554 C C   . ARG A 1 84  ? 16.186  12.744  -3.275  1.00 73.91  ? 84  ARG A C   1 
ATOM   555 O O   . ARG A 1 84  ? 17.264  12.955  -3.818  1.00 79.96  ? 84  ARG A O   1 
ATOM   556 C CB  . ARG A 1 84  ? 14.161  13.382  -4.707  1.00 75.99  ? 84  ARG A CB  1 
ATOM   557 C CG  . ARG A 1 84  ? 14.029  13.368  -6.265  1.00 83.57  ? 84  ARG A CG  1 
ATOM   558 C CD  . ARG A 1 84  ? 13.567  12.037  -6.816  1.00 89.37  ? 84  ARG A CD  1 
ATOM   559 N NE  . ARG A 1 84  ? 13.578  11.985  -8.281  1.00 115.17 ? 84  ARG A NE  1 
ATOM   560 C CZ  . ARG A 1 84  ? 14.580  11.507  -9.028  1.00 127.08 ? 84  ARG A CZ  1 
ATOM   561 N NH1 . ARG A 1 84  ? 15.698  11.043  -8.469  1.00 119.50 ? 84  ARG A NH1 1 
ATOM   562 N NH2 . ARG A 1 84  ? 14.462  11.493  -10.353 1.00 125.26 ? 84  ARG A NH2 1 
ATOM   563 N N   . MET A 1 85  ? 16.008  12.911  -1.968  1.00 76.08  ? 85  MET A N   1 
ATOM   564 C CA  . MET A 1 85  ? 17.067  13.452  -1.108  1.00 76.07  ? 85  MET A CA  1 
ATOM   565 C C   . MET A 1 85  ? 16.670  13.267  0.359   1.00 83.20  ? 85  MET A C   1 
ATOM   566 O O   . MET A 1 85  ? 15.487  13.360  0.691   1.00 104.80 ? 85  MET A O   1 
ATOM   567 C CB  . MET A 1 85  ? 17.371  14.938  -1.464  1.00 70.94  ? 85  MET A CB  1 
ATOM   568 C CG  . MET A 1 85  ? 17.693  15.876  -0.282  1.00 66.63  ? 85  MET A CG  1 
ATOM   569 S SD  . MET A 1 85  ? 17.784  17.665  -0.636  1.00 57.01  ? 85  MET A SD  1 
ATOM   570 C CE  . MET A 1 85  ? 19.512  17.860  -1.117  1.00 80.53  ? 85  MET A CE  1 
ATOM   571 N N   . MET A 1 86  ? 17.647  12.969  1.219   1.00 82.68  ? 86  MET A N   1 
ATOM   572 C CA  . MET A 1 86  ? 17.409  12.843  2.669   1.00 73.82  ? 86  MET A CA  1 
ATOM   573 C C   . MET A 1 86  ? 18.286  13.843  3.417   1.00 67.70  ? 86  MET A C   1 
ATOM   574 O O   . MET A 1 86  ? 19.453  14.016  3.065   1.00 82.47  ? 86  MET A O   1 
ATOM   575 C CB  . MET A 1 86  ? 17.716  11.421  3.169   1.00 71.12  ? 86  MET A CB  1 
ATOM   576 C CG  . MET A 1 86  ? 17.245  10.280  2.269   1.00 58.97  ? 86  MET A CG  1 
ATOM   577 S SD  . MET A 1 86  ? 17.759  8.681   2.909   1.00 63.24  ? 86  MET A SD  1 
ATOM   578 C CE  . MET A 1 86  ? 18.064  9.253   4.601   1.00 57.70  ? 86  MET A CE  1 
ATOM   579 N N   . LYS A 1 87  ? 17.724  14.510  4.427   1.00 64.27  ? 87  LYS A N   1 
ATOM   580 C CA  . LYS A 1 87  ? 18.458  15.452  5.319   1.00 71.78  ? 87  LYS A CA  1 
ATOM   581 C C   . LYS A 1 87  ? 17.696  15.571  6.650   1.00 80.48  ? 87  LYS A C   1 
ATOM   582 O O   . LYS A 1 87  ? 16.476  15.834  6.646   1.00 69.03  ? 87  LYS A O   1 
ATOM   583 C CB  . LYS A 1 87  ? 18.649  16.855  4.671   1.00 66.73  ? 87  LYS A CB  1 
ATOM   584 N N   . GLY A 1 88  ? 18.391  15.357  7.776   1.00 75.58  ? 88  GLY A N   1 
ATOM   585 C CA  . GLY A 1 88  ? 17.744  15.429  9.093   1.00 65.04  ? 88  GLY A CA  1 
ATOM   586 C C   . GLY A 1 88  ? 16.703  14.337  9.260   1.00 65.89  ? 88  GLY A C   1 
ATOM   587 O O   . GLY A 1 88  ? 16.902  13.217  8.808   1.00 57.94  ? 88  GLY A O   1 
ATOM   588 N N   . GLU A 1 89  ? 15.583  14.660  9.900   1.00 73.93  ? 89  GLU A N   1 
ATOM   589 C CA  . GLU A 1 89  ? 14.470  13.705  9.993   1.00 77.93  ? 89  GLU A CA  1 
ATOM   590 C C   . GLU A 1 89  ? 13.754  13.432  8.637   1.00 74.41  ? 89  GLU A C   1 
ATOM   591 O O   . GLU A 1 89  ? 12.861  12.571  8.582   1.00 90.15  ? 89  GLU A O   1 
ATOM   592 C CB  . GLU A 1 89  ? 13.453  14.183  11.063  1.00 68.93  ? 89  GLU A CB  1 
ATOM   593 N N   . PHE A 1 90  ? 14.168  14.128  7.559   1.00 74.26  ? 90  PHE A N   1 
ATOM   594 C CA  . PHE A 1 90  ? 13.329  14.358  6.342   1.00 55.32  ? 90  PHE A CA  1 
ATOM   595 C C   . PHE A 1 90  ? 13.728  13.661  5.043   1.00 70.32  ? 90  PHE A C   1 
ATOM   596 O O   . PHE A 1 90  ? 14.908  13.407  4.767   1.00 69.45  ? 90  PHE A O   1 
ATOM   597 C CB  . PHE A 1 90  ? 13.224  15.835  6.033   1.00 51.15  ? 90  PHE A CB  1 
ATOM   598 C CG  . PHE A 1 90  ? 12.642  16.646  7.139   1.00 68.94  ? 90  PHE A CG  1 
ATOM   599 C CD1 . PHE A 1 90  ? 11.296  16.504  7.498   1.00 75.68  ? 90  PHE A CD1 1 
ATOM   600 C CD2 . PHE A 1 90  ? 13.431  17.577  7.828   1.00 63.88  ? 90  PHE A CD2 1 
ATOM   601 C CE1 . PHE A 1 90  ? 10.731  17.272  8.542   1.00 78.13  ? 90  PHE A CE1 1 
ATOM   602 C CE2 . PHE A 1 90  ? 12.879  18.352  8.882   1.00 72.89  ? 90  PHE A CE2 1 
ATOM   603 C CZ  . PHE A 1 90  ? 11.525  18.203  9.231   1.00 77.74  ? 90  PHE A CZ  1 
ATOM   604 N N   . TYR A 1 91  ? 12.715  13.356  4.238   1.00 66.29  ? 91  TYR A N   1 
ATOM   605 C CA  . TYR A 1 91  ? 12.931  12.717  2.943   1.00 72.00  ? 91  TYR A CA  1 
ATOM   606 C C   . TYR A 1 91  ? 12.128  13.469  1.949   1.00 73.33  ? 91  TYR A C   1 
ATOM   607 O O   . TYR A 1 91  ? 10.944  13.737  2.155   1.00 65.33  ? 91  TYR A O   1 
ATOM   608 C CB  . TYR A 1 91  ? 12.417  11.289  2.924   1.00 75.61  ? 91  TYR A CB  1 
ATOM   609 C CG  . TYR A 1 91  ? 13.002  10.424  3.985   1.00 79.61  ? 91  TYR A CG  1 
ATOM   610 C CD1 . TYR A 1 91  ? 13.927  9.442   3.651   1.00 84.74  ? 91  TYR A CD1 1 
ATOM   611 C CD2 . TYR A 1 91  ? 12.635  10.581  5.334   1.00 76.95  ? 91  TYR A CD2 1 
ATOM   612 C CE1 . TYR A 1 91  ? 14.484  8.634   4.624   1.00 70.07  ? 91  TYR A CE1 1 
ATOM   613 C CE2 . TYR A 1 91  ? 13.190  9.793   6.316   1.00 73.75  ? 91  TYR A CE2 1 
ATOM   614 C CZ  . TYR A 1 91  ? 14.111  8.812   5.947   1.00 76.76  ? 91  TYR A CZ  1 
ATOM   615 O OH  . TYR A 1 91  ? 14.681  8.001   6.893   1.00 92.86  ? 91  TYR A OH  1 
ATOM   616 N N   . VAL A 1 92  ? 12.768  13.816  0.856   1.00 71.31  ? 92  VAL A N   1 
ATOM   617 C CA  . VAL A 1 92  ? 12.049  14.452  -0.218  1.00 67.55  ? 92  VAL A CA  1 
ATOM   618 C C   . VAL A 1 92  ? 11.673  13.331  -1.121  1.00 57.15  ? 92  VAL A C   1 
ATOM   619 O O   . VAL A 1 92  ? 12.529  12.641  -1.621  1.00 57.13  ? 92  VAL A O   1 
ATOM   620 C CB  . VAL A 1 92  ? 12.934  15.397  -0.975  1.00 64.35  ? 92  VAL A CB  1 
ATOM   621 C CG1 . VAL A 1 92  ? 12.197  15.914  -2.161  1.00 69.22  ? 92  VAL A CG1 1 
ATOM   622 C CG2 . VAL A 1 92  ? 13.373  16.543  -0.064  1.00 62.94  ? 92  VAL A CG2 1 
ATOM   623 N N   . ILE A 1 93  ? 10.388  13.113  -1.305  1.00 57.66  ? 93  ILE A N   1 
ATOM   624 C CA  . ILE A 1 93  ? 10.017  12.013  -2.170  1.00 68.34  ? 93  ILE A CA  1 
ATOM   625 C C   . ILE A 1 93  ? 9.303   12.453  -3.458  1.00 62.53  ? 93  ILE A C   1 
ATOM   626 O O   . ILE A 1 93  ? 8.792   13.563  -3.555  1.00 70.14  ? 93  ILE A O   1 
ATOM   627 C CB  . ILE A 1 93  ? 9.188   10.930  -1.393  1.00 65.84  ? 93  ILE A CB  1 
ATOM   628 C CG1 . ILE A 1 93  ? 7.896   11.517  -0.832  1.00 68.62  ? 93  ILE A CG1 1 
ATOM   629 C CG2 . ILE A 1 93  ? 10.018  10.317  -0.290  1.00 58.47  ? 93  ILE A CG2 1 
ATOM   630 C CD1 . ILE A 1 93  ? 6.689   10.775  -1.270  1.00 56.74  ? 93  ILE A CD1 1 
ATOM   631 N N   . GLU A 1 94  ? 9.270   11.570  -4.442  1.00 65.57  ? 94  GLU A N   1 
ATOM   632 C CA  . GLU A 1 94  ? 8.531   11.834  -5.659  1.00 66.90  ? 94  GLU A CA  1 
ATOM   633 C C   . GLU A 1 94  ? 7.637   10.645  -5.939  1.00 59.32  ? 94  GLU A C   1 
ATOM   634 O O   . GLU A 1 94  ? 7.960   9.534   -5.537  1.00 70.31  ? 94  GLU A O   1 
ATOM   635 C CB  . GLU A 1 94  ? 9.509   12.044  -6.790  1.00 62.86  ? 94  GLU A CB  1 
ATOM   636 C CG  . GLU A 1 94  ? 8.911   12.629  -8.041  1.00 87.32  ? 94  GLU A CG  1 
ATOM   637 C CD  . GLU A 1 94  ? 9.956   13.369  -8.842  1.00 90.51  ? 94  GLU A CD  1 
ATOM   638 O OE1 . GLU A 1 94  ? 9.788   14.595  -9.039  1.00 97.44  ? 94  GLU A OE1 1 
ATOM   639 O OE2 . GLU A 1 94  ? 10.959  12.731  -9.241  1.00 86.88  ? 94  GLU A OE2 1 
ATOM   640 N N   . TYR A 1 95  ? 6.508   10.880  -6.595  1.00 59.00  ? 95  TYR A N   1 
ATOM   641 C CA  . TYR A 1 95  ? 5.575   9.793   -6.945  1.00 79.37  ? 95  TYR A CA  1 
ATOM   642 C C   . TYR A 1 95  ? 5.642   9.369   -8.418  1.00 80.34  ? 95  TYR A C   1 
ATOM   643 O O   . TYR A 1 95  ? 4.717   8.726   -8.945  1.00 93.41  ? 95  TYR A O   1 
ATOM   644 C CB  . TYR A 1 95  ? 4.144   10.204  -6.625  1.00 78.32  ? 95  TYR A CB  1 
ATOM   645 C CG  . TYR A 1 95  ? 3.856   10.558  -5.170  1.00 91.43  ? 95  TYR A CG  1 
ATOM   646 C CD1 . TYR A 1 95  ? 2.634   10.228  -4.577  1.00 77.85  ? 95  TYR A CD1 1 
ATOM   647 C CD2 . TYR A 1 95  ? 4.783   11.259  -4.405  1.00 97.83  ? 95  TYR A CD2 1 
ATOM   648 C CE1 . TYR A 1 95  ? 2.358   10.582  -3.270  1.00 81.01  ? 95  TYR A CE1 1 
ATOM   649 C CE2 . TYR A 1 95  ? 4.517   11.608  -3.113  1.00 92.15  ? 95  TYR A CE2 1 
ATOM   650 C CZ  . TYR A 1 95  ? 3.314   11.270  -2.545  1.00 90.40  ? 95  TYR A CZ  1 
ATOM   651 O OH  . TYR A 1 95  ? 3.096   11.636  -1.241  1.00 93.20  ? 95  TYR A OH  1 
ATOM   652 N N   . TYR A 1 102 ? 3.927   14.259  -8.327  1.00 68.98  ? 102 TYR A N   1 
ATOM   653 C CA  . TYR A 1 102 ? 4.041   15.140  -7.137  1.00 85.08  ? 102 TYR A CA  1 
ATOM   654 C C   . TYR A 1 102 ? 5.296   14.898  -6.269  1.00 71.73  ? 102 TYR A C   1 
ATOM   655 O O   . TYR A 1 102 ? 5.989   13.890  -6.388  1.00 78.51  ? 102 TYR A O   1 
ATOM   656 C CB  . TYR A 1 102 ? 2.770   15.099  -6.246  1.00 70.62  ? 102 TYR A CB  1 
ATOM   657 N N   . ASN A 1 103 ? 5.553   15.847  -5.383  1.00 68.25  ? 103 ASN A N   1 
ATOM   658 C CA  . ASN A 1 103 ? 6.718   15.856  -4.515  1.00 61.16  ? 103 ASN A CA  1 
ATOM   659 C C   . ASN A 1 103 ? 6.307   16.266  -3.117  1.00 62.91  ? 103 ASN A C   1 
ATOM   660 O O   . ASN A 1 103 ? 5.439   17.112  -2.933  1.00 65.84  ? 103 ASN A O   1 
ATOM   661 C CB  . ASN A 1 103 ? 7.713   16.856  -5.064  1.00 55.46  ? 103 ASN A CB  1 
ATOM   662 C CG  . ASN A 1 103 ? 8.492   16.287  -6.227  1.00 68.25  ? 103 ASN A CG  1 
ATOM   663 O OD1 . ASN A 1 103 ? 9.271   15.350  -6.055  1.00 68.25  ? 103 ASN A OD1 1 
ATOM   664 N ND2 . ASN A 1 103 ? 8.279   16.828  -7.421  1.00 68.34  ? 103 ASN A ND2 1 
ATOM   665 N N   . GLU A 1 104 ? 6.922   15.670  -2.116  1.00 65.38  ? 104 GLU A N   1 
ATOM   666 C CA  . GLU A 1 104 ? 6.509   15.930  -0.740  1.00 63.64  ? 104 GLU A CA  1 
ATOM   667 C C   . GLU A 1 104 ? 7.646   15.612  0.243   1.00 57.90  ? 104 GLU A C   1 
ATOM   668 O O   . GLU A 1 104 ? 8.493   14.728  -0.035  1.00 56.39  ? 104 GLU A O   1 
ATOM   669 C CB  . GLU A 1 104 ? 5.277   15.088  -0.439  1.00 54.59  ? 104 GLU A CB  1 
ATOM   670 C CG  . GLU A 1 104 ? 4.424   15.626  0.652   1.00 75.84  ? 104 GLU A CG  1 
ATOM   671 C CD  . GLU A 1 104 ? 3.520   14.558  1.243   1.00 87.71  ? 104 GLU A CD  1 
ATOM   672 O OE1 . GLU A 1 104 ? 3.227   13.566  0.524   1.00 77.16  ? 104 GLU A OE1 1 
ATOM   673 O OE2 . GLU A 1 104 ? 3.110   14.712  2.430   1.00 77.17  ? 104 GLU A OE2 1 
ATOM   674 N N   . ILE A 1 105 ? 7.697   16.356  1.356   1.00 63.31  ? 105 ILE A N   1 
ATOM   675 C CA  . ILE A 1 105 ? 8.690   16.108  2.428   1.00 60.17  ? 105 ILE A CA  1 
ATOM   676 C C   . ILE A 1 105 ? 8.045   15.244  3.528   1.00 66.23  ? 105 ILE A C   1 
ATOM   677 O O   . ILE A 1 105 ? 7.046   15.631  4.116   1.00 72.33  ? 105 ILE A O   1 
ATOM   678 C CB  . ILE A 1 105 ? 9.309   17.423  3.010   1.00 59.61  ? 105 ILE A CB  1 
ATOM   679 N N   . VAL A 1 106 ? 8.586   14.055  3.778   1.00 58.22  ? 106 VAL A N   1 
ATOM   680 C CA  . VAL A 1 106 ? 8.002   13.147  4.772   1.00 61.70  ? 106 VAL A CA  1 
ATOM   681 C C   . VAL A 1 106 ? 9.041   12.705  5.832   1.00 69.06  ? 106 VAL A C   1 
ATOM   682 O O   . VAL A 1 106 ? 10.228  13.059  5.719   1.00 80.01  ? 106 VAL A O   1 
ATOM   683 C CB  . VAL A 1 106 ? 7.358   11.903  4.071   1.00 57.18  ? 106 VAL A CB  1 
ATOM   684 C CG1 . VAL A 1 106 ? 6.148   12.307  3.237   1.00 48.55  ? 106 VAL A CG1 1 
ATOM   685 C CG2 . VAL A 1 106 ? 8.371   11.183  3.211   1.00 57.78  ? 106 VAL A CG2 1 
ATOM   686 N N   . THR A 1 107 ? 8.592   11.948  6.849   1.00 69.18  ? 107 THR A N   1 
ATOM   687 C CA  . THR A 1 107 ? 9.488   11.295  7.839   1.00 71.50  ? 107 THR A CA  1 
ATOM   688 C C   . THR A 1 107 ? 9.451   9.765   7.789   1.00 77.76  ? 107 THR A C   1 
ATOM   689 O O   . THR A 1 107 ? 8.483   9.178   7.310   1.00 89.09  ? 107 THR A O   1 
ATOM   690 C CB  . THR A 1 107 ? 9.151   11.723  9.278   1.00 67.57  ? 107 THR A CB  1 
ATOM   691 O OG1 . THR A 1 107 ? 7.793   11.361  9.564   1.00 76.77  ? 107 THR A OG1 1 
ATOM   692 C CG2 . THR A 1 107 ? 9.354   13.257  9.460   1.00 61.74  ? 107 THR A CG2 1 
ATOM   693 N N   . PHE A 1 108 ? 10.495  9.136   8.320   1.00 80.27  ? 108 PHE A N   1 
ATOM   694 C CA  . PHE A 1 108 ? 10.669  7.680   8.313   1.00 75.51  ? 108 PHE A CA  1 
ATOM   695 C C   . PHE A 1 108 ? 9.366   6.864   8.360   1.00 73.71  ? 108 PHE A C   1 
ATOM   696 O O   . PHE A 1 108 ? 9.191   5.867   7.639   1.00 64.77  ? 108 PHE A O   1 
ATOM   697 C CB  . PHE A 1 108 ? 11.601  7.293   9.486   1.00 88.86  ? 108 PHE A CB  1 
ATOM   698 C CG  . PHE A 1 108 ? 12.154  5.863   9.426   1.00 100.08 ? 108 PHE A CG  1 
ATOM   699 C CD1 . PHE A 1 108 ? 12.481  5.251   8.210   1.00 92.23  ? 108 PHE A CD1 1 
ATOM   700 C CD2 . PHE A 1 108 ? 12.388  5.149   10.606  1.00 111.00 ? 108 PHE A CD2 1 
ATOM   701 C CE1 . PHE A 1 108 ? 12.999  3.946   8.172   1.00 105.06 ? 108 PHE A CE1 1 
ATOM   702 C CE2 . PHE A 1 108 ? 12.911  3.841   10.579  1.00 110.49 ? 108 PHE A CE2 1 
ATOM   703 C CZ  . PHE A 1 108 ? 13.214  3.243   9.362   1.00 111.49 ? 108 PHE A CZ  1 
ATOM   704 N N   . GLU A 1 109 ? 8.451   7.321   9.201   1.00 65.98  ? 109 GLU A N   1 
ATOM   705 C CA  . GLU A 1 109 ? 7.265   6.552   9.598   1.00 75.76  ? 109 GLU A CA  1 
ATOM   706 C C   . GLU A 1 109 ? 6.253   6.450   8.485   1.00 79.05  ? 109 GLU A C   1 
ATOM   707 O O   . GLU A 1 109 ? 5.327   5.644   8.549   1.00 90.02  ? 109 GLU A O   1 
ATOM   708 C CB  . GLU A 1 109 ? 6.585   7.202   10.798  1.00 68.24  ? 109 GLU A CB  1 
ATOM   709 C CG  . GLU A 1 109 ? 6.934   8.679   10.984  1.00 87.16  ? 109 GLU A CG  1 
ATOM   710 C CD  . GLU A 1 109 ? 8.244   8.854   11.791  1.00 115.70 ? 109 GLU A CD  1 
ATOM   711 O OE1 . GLU A 1 109 ? 9.320   8.312   11.410  1.00 101.39 ? 109 GLU A OE1 1 
ATOM   712 O OE2 . GLU A 1 109 ? 8.190   9.535   12.833  1.00 136.57 ? 109 GLU A OE2 1 
ATOM   713 N N   . ARG A 1 110 ? 6.429   7.281   7.468   1.00 77.26  ? 110 ARG A N   1 
ATOM   714 C CA  . ARG A 1 110 ? 5.496   7.337   6.366   1.00 58.56  ? 110 ARG A CA  1 
ATOM   715 C C   . ARG A 1 110 ? 6.005   6.602   5.142   1.00 57.84  ? 110 ARG A C   1 
ATOM   716 O O   . ARG A 1 110 ? 5.369   6.655   4.076   1.00 63.25  ? 110 ARG A O   1 
ATOM   717 C CB  . ARG A 1 110 ? 5.130   8.788   6.056   1.00 61.80  ? 110 ARG A CB  1 
ATOM   718 C CG  . ARG A 1 110 ? 3.924   9.274   6.865   1.00 58.97  ? 110 ARG A CG  1 
ATOM   719 C CD  . ARG A 1 110 ? 3.502   10.616  6.394   1.00 61.75  ? 110 ARG A CD  1 
ATOM   720 N NE  . ARG A 1 110 ? 2.831   10.539  5.104   1.00 67.85  ? 110 ARG A NE  1 
ATOM   721 C CZ  . ARG A 1 110 ? 2.660   11.585  4.291   1.00 75.13  ? 110 ARG A CZ  1 
ATOM   722 N NH1 . ARG A 1 110 ? 3.125   12.786  4.611   1.00 76.10  ? 110 ARG A NH1 1 
ATOM   723 N NH2 . ARG A 1 110 ? 2.016   11.451  3.145   1.00 80.99  ? 110 ARG A NH2 1 
ATOM   724 N N   . LEU A 1 111 ? 7.088   5.843   5.342   1.00 55.04  ? 111 LEU A N   1 
ATOM   725 C CA  . LEU A 1 111 ? 7.884   5.250   4.253   1.00 61.82  ? 111 LEU A CA  1 
ATOM   726 C C   . LEU A 1 111 ? 8.254   3.803   4.469   1.00 58.83  ? 111 LEU A C   1 
ATOM   727 O O   . LEU A 1 111 ? 8.296   3.349   5.616   1.00 68.55  ? 111 LEU A O   1 
ATOM   728 C CB  . LEU A 1 111 ? 9.200   6.010   4.112   1.00 77.11  ? 111 LEU A CB  1 
ATOM   729 C CG  . LEU A 1 111 ? 9.286   7.318   3.343   1.00 85.14  ? 111 LEU A CG  1 
ATOM   730 C CD1 . LEU A 1 111 ? 10.745  7.680   3.377   1.00 85.58  ? 111 LEU A CD1 1 
ATOM   731 C CD2 . LEU A 1 111 ? 8.755   7.210   1.880   1.00 86.50  ? 111 LEU A CD2 1 
ATOM   732 N N   . ARG A 1 112 ? 8.552   3.081   3.375   1.00 62.01  ? 112 ARG A N   1 
ATOM   733 C CA  . ARG A 1 112 ? 9.088   1.705   3.469   1.00 57.75  ? 112 ARG A CA  1 
ATOM   734 C C   . ARG A 1 112 ? 9.636   1.228   2.133   1.00 65.44  ? 112 ARG A C   1 
ATOM   735 O O   . ARG A 1 112 ? 9.284   1.786   1.092   1.00 63.23  ? 112 ARG A O   1 
ATOM   736 C CB  . ARG A 1 112 ? 7.997   0.733   3.910   1.00 59.84  ? 112 ARG A CB  1 
ATOM   737 C CG  . ARG A 1 112 ? 7.115   0.253   2.755   1.00 67.92  ? 112 ARG A CG  1 
ATOM   738 C CD  . ARG A 1 112 ? 5.754   -0.160  3.241   1.00 57.80  ? 112 ARG A CD  1 
ATOM   739 N NE  . ARG A 1 112 ? 4.955   -0.742  2.164   1.00 64.45  ? 112 ARG A NE  1 
ATOM   740 C CZ  . ARG A 1 112 ? 3.791   -1.354  2.376   1.00 73.02  ? 112 ARG A CZ  1 
ATOM   741 N NH1 . ARG A 1 112 ? 3.302   -1.443  3.617   1.00 52.41  ? 112 ARG A NH1 1 
ATOM   742 N NH2 . ARG A 1 112 ? 3.108   -1.876  1.368   1.00 46.75  ? 112 ARG A NH2 1 
ATOM   743 N N   . PRO A 1 113 ? 10.464  0.160   2.147   1.00 67.73  ? 113 PRO A N   1 
ATOM   744 C CA  . PRO A 1 113 ? 10.862  -0.379  0.843   1.00 63.99  ? 113 PRO A CA  1 
ATOM   745 C C   . PRO A 1 113 ? 9.639   -0.995  0.165   1.00 86.61  ? 113 PRO A C   1 
ATOM   746 O O   . PRO A 1 113 ? 8.653   -1.324  0.847   1.00 82.03  ? 113 PRO A O   1 
ATOM   747 C CB  . PRO A 1 113 ? 11.877  -1.466  1.200   1.00 67.92  ? 113 PRO A CB  1 
ATOM   748 C CG  . PRO A 1 113 ? 12.234  -1.229  2.696   1.00 73.52  ? 113 PRO A CG  1 
ATOM   749 C CD  . PRO A 1 113 ? 10.988  -0.644  3.273   1.00 58.99  ? 113 PRO A CD  1 
ATOM   750 N N   . VAL A 1 114 ? 9.684   -1.138  -1.156  1.00 66.29  ? 114 VAL A N   1 
ATOM   751 C CA  . VAL A 1 114 ? 8.550   -1.681  -1.854  1.00 69.49  ? 114 VAL A CA  1 
ATOM   752 C C   . VAL A 1 114 ? 8.151   -3.060  -1.264  1.00 78.47  ? 114 VAL A C   1 
ATOM   753 O O   . VAL A 1 114 ? 9.001   -3.884  -0.958  1.00 77.11  ? 114 VAL A O   1 
ATOM   754 C CB  . VAL A 1 114 ? 8.833   -1.723  -3.345  1.00 74.02  ? 114 VAL A CB  1 
ATOM   755 C CG1 . VAL A 1 114 ? 7.592   -2.140  -4.122  1.00 84.47  ? 114 VAL A CG1 1 
ATOM   756 C CG2 . VAL A 1 114 ? 9.273   -0.358  -3.788  1.00 63.81  ? 114 VAL A CG2 1 
ATOM   757 N N   . ASN A 1 115 ? 6.852   -3.250  -1.025  1.00 79.40  ? 115 ASN A N   1 
ATOM   758 C CA  . ASN A 1 115 ? 6.310   -4.560  -0.680  1.00 68.51  ? 115 ASN A CA  1 
ATOM   759 C C   . ASN A 1 115 ? 6.623   -5.473  -1.836  1.00 70.91  ? 115 ASN A C   1 
ATOM   760 O O   . ASN A 1 115 ? 6.112   -5.304  -2.946  1.00 68.50  ? 115 ASN A O   1 
ATOM   761 C CB  . ASN A 1 115 ? 4.791   -4.488  -0.471  1.00 69.17  ? 115 ASN A CB  1 
ATOM   762 C CG  . ASN A 1 115 ? 4.207   -5.759  0.105   1.00 67.24  ? 115 ASN A CG  1 
ATOM   763 O OD1 . ASN A 1 115 ? 4.815   -6.820  0.054   1.00 80.07  ? 115 ASN A OD1 1 
ATOM   764 N ND2 . ASN A 1 115 ? 2.999   -5.654  0.655   1.00 76.31  ? 115 ASN A ND2 1 
ATOM   765 N N   . GLN A 1 116 ? 7.503   -6.421  -1.565  1.00 73.97  ? 116 GLN A N   1 
ATOM   766 C CA  . GLN A 1 116 ? 7.881   -7.392  -2.559  1.00 77.29  ? 116 GLN A CA  1 
ATOM   767 C C   . GLN A 1 116 ? 6.818   -8.461  -2.819  1.00 73.16  ? 116 GLN A C   1 
ATOM   768 O O   . GLN A 1 116 ? 6.846   -9.070  -3.874  1.00 54.60  ? 116 GLN A O   1 
ATOM   769 C CB  . GLN A 1 116 ? 9.254   -8.009  -2.222  1.00 83.87  ? 116 GLN A CB  1 
ATOM   770 C CG  . GLN A 1 116 ? 10.431  -7.145  -2.696  1.00 79.68  ? 116 GLN A CG  1 
ATOM   771 C CD  . GLN A 1 116 ? 10.342  -6.804  -4.199  1.00 92.97  ? 116 GLN A CD  1 
ATOM   772 O OE1 . GLN A 1 116 ? 10.957  -7.477  -5.028  1.00 106.39 ? 116 GLN A OE1 1 
ATOM   773 N NE2 . GLN A 1 116 ? 9.565   -5.769  -4.550  1.00 76.98  ? 116 GLN A NE2 1 
ATOM   774 N N   . ASN A 1 117 ? 5.885   -8.690  -1.885  1.00 58.38  ? 117 ASN A N   1 
ATOM   775 C CA  . ASN A 1 117 ? 4.869   -9.711  -2.092  1.00 49.13  ? 117 ASN A CA  1 
ATOM   776 C C   . ASN A 1 117 ? 4.204   -9.581  -3.469  1.00 51.39  ? 117 ASN A C   1 
ATOM   777 O O   . ASN A 1 117 ? 4.094   -8.489  -4.044  1.00 50.51  ? 117 ASN A O   1 
ATOM   778 C CB  . ASN A 1 117 ? 3.825   -9.667  -0.996  1.00 58.73  ? 117 ASN A CB  1 
ATOM   779 C CG  . ASN A 1 117 ? 4.380   -10.116 0.334   1.00 68.76  ? 117 ASN A CG  1 
ATOM   780 O OD1 . ASN A 1 117 ? 5.281   -10.940 0.392   1.00 72.04  ? 117 ASN A OD1 1 
ATOM   781 N ND2 . ASN A 1 117 ? 3.835   -9.589  1.414   1.00 79.42  ? 117 ASN A ND2 1 
ATOM   782 N N   . LYS A 1 118 ? 3.843   -10.727 -4.025  1.00 59.42  ? 118 LYS A N   1 
ATOM   783 C CA  . LYS A 1 118 ? 3.090   -10.818 -5.287  1.00 68.02  ? 118 LYS A CA  1 
ATOM   784 C C   . LYS A 1 118 ? 1.594   -10.908 -4.936  1.00 60.33  ? 118 LYS A C   1 
ATOM   785 O O   . LYS A 1 118 ? 1.253   -11.173 -3.769  1.00 54.06  ? 118 LYS A O   1 
ATOM   786 C CB  . LYS A 1 118 ? 3.551   -12.068 -6.077  1.00 57.70  ? 118 LYS A CB  1 
ATOM   787 N N   . THR A 1 119 ? 0.703   -10.688 -5.910  1.00 64.73  ? 119 THR A N   1 
ATOM   788 C CA  . THR A 1 119 ? -0.729  -10.908 -5.661  1.00 63.54  ? 119 THR A CA  1 
ATOM   789 C C   . THR A 1 119 ? -1.019  -12.401 -5.548  1.00 65.67  ? 119 THR A C   1 
ATOM   790 O O   . THR A 1 119 ? -0.105  -13.231 -5.622  1.00 73.34  ? 119 THR A O   1 
ATOM   791 C CB  . THR A 1 119 ? -1.701  -10.220 -6.680  1.00 76.92  ? 119 THR A CB  1 
ATOM   792 O OG1 . THR A 1 119 ? -1.525  -10.774 -7.981  1.00 92.03  ? 119 THR A OG1 1 
ATOM   793 C CG2 . THR A 1 119 ? -1.476  -8.724  -6.743  1.00 82.00  ? 119 THR A CG2 1 
ATOM   794 N N   . VAL A 1 120 ? -2.294  -12.724 -5.356  1.00 70.26  ? 120 VAL A N   1 
ATOM   795 C CA  . VAL A 1 120 ? -2.752  -14.075 -5.046  1.00 77.28  ? 120 VAL A CA  1 
ATOM   796 C C   . VAL A 1 120 ? -2.988  -14.902 -6.336  1.00 96.31  ? 120 VAL A C   1 
ATOM   797 O O   . VAL A 1 120 ? -3.459  -14.350 -7.350  1.00 102.39 ? 120 VAL A O   1 
ATOM   798 C CB  . VAL A 1 120 ? -4.057  -13.993 -4.162  1.00 82.75  ? 120 VAL A CB  1 
ATOM   799 C CG1 . VAL A 1 120 ? -4.758  -15.344 -4.048  1.00 71.76  ? 120 VAL A CG1 1 
ATOM   800 C CG2 . VAL A 1 120 ? -3.770  -13.388 -2.749  1.00 59.37  ? 120 VAL A CG2 1 
ATOM   801 N N   . LYS A 1 121 ? -2.648  -16.203 -6.290  1.00 90.04  ? 121 LYS A N   1 
ATOM   802 C CA  . LYS A 1 121 ? -2.906  -17.153 -7.391  1.00 89.69  ? 121 LYS A CA  1 
ATOM   803 C C   . LYS A 1 121 ? -4.178  -17.986 -7.119  1.00 80.13  ? 121 LYS A C   1 
ATOM   804 O O   . LYS A 1 121 ? -4.546  -18.218 -5.955  1.00 60.45  ? 121 LYS A O   1 
ATOM   805 C CB  . LYS A 1 121 ? -1.677  -18.056 -7.627  1.00 71.09  ? 121 LYS A CB  1 
HETATM 806 O O   . HOH B 2 .   ? -17.907 -19.235 -4.193  1.00 79.38  ? 132 HOH A O   1 
# 
